data_6EQ3
# 
_entry.id   6EQ3 
# 
_audit_conform.dict_name       mmcif_pdbx.dic 
_audit_conform.dict_version    5.391 
_audit_conform.dict_location   http://mmcif.pdb.org/dictionaries/ascii/mmcif_pdbx.dic 
# 
loop_
_database_2.database_id 
_database_2.database_code 
_database_2.pdbx_database_accession 
_database_2.pdbx_DOI 
PDB   6EQ3         pdb_00006eq3 10.2210/pdb6eq3/pdb 
WWPDB D_1200007022 ?            ?                   
# 
loop_
_pdbx_audit_revision_history.ordinal 
_pdbx_audit_revision_history.data_content_type 
_pdbx_audit_revision_history.major_revision 
_pdbx_audit_revision_history.minor_revision 
_pdbx_audit_revision_history.revision_date 
1 'Structure model' 1 0 2018-10-31 
2 'Structure model' 1 1 2019-05-15 
3 'Structure model' 1 2 2019-05-22 
4 'Structure model' 1 3 2024-05-08 
# 
_pdbx_audit_revision_details.ordinal             1 
_pdbx_audit_revision_details.revision_ordinal    1 
_pdbx_audit_revision_details.data_content_type   'Structure model' 
_pdbx_audit_revision_details.provider            repository 
_pdbx_audit_revision_details.type                'Initial release' 
_pdbx_audit_revision_details.description         ? 
_pdbx_audit_revision_details.details             ? 
# 
loop_
_pdbx_audit_revision_group.ordinal 
_pdbx_audit_revision_group.revision_ordinal 
_pdbx_audit_revision_group.data_content_type 
_pdbx_audit_revision_group.group 
1 2 'Structure model' 'Data collection'     
2 2 'Structure model' 'Database references' 
3 3 'Structure model' 'Data collection'     
4 3 'Structure model' 'Database references' 
5 4 'Structure model' 'Data collection'     
6 4 'Structure model' 'Database references' 
# 
loop_
_pdbx_audit_revision_category.ordinal 
_pdbx_audit_revision_category.revision_ordinal 
_pdbx_audit_revision_category.data_content_type 
_pdbx_audit_revision_category.category 
1 2 'Structure model' citation           
2 2 'Structure model' citation_author    
3 2 'Structure model' pdbx_database_proc 
4 3 'Structure model' citation           
5 3 'Structure model' citation_author    
6 3 'Structure model' pdbx_database_proc 
7 4 'Structure model' chem_comp_atom     
8 4 'Structure model' chem_comp_bond     
9 4 'Structure model' database_2         
# 
loop_
_pdbx_audit_revision_item.ordinal 
_pdbx_audit_revision_item.revision_ordinal 
_pdbx_audit_revision_item.data_content_type 
_pdbx_audit_revision_item.item 
1  2 'Structure model' '_citation.country'                   
2  2 'Structure model' '_citation.journal_abbrev'            
3  2 'Structure model' '_citation.journal_id_ASTM'           
4  2 'Structure model' '_citation.journal_id_CSD'            
5  2 'Structure model' '_citation.journal_id_ISSN'           
6  2 'Structure model' '_citation.pdbx_database_id_DOI'      
7  2 'Structure model' '_citation.title'                     
8  2 'Structure model' '_citation.year'                      
9  4 'Structure model' '_database_2.pdbx_DOI'                
10 4 'Structure model' '_database_2.pdbx_database_accession' 
# 
_pdbx_database_status.status_code                     REL 
_pdbx_database_status.status_code_sf                  REL 
_pdbx_database_status.status_code_mr                  ? 
_pdbx_database_status.entry_id                        6EQ3 
_pdbx_database_status.recvd_initial_deposition_date   2017-10-12 
_pdbx_database_status.SG_entry                        N 
_pdbx_database_status.deposit_site                    PDBE 
_pdbx_database_status.process_site                    PDBE 
_pdbx_database_status.status_code_cs                  ? 
_pdbx_database_status.methods_development_category    ? 
_pdbx_database_status.pdb_format_compatible           Y 
_pdbx_database_status.status_code_nmr_data            ? 
# 
loop_
_audit_author.name 
_audit_author.pdbx_ordinal 
_audit_author.identifier_ORCID 
'Wiedmer, L.'  1 ? 
'Sledz, P.'    2 ? 
'Caflisch, A.' 3 ? 
# 
loop_
_citation.abstract 
_citation.abstract_id_CAS 
_citation.book_id_ISBN 
_citation.book_publisher 
_citation.book_publisher_city 
_citation.book_title 
_citation.coordinate_linkage 
_citation.country 
_citation.database_id_Medline 
_citation.details 
_citation.id 
_citation.journal_abbrev 
_citation.journal_id_ASTM 
_citation.journal_id_CSD 
_citation.journal_id_ISSN 
_citation.journal_full 
_citation.journal_issue 
_citation.journal_volume 
_citation.language 
_citation.page_first 
_citation.page_last 
_citation.title 
_citation.year 
_citation.database_id_CSD 
_citation.pdbx_database_id_DOI 
_citation.pdbx_database_id_PubMed 
_citation.unpublished_flag 
? ? ? ? ? ? ? FR ? ? primary Eur.J.Med.Chem. EJMCA5 0493 0223-5234 ? ? 175 ? 107 113 'Ligand retargeting by binding site analogy.' 
2019 ? 10.1016/j.ejmech.2019.04.037 31077996 ? 
? ? ? ? ? ? ? FR ? ? 1       Eur.J.Med.Chem. EJMCA5 0493 0223-5234 ? ? ?   ? ?   ?   'Ligand retargeting by binding site analogy'  
2019 ? 10.101/j.ejmech.2019.04.037  ?        ? 
# 
loop_
_citation_author.citation_id 
_citation_author.name 
_citation_author.ordinal 
_citation_author.identifier_ORCID 
primary 'Wiedmer, L.'        1  ? 
primary 'Scharer, C.'        2  ? 
primary 'Spiliotopoulos, D.' 3  ? 
primary 'Hurzeler, M.'       4  ? 
primary 'Sledz, P.'          5  ? 
primary 'Caflisch, A.'       6  ? 
1       'Wiedmer, L.'        7  ? 
1       'Scharer, C.'        8  ? 
1       'Spiliotopoulos, D.' 9  ? 
1       'Hurzeler, M.'       10 ? 
1       'Sledz, P.'          11 ? 
1       'Caflisch, A.'       12 ? 
# 
loop_
_entity.id 
_entity.type 
_entity.src_method 
_entity.pdbx_description 
_entity.formula_weight 
_entity.pdbx_number_of_molecules 
_entity.pdbx_ec 
_entity.pdbx_mutation 
_entity.pdbx_fragment 
_entity.details 
1 polymer     man '7,8-dihydro-8-oxoguanine triphosphatase'                         21104.928 1   3.6.1.55,3.6.1.56 ? ? ? 
2 non-polymer syn '[2-(1~{H}-pyrrolo[2,3-b]pyridin-4-yl)-1,3-thiazol-4-yl]methanol' 231.274   1   ?                 ? ? ? 
3 non-polymer syn 'SULFATE ION'                                                     96.063    1   ?                 ? ? ? 
4 water       nat water                                                             18.015    191 ?                 ? ? ? 
# 
_entity_name_com.entity_id   1 
_entity_name_com.name        
'2-hydroxy-dATP diphosphatase,8-oxo-dGTPase,Nucleoside diphosphate-linked moiety X motif 1,Nudix motif 1' 
# 
_entity_poly.entity_id                      1 
_entity_poly.type                           'polypeptide(L)' 
_entity_poly.nstd_linkage                   no 
_entity_poly.nstd_monomer                   no 
_entity_poly.pdbx_seq_one_letter_code       
;MKHHHHHHPMSDYDIPTTENLYFQGAMGASRLYTLVLVLQPQRVLLGMKKRGFGAGRWNGFGGKVQEGETIEDGARRELQ
EESGLTVDALHKVGQIVFEFVGEPELMDVHVFCTDSIQGTPVESDEMRPCWFQLDQIPFKDMWPDDSYWFPLLLQKKKFH
GYFKFQGQDTILDYTLREVDTV
;
_entity_poly.pdbx_seq_one_letter_code_can   
;MKHHHHHHPMSDYDIPTTENLYFQGAMGASRLYTLVLVLQPQRVLLGMKKRGFGAGRWNGFGGKVQEGETIEDGARRELQ
EESGLTVDALHKVGQIVFEFVGEPELMDVHVFCTDSIQGTPVESDEMRPCWFQLDQIPFKDMWPDDSYWFPLLLQKKKFH
GYFKFQGQDTILDYTLREVDTV
;
_entity_poly.pdbx_strand_id                 A 
_entity_poly.pdbx_target_identifier         ? 
# 
loop_
_pdbx_entity_nonpoly.entity_id 
_pdbx_entity_nonpoly.name 
_pdbx_entity_nonpoly.comp_id 
2 '[2-(1~{H}-pyrrolo[2,3-b]pyridin-4-yl)-1,3-thiazol-4-yl]methanol' BU5 
3 'SULFATE ION'                                                     SO4 
4 water                                                             HOH 
# 
loop_
_entity_poly_seq.entity_id 
_entity_poly_seq.num 
_entity_poly_seq.mon_id 
_entity_poly_seq.hetero 
1 1   MET n 
1 2   LYS n 
1 3   HIS n 
1 4   HIS n 
1 5   HIS n 
1 6   HIS n 
1 7   HIS n 
1 8   HIS n 
1 9   PRO n 
1 10  MET n 
1 11  SER n 
1 12  ASP n 
1 13  TYR n 
1 14  ASP n 
1 15  ILE n 
1 16  PRO n 
1 17  THR n 
1 18  THR n 
1 19  GLU n 
1 20  ASN n 
1 21  LEU n 
1 22  TYR n 
1 23  PHE n 
1 24  GLN n 
1 25  GLY n 
1 26  ALA n 
1 27  MET n 
1 28  GLY n 
1 29  ALA n 
1 30  SER n 
1 31  ARG n 
1 32  LEU n 
1 33  TYR n 
1 34  THR n 
1 35  LEU n 
1 36  VAL n 
1 37  LEU n 
1 38  VAL n 
1 39  LEU n 
1 40  GLN n 
1 41  PRO n 
1 42  GLN n 
1 43  ARG n 
1 44  VAL n 
1 45  LEU n 
1 46  LEU n 
1 47  GLY n 
1 48  MET n 
1 49  LYS n 
1 50  LYS n 
1 51  ARG n 
1 52  GLY n 
1 53  PHE n 
1 54  GLY n 
1 55  ALA n 
1 56  GLY n 
1 57  ARG n 
1 58  TRP n 
1 59  ASN n 
1 60  GLY n 
1 61  PHE n 
1 62  GLY n 
1 63  GLY n 
1 64  LYS n 
1 65  VAL n 
1 66  GLN n 
1 67  GLU n 
1 68  GLY n 
1 69  GLU n 
1 70  THR n 
1 71  ILE n 
1 72  GLU n 
1 73  ASP n 
1 74  GLY n 
1 75  ALA n 
1 76  ARG n 
1 77  ARG n 
1 78  GLU n 
1 79  LEU n 
1 80  GLN n 
1 81  GLU n 
1 82  GLU n 
1 83  SER n 
1 84  GLY n 
1 85  LEU n 
1 86  THR n 
1 87  VAL n 
1 88  ASP n 
1 89  ALA n 
1 90  LEU n 
1 91  HIS n 
1 92  LYS n 
1 93  VAL n 
1 94  GLY n 
1 95  GLN n 
1 96  ILE n 
1 97  VAL n 
1 98  PHE n 
1 99  GLU n 
1 100 PHE n 
1 101 VAL n 
1 102 GLY n 
1 103 GLU n 
1 104 PRO n 
1 105 GLU n 
1 106 LEU n 
1 107 MET n 
1 108 ASP n 
1 109 VAL n 
1 110 HIS n 
1 111 VAL n 
1 112 PHE n 
1 113 CYS n 
1 114 THR n 
1 115 ASP n 
1 116 SER n 
1 117 ILE n 
1 118 GLN n 
1 119 GLY n 
1 120 THR n 
1 121 PRO n 
1 122 VAL n 
1 123 GLU n 
1 124 SER n 
1 125 ASP n 
1 126 GLU n 
1 127 MET n 
1 128 ARG n 
1 129 PRO n 
1 130 CYS n 
1 131 TRP n 
1 132 PHE n 
1 133 GLN n 
1 134 LEU n 
1 135 ASP n 
1 136 GLN n 
1 137 ILE n 
1 138 PRO n 
1 139 PHE n 
1 140 LYS n 
1 141 ASP n 
1 142 MET n 
1 143 TRP n 
1 144 PRO n 
1 145 ASP n 
1 146 ASP n 
1 147 SER n 
1 148 TYR n 
1 149 TRP n 
1 150 PHE n 
1 151 PRO n 
1 152 LEU n 
1 153 LEU n 
1 154 LEU n 
1 155 GLN n 
1 156 LYS n 
1 157 LYS n 
1 158 LYS n 
1 159 PHE n 
1 160 HIS n 
1 161 GLY n 
1 162 TYR n 
1 163 PHE n 
1 164 LYS n 
1 165 PHE n 
1 166 GLN n 
1 167 GLY n 
1 168 GLN n 
1 169 ASP n 
1 170 THR n 
1 171 ILE n 
1 172 LEU n 
1 173 ASP n 
1 174 TYR n 
1 175 THR n 
1 176 LEU n 
1 177 ARG n 
1 178 GLU n 
1 179 VAL n 
1 180 ASP n 
1 181 THR n 
1 182 VAL n 
# 
_entity_src_gen.entity_id                          1 
_entity_src_gen.pdbx_src_id                        1 
_entity_src_gen.pdbx_alt_source_flag               sample 
_entity_src_gen.pdbx_seq_type                      'Biological sequence' 
_entity_src_gen.pdbx_beg_seq_num                   1 
_entity_src_gen.pdbx_end_seq_num                   182 
_entity_src_gen.gene_src_common_name               Human 
_entity_src_gen.gene_src_genus                     ? 
_entity_src_gen.pdbx_gene_src_gene                 'NUDT1, MTH1' 
_entity_src_gen.gene_src_species                   ? 
_entity_src_gen.gene_src_strain                    ? 
_entity_src_gen.gene_src_tissue                    ? 
_entity_src_gen.gene_src_tissue_fraction           ? 
_entity_src_gen.gene_src_details                   ? 
_entity_src_gen.pdbx_gene_src_fragment             ? 
_entity_src_gen.pdbx_gene_src_scientific_name      'Homo sapiens' 
_entity_src_gen.pdbx_gene_src_ncbi_taxonomy_id     9606 
_entity_src_gen.pdbx_gene_src_variant              ? 
_entity_src_gen.pdbx_gene_src_cell_line            ? 
_entity_src_gen.pdbx_gene_src_atcc                 ? 
_entity_src_gen.pdbx_gene_src_organ                ? 
_entity_src_gen.pdbx_gene_src_organelle            ? 
_entity_src_gen.pdbx_gene_src_cell                 ? 
_entity_src_gen.pdbx_gene_src_cellular_location    ? 
_entity_src_gen.host_org_common_name               ? 
_entity_src_gen.pdbx_host_org_scientific_name      'Escherichia coli BL21(DE3)' 
_entity_src_gen.pdbx_host_org_ncbi_taxonomy_id     469008 
_entity_src_gen.host_org_genus                     ? 
_entity_src_gen.pdbx_host_org_gene                 ? 
_entity_src_gen.pdbx_host_org_organ                ? 
_entity_src_gen.host_org_species                   ? 
_entity_src_gen.pdbx_host_org_tissue               ? 
_entity_src_gen.pdbx_host_org_tissue_fraction      ? 
_entity_src_gen.pdbx_host_org_strain               ? 
_entity_src_gen.pdbx_host_org_variant              ? 
_entity_src_gen.pdbx_host_org_cell_line            ? 
_entity_src_gen.pdbx_host_org_atcc                 ? 
_entity_src_gen.pdbx_host_org_culture_collection   ? 
_entity_src_gen.pdbx_host_org_cell                 ? 
_entity_src_gen.pdbx_host_org_organelle            ? 
_entity_src_gen.pdbx_host_org_cellular_location    ? 
_entity_src_gen.pdbx_host_org_vector_type          ? 
_entity_src_gen.pdbx_host_org_vector               ? 
_entity_src_gen.host_org_details                   ? 
_entity_src_gen.expression_system_id               ? 
_entity_src_gen.plasmid_name                       ? 
_entity_src_gen.plasmid_details                    ? 
_entity_src_gen.pdbx_description                   ? 
# 
loop_
_chem_comp.id 
_chem_comp.type 
_chem_comp.mon_nstd_flag 
_chem_comp.name 
_chem_comp.pdbx_synonyms 
_chem_comp.formula 
_chem_comp.formula_weight 
ALA 'L-peptide linking' y ALANINE                                                           ? 'C3 H7 N O2'     89.093  
ARG 'L-peptide linking' y ARGININE                                                          ? 'C6 H15 N4 O2 1' 175.209 
ASN 'L-peptide linking' y ASPARAGINE                                                        ? 'C4 H8 N2 O3'    132.118 
ASP 'L-peptide linking' y 'ASPARTIC ACID'                                                   ? 'C4 H7 N O4'     133.103 
BU5 non-polymer         . '[2-(1~{H}-pyrrolo[2,3-b]pyridin-4-yl)-1,3-thiazol-4-yl]methanol' ? 'C11 H9 N3 O S'  231.274 
CYS 'L-peptide linking' y CYSTEINE                                                          ? 'C3 H7 N O2 S'   121.158 
GLN 'L-peptide linking' y GLUTAMINE                                                         ? 'C5 H10 N2 O3'   146.144 
GLU 'L-peptide linking' y 'GLUTAMIC ACID'                                                   ? 'C5 H9 N O4'     147.129 
GLY 'peptide linking'   y GLYCINE                                                           ? 'C2 H5 N O2'     75.067  
HIS 'L-peptide linking' y HISTIDINE                                                         ? 'C6 H10 N3 O2 1' 156.162 
HOH non-polymer         . WATER                                                             ? 'H2 O'           18.015  
ILE 'L-peptide linking' y ISOLEUCINE                                                        ? 'C6 H13 N O2'    131.173 
LEU 'L-peptide linking' y LEUCINE                                                           ? 'C6 H13 N O2'    131.173 
LYS 'L-peptide linking' y LYSINE                                                            ? 'C6 H15 N2 O2 1' 147.195 
MET 'L-peptide linking' y METHIONINE                                                        ? 'C5 H11 N O2 S'  149.211 
PHE 'L-peptide linking' y PHENYLALANINE                                                     ? 'C9 H11 N O2'    165.189 
PRO 'L-peptide linking' y PROLINE                                                           ? 'C5 H9 N O2'     115.130 
SER 'L-peptide linking' y SERINE                                                            ? 'C3 H7 N O3'     105.093 
SO4 non-polymer         . 'SULFATE ION'                                                     ? 'O4 S -2'        96.063  
THR 'L-peptide linking' y THREONINE                                                         ? 'C4 H9 N O3'     119.119 
TRP 'L-peptide linking' y TRYPTOPHAN                                                        ? 'C11 H12 N2 O2'  204.225 
TYR 'L-peptide linking' y TYROSINE                                                          ? 'C9 H11 N O3'    181.189 
VAL 'L-peptide linking' y VALINE                                                            ? 'C5 H11 N O2'    117.146 
# 
loop_
_pdbx_poly_seq_scheme.asym_id 
_pdbx_poly_seq_scheme.entity_id 
_pdbx_poly_seq_scheme.seq_id 
_pdbx_poly_seq_scheme.mon_id 
_pdbx_poly_seq_scheme.ndb_seq_num 
_pdbx_poly_seq_scheme.pdb_seq_num 
_pdbx_poly_seq_scheme.auth_seq_num 
_pdbx_poly_seq_scheme.pdb_mon_id 
_pdbx_poly_seq_scheme.auth_mon_id 
_pdbx_poly_seq_scheme.pdb_strand_id 
_pdbx_poly_seq_scheme.pdb_ins_code 
_pdbx_poly_seq_scheme.hetero 
A 1 1   MET 1   -25 ?   ?   ?   A . n 
A 1 2   LYS 2   -24 ?   ?   ?   A . n 
A 1 3   HIS 3   -23 ?   ?   ?   A . n 
A 1 4   HIS 4   -22 ?   ?   ?   A . n 
A 1 5   HIS 5   -21 ?   ?   ?   A . n 
A 1 6   HIS 6   -20 ?   ?   ?   A . n 
A 1 7   HIS 7   -19 ?   ?   ?   A . n 
A 1 8   HIS 8   -18 ?   ?   ?   A . n 
A 1 9   PRO 9   -17 ?   ?   ?   A . n 
A 1 10  MET 10  -16 ?   ?   ?   A . n 
A 1 11  SER 11  -15 ?   ?   ?   A . n 
A 1 12  ASP 12  -14 ?   ?   ?   A . n 
A 1 13  TYR 13  -13 ?   ?   ?   A . n 
A 1 14  ASP 14  -12 ?   ?   ?   A . n 
A 1 15  ILE 15  -11 ?   ?   ?   A . n 
A 1 16  PRO 16  -10 ?   ?   ?   A . n 
A 1 17  THR 17  -9  ?   ?   ?   A . n 
A 1 18  THR 18  -8  ?   ?   ?   A . n 
A 1 19  GLU 19  -7  ?   ?   ?   A . n 
A 1 20  ASN 20  -6  ?   ?   ?   A . n 
A 1 21  LEU 21  -5  ?   ?   ?   A . n 
A 1 22  TYR 22  -4  ?   ?   ?   A . n 
A 1 23  PHE 23  -3  ?   ?   ?   A . n 
A 1 24  GLN 24  -2  ?   ?   ?   A . n 
A 1 25  GLY 25  -1  ?   ?   ?   A . n 
A 1 26  ALA 26  0   ?   ?   ?   A . n 
A 1 27  MET 27  1   ?   ?   ?   A . n 
A 1 28  GLY 28  2   ?   ?   ?   A . n 
A 1 29  ALA 29  3   3   ALA ALA A . n 
A 1 30  SER 30  4   4   SER SER A . n 
A 1 31  ARG 31  5   5   ARG ARG A . n 
A 1 32  LEU 32  6   6   LEU LEU A . n 
A 1 33  TYR 33  7   7   TYR TYR A . n 
A 1 34  THR 34  8   8   THR THR A . n 
A 1 35  LEU 35  9   9   LEU LEU A . n 
A 1 36  VAL 36  10  10  VAL VAL A . n 
A 1 37  LEU 37  11  11  LEU LEU A . n 
A 1 38  VAL 38  12  12  VAL VAL A . n 
A 1 39  LEU 39  13  13  LEU LEU A . n 
A 1 40  GLN 40  14  14  GLN GLN A . n 
A 1 41  PRO 41  15  15  PRO PRO A . n 
A 1 42  GLN 42  16  16  GLN GLN A . n 
A 1 43  ARG 43  17  17  ARG ARG A . n 
A 1 44  VAL 44  18  18  VAL VAL A . n 
A 1 45  LEU 45  19  19  LEU LEU A . n 
A 1 46  LEU 46  20  20  LEU LEU A . n 
A 1 47  GLY 47  21  21  GLY GLY A . n 
A 1 48  MET 48  22  22  MET MET A . n 
A 1 49  LYS 49  23  23  LYS LYS A . n 
A 1 50  LYS 50  24  24  LYS LYS A . n 
A 1 51  ARG 51  25  25  ARG ARG A . n 
A 1 52  GLY 52  26  26  GLY GLY A . n 
A 1 53  PHE 53  27  27  PHE PHE A . n 
A 1 54  GLY 54  28  28  GLY GLY A . n 
A 1 55  ALA 55  29  29  ALA ALA A . n 
A 1 56  GLY 56  30  30  GLY GLY A . n 
A 1 57  ARG 57  31  31  ARG ARG A . n 
A 1 58  TRP 58  32  32  TRP TRP A . n 
A 1 59  ASN 59  33  33  ASN ASN A . n 
A 1 60  GLY 60  34  34  GLY GLY A . n 
A 1 61  PHE 61  35  35  PHE PHE A . n 
A 1 62  GLY 62  36  36  GLY GLY A . n 
A 1 63  GLY 63  37  37  GLY GLY A . n 
A 1 64  LYS 64  38  38  LYS LYS A . n 
A 1 65  VAL 65  39  39  VAL VAL A . n 
A 1 66  GLN 66  40  40  GLN GLN A . n 
A 1 67  GLU 67  41  41  GLU GLU A . n 
A 1 68  GLY 68  42  42  GLY GLY A . n 
A 1 69  GLU 69  43  43  GLU GLU A . n 
A 1 70  THR 70  44  44  THR THR A . n 
A 1 71  ILE 71  45  45  ILE ILE A . n 
A 1 72  GLU 72  46  46  GLU GLU A . n 
A 1 73  ASP 73  47  47  ASP ASP A . n 
A 1 74  GLY 74  48  48  GLY GLY A . n 
A 1 75  ALA 75  49  49  ALA ALA A . n 
A 1 76  ARG 76  50  50  ARG ARG A . n 
A 1 77  ARG 77  51  51  ARG ARG A . n 
A 1 78  GLU 78  52  52  GLU GLU A . n 
A 1 79  LEU 79  53  53  LEU LEU A . n 
A 1 80  GLN 80  54  54  GLN GLN A . n 
A 1 81  GLU 81  55  55  GLU GLU A . n 
A 1 82  GLU 82  56  56  GLU GLU A . n 
A 1 83  SER 83  57  57  SER SER A . n 
A 1 84  GLY 84  58  58  GLY GLY A . n 
A 1 85  LEU 85  59  59  LEU LEU A . n 
A 1 86  THR 86  60  60  THR THR A . n 
A 1 87  VAL 87  61  61  VAL VAL A . n 
A 1 88  ASP 88  62  62  ASP ASP A . n 
A 1 89  ALA 89  63  63  ALA ALA A . n 
A 1 90  LEU 90  64  64  LEU LEU A . n 
A 1 91  HIS 91  65  65  HIS HIS A . n 
A 1 92  LYS 92  66  66  LYS LYS A . n 
A 1 93  VAL 93  67  67  VAL VAL A . n 
A 1 94  GLY 94  68  68  GLY GLY A . n 
A 1 95  GLN 95  69  69  GLN GLN A . n 
A 1 96  ILE 96  70  70  ILE ILE A . n 
A 1 97  VAL 97  71  71  VAL VAL A . n 
A 1 98  PHE 98  72  72  PHE PHE A . n 
A 1 99  GLU 99  73  73  GLU GLU A . n 
A 1 100 PHE 100 74  74  PHE PHE A . n 
A 1 101 VAL 101 75  75  VAL VAL A . n 
A 1 102 GLY 102 76  76  GLY GLY A . n 
A 1 103 GLU 103 77  77  GLU GLU A . n 
A 1 104 PRO 104 78  78  PRO PRO A . n 
A 1 105 GLU 105 79  79  GLU GLU A . n 
A 1 106 LEU 106 80  80  LEU LEU A . n 
A 1 107 MET 107 81  81  MET MET A . n 
A 1 108 ASP 108 82  82  ASP ASP A . n 
A 1 109 VAL 109 83  83  VAL VAL A . n 
A 1 110 HIS 110 84  84  HIS HIS A . n 
A 1 111 VAL 111 85  85  VAL VAL A . n 
A 1 112 PHE 112 86  86  PHE PHE A . n 
A 1 113 CYS 113 87  87  CYS CYS A . n 
A 1 114 THR 114 88  88  THR THR A . n 
A 1 115 ASP 115 89  89  ASP ASP A . n 
A 1 116 SER 116 90  90  SER SER A . n 
A 1 117 ILE 117 91  91  ILE ILE A . n 
A 1 118 GLN 118 92  92  GLN GLN A . n 
A 1 119 GLY 119 93  93  GLY GLY A . n 
A 1 120 THR 120 94  94  THR THR A . n 
A 1 121 PRO 121 95  95  PRO PRO A . n 
A 1 122 VAL 122 96  96  VAL VAL A . n 
A 1 123 GLU 123 97  97  GLU GLU A . n 
A 1 124 SER 124 98  98  SER SER A . n 
A 1 125 ASP 125 99  99  ASP ASP A . n 
A 1 126 GLU 126 100 100 GLU GLU A . n 
A 1 127 MET 127 101 101 MET MET A . n 
A 1 128 ARG 128 102 102 ARG ARG A . n 
A 1 129 PRO 129 103 103 PRO PRO A . n 
A 1 130 CYS 130 104 104 CYS CYS A . n 
A 1 131 TRP 131 105 105 TRP TRP A . n 
A 1 132 PHE 132 106 106 PHE PHE A . n 
A 1 133 GLN 133 107 107 GLN GLN A . n 
A 1 134 LEU 134 108 108 LEU LEU A . n 
A 1 135 ASP 135 109 109 ASP ASP A . n 
A 1 136 GLN 136 110 110 GLN GLN A . n 
A 1 137 ILE 137 111 111 ILE ILE A . n 
A 1 138 PRO 138 112 112 PRO PRO A . n 
A 1 139 PHE 139 113 113 PHE PHE A . n 
A 1 140 LYS 140 114 114 LYS LYS A . n 
A 1 141 ASP 141 115 115 ASP ASP A . n 
A 1 142 MET 142 116 116 MET MET A . n 
A 1 143 TRP 143 117 117 TRP TRP A . n 
A 1 144 PRO 144 118 118 PRO PRO A . n 
A 1 145 ASP 145 119 119 ASP ASP A . n 
A 1 146 ASP 146 120 120 ASP ASP A . n 
A 1 147 SER 147 121 121 SER SER A . n 
A 1 148 TYR 148 122 122 TYR TYR A . n 
A 1 149 TRP 149 123 123 TRP TRP A . n 
A 1 150 PHE 150 124 124 PHE PHE A . n 
A 1 151 PRO 151 125 125 PRO PRO A . n 
A 1 152 LEU 152 126 126 LEU LEU A . n 
A 1 153 LEU 153 127 127 LEU LEU A . n 
A 1 154 LEU 154 128 128 LEU LEU A . n 
A 1 155 GLN 155 129 129 GLN GLN A . n 
A 1 156 LYS 156 130 130 LYS LYS A . n 
A 1 157 LYS 157 131 131 LYS LYS A . n 
A 1 158 LYS 158 132 132 LYS LYS A . n 
A 1 159 PHE 159 133 133 PHE PHE A . n 
A 1 160 HIS 160 134 134 HIS HIS A . n 
A 1 161 GLY 161 135 135 GLY GLY A . n 
A 1 162 TYR 162 136 136 TYR TYR A . n 
A 1 163 PHE 163 137 137 PHE PHE A . n 
A 1 164 LYS 164 138 138 LYS LYS A . n 
A 1 165 PHE 165 139 139 PHE PHE A . n 
A 1 166 GLN 166 140 140 GLN GLN A . n 
A 1 167 GLY 167 141 141 GLY GLY A . n 
A 1 168 GLN 168 142 142 GLN GLN A . n 
A 1 169 ASP 169 143 143 ASP ASP A . n 
A 1 170 THR 170 144 144 THR THR A . n 
A 1 171 ILE 171 145 145 ILE ILE A . n 
A 1 172 LEU 172 146 146 LEU LEU A . n 
A 1 173 ASP 173 147 147 ASP ASP A . n 
A 1 174 TYR 174 148 148 TYR TYR A . n 
A 1 175 THR 175 149 149 THR THR A . n 
A 1 176 LEU 176 150 150 LEU LEU A . n 
A 1 177 ARG 177 151 151 ARG ARG A . n 
A 1 178 GLU 178 152 152 GLU GLU A . n 
A 1 179 VAL 179 153 153 VAL VAL A . n 
A 1 180 ASP 180 154 154 ASP ASP A . n 
A 1 181 THR 181 155 155 THR THR A . n 
A 1 182 VAL 182 156 156 VAL VAL A . n 
# 
loop_
_pdbx_nonpoly_scheme.asym_id 
_pdbx_nonpoly_scheme.entity_id 
_pdbx_nonpoly_scheme.mon_id 
_pdbx_nonpoly_scheme.ndb_seq_num 
_pdbx_nonpoly_scheme.pdb_seq_num 
_pdbx_nonpoly_scheme.auth_seq_num 
_pdbx_nonpoly_scheme.pdb_mon_id 
_pdbx_nonpoly_scheme.auth_mon_id 
_pdbx_nonpoly_scheme.pdb_strand_id 
_pdbx_nonpoly_scheme.pdb_ins_code 
B 2 BU5 1   201 1   BU5 LIG A . 
C 3 SO4 1   202 1   SO4 SO4 A . 
D 4 HOH 1   301 125 HOH HOH A . 
D 4 HOH 2   302 181 HOH HOH A . 
D 4 HOH 3   303 156 HOH HOH A . 
D 4 HOH 4   304 137 HOH HOH A . 
D 4 HOH 5   305 139 HOH HOH A . 
D 4 HOH 6   306 188 HOH HOH A . 
D 4 HOH 7   307 119 HOH HOH A . 
D 4 HOH 8   308 141 HOH HOH A . 
D 4 HOH 9   309 140 HOH HOH A . 
D 4 HOH 10  310 189 HOH HOH A . 
D 4 HOH 11  311 14  HOH HOH A . 
D 4 HOH 12  312 168 HOH HOH A . 
D 4 HOH 13  313 134 HOH HOH A . 
D 4 HOH 14  314 131 HOH HOH A . 
D 4 HOH 15  315 20  HOH HOH A . 
D 4 HOH 16  316 157 HOH HOH A . 
D 4 HOH 17  317 50  HOH HOH A . 
D 4 HOH 18  318 72  HOH HOH A . 
D 4 HOH 19  319 155 HOH HOH A . 
D 4 HOH 20  320 175 HOH HOH A . 
D 4 HOH 21  321 64  HOH HOH A . 
D 4 HOH 22  322 45  HOH HOH A . 
D 4 HOH 23  323 179 HOH HOH A . 
D 4 HOH 24  324 1   HOH HOH A . 
D 4 HOH 25  325 11  HOH HOH A . 
D 4 HOH 26  326 116 HOH HOH A . 
D 4 HOH 27  327 78  HOH HOH A . 
D 4 HOH 28  328 8   HOH HOH A . 
D 4 HOH 29  329 32  HOH HOH A . 
D 4 HOH 30  330 38  HOH HOH A . 
D 4 HOH 31  331 129 HOH HOH A . 
D 4 HOH 32  332 73  HOH HOH A . 
D 4 HOH 33  333 182 HOH HOH A . 
D 4 HOH 34  334 57  HOH HOH A . 
D 4 HOH 35  335 97  HOH HOH A . 
D 4 HOH 36  336 37  HOH HOH A . 
D 4 HOH 37  337 118 HOH HOH A . 
D 4 HOH 38  338 36  HOH HOH A . 
D 4 HOH 39  339 183 HOH HOH A . 
D 4 HOH 40  340 110 HOH HOH A . 
D 4 HOH 41  341 12  HOH HOH A . 
D 4 HOH 42  342 7   HOH HOH A . 
D 4 HOH 43  343 39  HOH HOH A . 
D 4 HOH 44  344 4   HOH HOH A . 
D 4 HOH 45  345 153 HOH HOH A . 
D 4 HOH 46  346 122 HOH HOH A . 
D 4 HOH 47  347 34  HOH HOH A . 
D 4 HOH 48  348 26  HOH HOH A . 
D 4 HOH 49  349 62  HOH HOH A . 
D 4 HOH 50  350 6   HOH HOH A . 
D 4 HOH 51  351 29  HOH HOH A . 
D 4 HOH 52  352 19  HOH HOH A . 
D 4 HOH 53  353 127 HOH HOH A . 
D 4 HOH 54  354 88  HOH HOH A . 
D 4 HOH 55  355 22  HOH HOH A . 
D 4 HOH 56  356 128 HOH HOH A . 
D 4 HOH 57  357 93  HOH HOH A . 
D 4 HOH 58  358 83  HOH HOH A . 
D 4 HOH 59  359 69  HOH HOH A . 
D 4 HOH 60  360 133 HOH HOH A . 
D 4 HOH 61  361 158 HOH HOH A . 
D 4 HOH 62  362 174 HOH HOH A . 
D 4 HOH 63  363 55  HOH HOH A . 
D 4 HOH 64  364 114 HOH HOH A . 
D 4 HOH 65  365 21  HOH HOH A . 
D 4 HOH 66  366 24  HOH HOH A . 
D 4 HOH 67  367 112 HOH HOH A . 
D 4 HOH 68  368 77  HOH HOH A . 
D 4 HOH 69  369 27  HOH HOH A . 
D 4 HOH 70  370 149 HOH HOH A . 
D 4 HOH 71  371 80  HOH HOH A . 
D 4 HOH 72  372 71  HOH HOH A . 
D 4 HOH 73  373 92  HOH HOH A . 
D 4 HOH 74  374 130 HOH HOH A . 
D 4 HOH 75  375 31  HOH HOH A . 
D 4 HOH 76  376 96  HOH HOH A . 
D 4 HOH 77  377 61  HOH HOH A . 
D 4 HOH 78  378 17  HOH HOH A . 
D 4 HOH 79  379 30  HOH HOH A . 
D 4 HOH 80  380 51  HOH HOH A . 
D 4 HOH 81  381 48  HOH HOH A . 
D 4 HOH 82  382 160 HOH HOH A . 
D 4 HOH 83  383 16  HOH HOH A . 
D 4 HOH 84  384 89  HOH HOH A . 
D 4 HOH 85  385 111 HOH HOH A . 
D 4 HOH 86  386 142 HOH HOH A . 
D 4 HOH 87  387 23  HOH HOH A . 
D 4 HOH 88  388 176 HOH HOH A . 
D 4 HOH 89  389 68  HOH HOH A . 
D 4 HOH 90  390 3   HOH HOH A . 
D 4 HOH 91  391 63  HOH HOH A . 
D 4 HOH 92  392 185 HOH HOH A . 
D 4 HOH 93  393 5   HOH HOH A . 
D 4 HOH 94  394 70  HOH HOH A . 
D 4 HOH 95  395 15  HOH HOH A . 
D 4 HOH 96  396 54  HOH HOH A . 
D 4 HOH 97  397 28  HOH HOH A . 
D 4 HOH 98  398 95  HOH HOH A . 
D 4 HOH 99  399 41  HOH HOH A . 
D 4 HOH 100 400 52  HOH HOH A . 
D 4 HOH 101 401 13  HOH HOH A . 
D 4 HOH 102 402 152 HOH HOH A . 
D 4 HOH 103 403 53  HOH HOH A . 
D 4 HOH 104 404 144 HOH HOH A . 
D 4 HOH 105 405 9   HOH HOH A . 
D 4 HOH 106 406 85  HOH HOH A . 
D 4 HOH 107 407 46  HOH HOH A . 
D 4 HOH 108 408 170 HOH HOH A . 
D 4 HOH 109 409 120 HOH HOH A . 
D 4 HOH 110 410 148 HOH HOH A . 
D 4 HOH 111 411 75  HOH HOH A . 
D 4 HOH 112 412 18  HOH HOH A . 
D 4 HOH 113 413 65  HOH HOH A . 
D 4 HOH 114 414 162 HOH HOH A . 
D 4 HOH 115 415 2   HOH HOH A . 
D 4 HOH 116 416 138 HOH HOH A . 
D 4 HOH 117 417 184 HOH HOH A . 
D 4 HOH 118 418 91  HOH HOH A . 
D 4 HOH 119 419 33  HOH HOH A . 
D 4 HOH 120 420 10  HOH HOH A . 
D 4 HOH 121 421 107 HOH HOH A . 
D 4 HOH 122 422 147 HOH HOH A . 
D 4 HOH 123 423 40  HOH HOH A . 
D 4 HOH 124 424 25  HOH HOH A . 
D 4 HOH 125 425 49  HOH HOH A . 
D 4 HOH 126 426 76  HOH HOH A . 
D 4 HOH 127 427 146 HOH HOH A . 
D 4 HOH 128 428 98  HOH HOH A . 
D 4 HOH 129 429 59  HOH HOH A . 
D 4 HOH 130 430 143 HOH HOH A . 
D 4 HOH 131 431 172 HOH HOH A . 
D 4 HOH 132 432 173 HOH HOH A . 
D 4 HOH 133 433 58  HOH HOH A . 
D 4 HOH 134 434 186 HOH HOH A . 
D 4 HOH 135 435 169 HOH HOH A . 
D 4 HOH 136 436 177 HOH HOH A . 
D 4 HOH 137 437 82  HOH HOH A . 
D 4 HOH 138 438 67  HOH HOH A . 
D 4 HOH 139 439 56  HOH HOH A . 
D 4 HOH 140 440 154 HOH HOH A . 
D 4 HOH 141 441 35  HOH HOH A . 
D 4 HOH 142 442 102 HOH HOH A . 
D 4 HOH 143 443 159 HOH HOH A . 
D 4 HOH 144 444 166 HOH HOH A . 
D 4 HOH 145 445 167 HOH HOH A . 
D 4 HOH 146 446 151 HOH HOH A . 
D 4 HOH 147 447 79  HOH HOH A . 
D 4 HOH 148 448 180 HOH HOH A . 
D 4 HOH 149 449 190 HOH HOH A . 
D 4 HOH 150 450 150 HOH HOH A . 
D 4 HOH 151 451 163 HOH HOH A . 
D 4 HOH 152 452 86  HOH HOH A . 
D 4 HOH 153 453 126 HOH HOH A . 
D 4 HOH 154 454 124 HOH HOH A . 
D 4 HOH 155 455 165 HOH HOH A . 
D 4 HOH 156 456 145 HOH HOH A . 
D 4 HOH 157 457 101 HOH HOH A . 
D 4 HOH 158 458 44  HOH HOH A . 
D 4 HOH 159 459 164 HOH HOH A . 
D 4 HOH 160 460 187 HOH HOH A . 
D 4 HOH 161 461 191 HOH HOH A . 
D 4 HOH 162 462 115 HOH HOH A . 
D 4 HOH 163 463 132 HOH HOH A . 
D 4 HOH 164 464 42  HOH HOH A . 
D 4 HOH 165 465 178 HOH HOH A . 
D 4 HOH 166 466 171 HOH HOH A . 
D 4 HOH 167 467 135 HOH HOH A . 
D 4 HOH 168 468 117 HOH HOH A . 
D 4 HOH 169 469 60  HOH HOH A . 
D 4 HOH 170 470 105 HOH HOH A . 
D 4 HOH 171 471 87  HOH HOH A . 
D 4 HOH 172 472 136 HOH HOH A . 
D 4 HOH 173 473 113 HOH HOH A . 
D 4 HOH 174 474 66  HOH HOH A . 
D 4 HOH 175 475 161 HOH HOH A . 
D 4 HOH 176 476 90  HOH HOH A . 
D 4 HOH 177 477 109 HOH HOH A . 
D 4 HOH 178 478 123 HOH HOH A . 
D 4 HOH 179 479 103 HOH HOH A . 
D 4 HOH 180 480 100 HOH HOH A . 
D 4 HOH 181 481 104 HOH HOH A . 
D 4 HOH 182 482 47  HOH HOH A . 
D 4 HOH 183 483 121 HOH HOH A . 
D 4 HOH 184 484 81  HOH HOH A . 
D 4 HOH 185 485 43  HOH HOH A . 
D 4 HOH 186 486 108 HOH HOH A . 
D 4 HOH 187 487 74  HOH HOH A . 
D 4 HOH 188 488 94  HOH HOH A . 
D 4 HOH 189 489 99  HOH HOH A . 
D 4 HOH 190 490 84  HOH HOH A . 
D 4 HOH 191 491 106 HOH HOH A . 
# 
loop_
_pdbx_unobs_or_zero_occ_atoms.id 
_pdbx_unobs_or_zero_occ_atoms.PDB_model_num 
_pdbx_unobs_or_zero_occ_atoms.polymer_flag 
_pdbx_unobs_or_zero_occ_atoms.occupancy_flag 
_pdbx_unobs_or_zero_occ_atoms.auth_asym_id 
_pdbx_unobs_or_zero_occ_atoms.auth_comp_id 
_pdbx_unobs_or_zero_occ_atoms.auth_seq_id 
_pdbx_unobs_or_zero_occ_atoms.PDB_ins_code 
_pdbx_unobs_or_zero_occ_atoms.auth_atom_id 
_pdbx_unobs_or_zero_occ_atoms.label_alt_id 
_pdbx_unobs_or_zero_occ_atoms.label_asym_id 
_pdbx_unobs_or_zero_occ_atoms.label_comp_id 
_pdbx_unobs_or_zero_occ_atoms.label_seq_id 
_pdbx_unobs_or_zero_occ_atoms.label_atom_id 
1  1 Y 1 A GLN 16  ? NE2 ? A GLN 42  NE2 
2  1 Y 1 A ASP 62  ? CG  ? A ASP 88  CG  
3  1 Y 1 A ASP 62  ? OD1 ? A ASP 88  OD1 
4  1 Y 1 A ASP 62  ? OD2 ? A ASP 88  OD2 
5  1 Y 1 A LYS 66  ? NZ  ? A LYS 92  NZ  
6  1 Y 1 A GLU 100 ? CG  ? A GLU 126 CG  
7  1 Y 1 A GLU 100 ? CD  ? A GLU 126 CD  
8  1 Y 1 A GLU 100 ? OE1 ? A GLU 126 OE1 
9  1 Y 1 A GLU 100 ? OE2 ? A GLU 126 OE2 
10 1 Y 1 A ASP 109 ? CG  ? A ASP 135 CG  
11 1 Y 1 A ASP 109 ? OD1 ? A ASP 135 OD1 
12 1 Y 1 A ASP 109 ? OD2 ? A ASP 135 OD2 
13 1 Y 1 A LYS 114 ? CG  ? A LYS 140 CG  
14 1 Y 1 A LYS 114 ? CD  ? A LYS 140 CD  
15 1 Y 1 A LYS 114 ? CE  ? A LYS 140 CE  
16 1 Y 1 A LYS 114 ? NZ  ? A LYS 140 NZ  
17 1 Y 1 A LYS 130 ? CD  ? A LYS 156 CD  
18 1 Y 1 A LYS 130 ? CE  ? A LYS 156 CE  
19 1 Y 1 A LYS 130 ? NZ  ? A LYS 156 NZ  
# 
loop_
_software.citation_id 
_software.classification 
_software.compiler_name 
_software.compiler_version 
_software.contact_author 
_software.contact_author_email 
_software.date 
_software.description 
_software.dependencies 
_software.hardware 
_software.language 
_software.location 
_software.mods 
_software.name 
_software.os 
_software.os_version 
_software.type 
_software.version 
_software.pdbx_ordinal 
? refinement       ? ? ? ? ? ? ? ? ? ? ? PHENIX ? ? ? . 1 
? 'data reduction' ? ? ? ? ? ? ? ? ? ? ? XDS    ? ? ? . 2 
? phasing          ? ? ? ? ? ? ? ? ? ? ? PHASER ? ? ? . 3 
# 
_cell.angle_alpha                  90.00 
_cell.angle_alpha_esd              ? 
_cell.angle_beta                   90.00 
_cell.angle_beta_esd               ? 
_cell.angle_gamma                  90.00 
_cell.angle_gamma_esd              ? 
_cell.entry_id                     6EQ3 
_cell.details                      ? 
_cell.formula_units_Z              ? 
_cell.length_a                     60.753 
_cell.length_a_esd                 ? 
_cell.length_b                     65.968 
_cell.length_b_esd                 ? 
_cell.length_c                     36.199 
_cell.length_c_esd                 ? 
_cell.volume                       ? 
_cell.volume_esd                   ? 
_cell.Z_PDB                        4 
_cell.reciprocal_angle_alpha       ? 
_cell.reciprocal_angle_beta        ? 
_cell.reciprocal_angle_gamma       ? 
_cell.reciprocal_angle_alpha_esd   ? 
_cell.reciprocal_angle_beta_esd    ? 
_cell.reciprocal_angle_gamma_esd   ? 
_cell.reciprocal_length_a          ? 
_cell.reciprocal_length_b          ? 
_cell.reciprocal_length_c          ? 
_cell.reciprocal_length_a_esd      ? 
_cell.reciprocal_length_b_esd      ? 
_cell.reciprocal_length_c_esd      ? 
_cell.pdbx_unique_axis             ? 
# 
_symmetry.entry_id                         6EQ3 
_symmetry.cell_setting                     ? 
_symmetry.Int_Tables_number                18 
_symmetry.space_group_name_Hall            ? 
_symmetry.space_group_name_H-M             'P 21 21 2' 
_symmetry.pdbx_full_space_group_name_H-M   ? 
# 
_exptl.absorpt_coefficient_mu     ? 
_exptl.absorpt_correction_T_max   ? 
_exptl.absorpt_correction_T_min   ? 
_exptl.absorpt_correction_type    ? 
_exptl.absorpt_process_details    ? 
_exptl.entry_id                   6EQ3 
_exptl.crystals_number            1 
_exptl.details                    ? 
_exptl.method                     'X-RAY DIFFRACTION' 
_exptl.method_details             ? 
# 
_exptl_crystal.colour                      ? 
_exptl_crystal.density_diffrn              ? 
_exptl_crystal.density_Matthews            ? 
_exptl_crystal.density_method              ? 
_exptl_crystal.density_percent_sol         ? 
_exptl_crystal.description                 ? 
_exptl_crystal.F_000                       ? 
_exptl_crystal.id                          1 
_exptl_crystal.preparation                 ? 
_exptl_crystal.size_max                    ? 
_exptl_crystal.size_mid                    ? 
_exptl_crystal.size_min                    ? 
_exptl_crystal.size_rad                    ? 
_exptl_crystal.colour_lustre               ? 
_exptl_crystal.colour_modifier             ? 
_exptl_crystal.colour_primary              ? 
_exptl_crystal.density_meas                ? 
_exptl_crystal.density_meas_esd            ? 
_exptl_crystal.density_meas_gt             ? 
_exptl_crystal.density_meas_lt             ? 
_exptl_crystal.density_meas_temp           ? 
_exptl_crystal.density_meas_temp_esd       ? 
_exptl_crystal.density_meas_temp_gt        ? 
_exptl_crystal.density_meas_temp_lt        ? 
_exptl_crystal.pdbx_crystal_image_url      ? 
_exptl_crystal.pdbx_crystal_image_format   ? 
_exptl_crystal.pdbx_mosaicity              ? 
_exptl_crystal.pdbx_mosaicity_esd          ? 
# 
_exptl_crystal_grow.apparatus       ? 
_exptl_crystal_grow.atmosphere      ? 
_exptl_crystal_grow.crystal_id      1 
_exptl_crystal_grow.details         ? 
_exptl_crystal_grow.method          'VAPOR DIFFUSION, HANGING DROP' 
_exptl_crystal_grow.method_ref      ? 
_exptl_crystal_grow.pH              4.5 
_exptl_crystal_grow.pressure        ? 
_exptl_crystal_grow.pressure_esd    ? 
_exptl_crystal_grow.seeding         ? 
_exptl_crystal_grow.seeding_ref     ? 
_exptl_crystal_grow.temp            293 
_exptl_crystal_grow.temp_details    ? 
_exptl_crystal_grow.temp_esd        ? 
_exptl_crystal_grow.time            ? 
_exptl_crystal_grow.pdbx_details    '23 % PEG3350, 0.2 M LI2SO4, 0.1 M SODIUM ACETATE PH 4.5' 
_exptl_crystal_grow.pdbx_pH_range   ? 
# 
_diffrn.ambient_environment    ? 
_diffrn.ambient_temp           100 
_diffrn.ambient_temp_details   ? 
_diffrn.ambient_temp_esd       ? 
_diffrn.crystal_id             1 
_diffrn.crystal_support        ? 
_diffrn.crystal_treatment      ? 
_diffrn.details                ? 
_diffrn.id                     1 
_diffrn.ambient_pressure       ? 
_diffrn.ambient_pressure_esd   ? 
_diffrn.ambient_pressure_gt    ? 
_diffrn.ambient_pressure_lt    ? 
_diffrn.ambient_temp_gt        ? 
_diffrn.ambient_temp_lt        ? 
# 
_diffrn_detector.details                      ? 
_diffrn_detector.detector                     PIXEL 
_diffrn_detector.diffrn_id                    1 
_diffrn_detector.type                         'DECTRIS EIGER X 16M' 
_diffrn_detector.area_resol_mean              ? 
_diffrn_detector.dtime                        ? 
_diffrn_detector.pdbx_frames_total            ? 
_diffrn_detector.pdbx_collection_time_total   ? 
_diffrn_detector.pdbx_collection_date         2017-05-12 
# 
_diffrn_radiation.collimation                      ? 
_diffrn_radiation.diffrn_id                        1 
_diffrn_radiation.filter_edge                      ? 
_diffrn_radiation.inhomogeneity                    ? 
_diffrn_radiation.monochromator                    ? 
_diffrn_radiation.polarisn_norm                    ? 
_diffrn_radiation.polarisn_ratio                   ? 
_diffrn_radiation.probe                            ? 
_diffrn_radiation.type                             ? 
_diffrn_radiation.xray_symbol                      ? 
_diffrn_radiation.wavelength_id                    1 
_diffrn_radiation.pdbx_monochromatic_or_laue_m_l   M 
_diffrn_radiation.pdbx_wavelength_list             ? 
_diffrn_radiation.pdbx_wavelength                  ? 
_diffrn_radiation.pdbx_diffrn_protocol             'SINGLE WAVELENGTH' 
_diffrn_radiation.pdbx_analyzer                    ? 
_diffrn_radiation.pdbx_scattering_type             x-ray 
# 
_diffrn_radiation_wavelength.id           1 
_diffrn_radiation_wavelength.wavelength   1 
_diffrn_radiation_wavelength.wt           1.0 
# 
_diffrn_source.current                     ? 
_diffrn_source.details                     ? 
_diffrn_source.diffrn_id                   1 
_diffrn_source.power                       ? 
_diffrn_source.size                        ? 
_diffrn_source.source                      SYNCHROTRON 
_diffrn_source.target                      ? 
_diffrn_source.type                        'SLS BEAMLINE X06SA' 
_diffrn_source.voltage                     ? 
_diffrn_source.take-off_angle              ? 
_diffrn_source.pdbx_wavelength_list        1 
_diffrn_source.pdbx_wavelength             ? 
_diffrn_source.pdbx_synchrotron_beamline   X06SA 
_diffrn_source.pdbx_synchrotron_site       SLS 
# 
_reflns.B_iso_Wilson_estimate            ? 
_reflns.entry_id                         6EQ3 
_reflns.data_reduction_details           ? 
_reflns.data_reduction_method            ? 
_reflns.d_resolution_high                1.8 
_reflns.d_resolution_low                 50.0 
_reflns.details                          ? 
_reflns.limit_h_max                      ? 
_reflns.limit_h_min                      ? 
_reflns.limit_k_max                      ? 
_reflns.limit_k_min                      ? 
_reflns.limit_l_max                      ? 
_reflns.limit_l_min                      ? 
_reflns.number_all                       ? 
_reflns.number_obs                       24664 
_reflns.observed_criterion               ? 
_reflns.observed_criterion_F_max         ? 
_reflns.observed_criterion_F_min         ? 
_reflns.observed_criterion_I_max         ? 
_reflns.observed_criterion_I_min         ? 
_reflns.observed_criterion_sigma_F       ? 
_reflns.observed_criterion_sigma_I       ? 
_reflns.percent_possible_obs             94.2 
_reflns.R_free_details                   ? 
_reflns.Rmerge_F_all                     ? 
_reflns.Rmerge_F_obs                     ? 
_reflns.Friedel_coverage                 ? 
_reflns.number_gt                        ? 
_reflns.threshold_expression             ? 
_reflns.pdbx_redundancy                  2.6 
_reflns.pdbx_Rmerge_I_obs                ? 
_reflns.pdbx_Rmerge_I_all                ? 
_reflns.pdbx_Rsym_value                  ? 
_reflns.pdbx_netI_over_av_sigmaI         ? 
_reflns.pdbx_netI_over_sigmaI            23.41 
_reflns.pdbx_res_netI_over_av_sigmaI_2   ? 
_reflns.pdbx_res_netI_over_sigmaI_2      ? 
_reflns.pdbx_chi_squared                 ? 
_reflns.pdbx_scaling_rejects             ? 
_reflns.pdbx_d_res_high_opt              ? 
_reflns.pdbx_d_res_low_opt               ? 
_reflns.pdbx_d_res_opt_method            ? 
_reflns.phase_calculation_details        ? 
_reflns.pdbx_Rrim_I_all                  0.036 
_reflns.pdbx_Rpim_I_all                  ? 
_reflns.pdbx_d_opt                       ? 
_reflns.pdbx_number_measured_all         ? 
_reflns.pdbx_diffrn_id                   1 
_reflns.pdbx_ordinal                     1 
_reflns.pdbx_CC_half                     0.999 
_reflns.pdbx_R_split                     ? 
# 
_reflns_shell.d_res_high                  1.80 
_reflns_shell.d_res_low                   1.91 
_reflns_shell.meanI_over_sigI_all         ? 
_reflns_shell.meanI_over_sigI_obs         9.71 
_reflns_shell.number_measured_all         ? 
_reflns_shell.number_measured_obs         ? 
_reflns_shell.number_possible             ? 
_reflns_shell.number_unique_all           ? 
_reflns_shell.number_unique_obs           4036 
_reflns_shell.percent_possible_all        95.2 
_reflns_shell.percent_possible_obs        ? 
_reflns_shell.Rmerge_F_all                ? 
_reflns_shell.Rmerge_F_obs                ? 
_reflns_shell.Rmerge_I_all                ? 
_reflns_shell.Rmerge_I_obs                ? 
_reflns_shell.meanI_over_sigI_gt          ? 
_reflns_shell.meanI_over_uI_all           ? 
_reflns_shell.meanI_over_uI_gt            ? 
_reflns_shell.number_measured_gt          ? 
_reflns_shell.number_unique_gt            ? 
_reflns_shell.percent_possible_gt         ? 
_reflns_shell.Rmerge_F_gt                 ? 
_reflns_shell.Rmerge_I_gt                 ? 
_reflns_shell.pdbx_redundancy             2.6 
_reflns_shell.pdbx_Rsym_value             ? 
_reflns_shell.pdbx_chi_squared            ? 
_reflns_shell.pdbx_netI_over_sigmaI_all   ? 
_reflns_shell.pdbx_netI_over_sigmaI_obs   ? 
_reflns_shell.pdbx_Rrim_I_all             0.11 
_reflns_shell.pdbx_Rpim_I_all             ? 
_reflns_shell.pdbx_rejects                ? 
_reflns_shell.pdbx_ordinal                1 
_reflns_shell.pdbx_diffrn_id              1 
_reflns_shell.pdbx_CC_half                0.984 
_reflns_shell.pdbx_R_split                ? 
# 
_refine.aniso_B[1][1]                            ? 
_refine.aniso_B[1][2]                            ? 
_refine.aniso_B[1][3]                            ? 
_refine.aniso_B[2][2]                            ? 
_refine.aniso_B[2][3]                            ? 
_refine.aniso_B[3][3]                            ? 
_refine.B_iso_max                                ? 
_refine.B_iso_mean                               ? 
_refine.B_iso_min                                ? 
_refine.correlation_coeff_Fo_to_Fc               ? 
_refine.correlation_coeff_Fo_to_Fc_free          ? 
_refine.details                                  ? 
_refine.diff_density_max                         ? 
_refine.diff_density_max_esd                     ? 
_refine.diff_density_min                         ? 
_refine.diff_density_min_esd                     ? 
_refine.diff_density_rms                         ? 
_refine.diff_density_rms_esd                     ? 
_refine.entry_id                                 6EQ3 
_refine.pdbx_refine_id                           'X-RAY DIFFRACTION' 
_refine.ls_abs_structure_details                 ? 
_refine.ls_abs_structure_Flack                   ? 
_refine.ls_abs_structure_Flack_esd               ? 
_refine.ls_abs_structure_Rogers                  ? 
_refine.ls_abs_structure_Rogers_esd              ? 
_refine.ls_d_res_high                            1.798 
_refine.ls_d_res_low                             44.689 
_refine.ls_extinction_coef                       ? 
_refine.ls_extinction_coef_esd                   ? 
_refine.ls_extinction_expression                 ? 
_refine.ls_extinction_method                     ? 
_refine.ls_goodness_of_fit_all                   ? 
_refine.ls_goodness_of_fit_all_esd               ? 
_refine.ls_goodness_of_fit_obs                   ? 
_refine.ls_goodness_of_fit_obs_esd               ? 
_refine.ls_hydrogen_treatment                    ? 
_refine.ls_matrix_type                           ? 
_refine.ls_number_constraints                    ? 
_refine.ls_number_parameters                     ? 
_refine.ls_number_reflns_all                     ? 
_refine.ls_number_reflns_obs                     13646 
_refine.ls_number_reflns_R_free                  1358 
_refine.ls_number_reflns_R_work                  ? 
_refine.ls_number_restraints                     ? 
_refine.ls_percent_reflns_obs                    96.75 
_refine.ls_percent_reflns_R_free                 9.95 
_refine.ls_R_factor_all                          ? 
_refine.ls_R_factor_obs                          0.1843 
_refine.ls_R_factor_R_free                       0.2234 
_refine.ls_R_factor_R_free_error                 ? 
_refine.ls_R_factor_R_free_error_details         ? 
_refine.ls_R_factor_R_work                       0.1799 
_refine.ls_R_Fsqd_factor_obs                     ? 
_refine.ls_R_I_factor_obs                        ? 
_refine.ls_redundancy_reflns_all                 ? 
_refine.ls_redundancy_reflns_obs                 ? 
_refine.ls_restrained_S_all                      ? 
_refine.ls_restrained_S_obs                      ? 
_refine.ls_shift_over_esd_max                    ? 
_refine.ls_shift_over_esd_mean                   ? 
_refine.ls_structure_factor_coef                 ? 
_refine.ls_weighting_details                     ? 
_refine.ls_weighting_scheme                      ? 
_refine.ls_wR_factor_all                         ? 
_refine.ls_wR_factor_obs                         ? 
_refine.ls_wR_factor_R_free                      ? 
_refine.ls_wR_factor_R_work                      ? 
_refine.occupancy_max                            ? 
_refine.occupancy_min                            ? 
_refine.solvent_model_details                    'FLAT BULK SOLVENT MODEL' 
_refine.solvent_model_param_bsol                 ? 
_refine.solvent_model_param_ksol                 ? 
_refine.ls_R_factor_gt                           ? 
_refine.ls_goodness_of_fit_gt                    ? 
_refine.ls_goodness_of_fit_ref                   ? 
_refine.ls_shift_over_su_max                     ? 
_refine.ls_shift_over_su_max_lt                  ? 
_refine.ls_shift_over_su_mean                    ? 
_refine.ls_shift_over_su_mean_lt                 ? 
_refine.pdbx_ls_sigma_I                          ? 
_refine.pdbx_ls_sigma_F                          1.37 
_refine.pdbx_ls_sigma_Fsqd                       ? 
_refine.pdbx_data_cutoff_high_absF               ? 
_refine.pdbx_data_cutoff_high_rms_absF           ? 
_refine.pdbx_data_cutoff_low_absF                ? 
_refine.pdbx_isotropic_thermal_model             ? 
_refine.pdbx_ls_cross_valid_method               'FREE R-VALUE' 
_refine.pdbx_method_to_determine_struct          'MOLECULAR REPLACEMENT' 
_refine.pdbx_starting_model                      ? 
_refine.pdbx_stereochemistry_target_values       ML 
_refine.pdbx_R_Free_selection_details            ? 
_refine.pdbx_stereochem_target_val_spec_case     ? 
_refine.pdbx_overall_ESU_R                       ? 
_refine.pdbx_overall_ESU_R_Free                  ? 
_refine.pdbx_solvent_vdw_probe_radii             1.11 
_refine.pdbx_solvent_ion_probe_radii             ? 
_refine.pdbx_solvent_shrinkage_radii             0.90 
_refine.pdbx_real_space_R                        ? 
_refine.pdbx_density_correlation                 ? 
_refine.pdbx_pd_number_of_powder_patterns        ? 
_refine.pdbx_pd_number_of_points                 ? 
_refine.pdbx_pd_meas_number_of_points            ? 
_refine.pdbx_pd_proc_ls_prof_R_factor            ? 
_refine.pdbx_pd_proc_ls_prof_wR_factor           ? 
_refine.pdbx_pd_Marquardt_correlation_coeff      ? 
_refine.pdbx_pd_Fsqrd_R_factor                   ? 
_refine.pdbx_pd_ls_matrix_band_width             ? 
_refine.pdbx_overall_phase_error                 21.86 
_refine.pdbx_overall_SU_R_free_Cruickshank_DPI   ? 
_refine.pdbx_overall_SU_R_free_Blow_DPI          ? 
_refine.pdbx_overall_SU_R_Blow_DPI               ? 
_refine.pdbx_TLS_residual_ADP_flag               ? 
_refine.pdbx_diffrn_id                           1 
_refine.overall_SU_B                             ? 
_refine.overall_SU_ML                            0.20 
_refine.overall_SU_R_Cruickshank_DPI             ? 
_refine.overall_SU_R_free                        ? 
_refine.overall_FOM_free_R_set                   ? 
_refine.overall_FOM_work_R_set                   ? 
_refine.pdbx_average_fsc_overall                 ? 
_refine.pdbx_average_fsc_work                    ? 
_refine.pdbx_average_fsc_free                    ? 
# 
_refine_hist.pdbx_refine_id                   'X-RAY DIFFRACTION' 
_refine_hist.cycle_id                         LAST 
_refine_hist.pdbx_number_atoms_protein        1235 
_refine_hist.pdbx_number_atoms_nucleic_acid   0 
_refine_hist.pdbx_number_atoms_ligand         21 
_refine_hist.number_atoms_solvent             191 
_refine_hist.number_atoms_total               1447 
_refine_hist.d_res_high                       1.798 
_refine_hist.d_res_low                        44.689 
# 
loop_
_refine_ls_restr.pdbx_refine_id 
_refine_ls_restr.criterion 
_refine_ls_restr.dev_ideal 
_refine_ls_restr.dev_ideal_target 
_refine_ls_restr.number 
_refine_ls_restr.rejects 
_refine_ls_restr.type 
_refine_ls_restr.weight 
_refine_ls_restr.pdbx_restraint_function 
'X-RAY DIFFRACTION' ? 0.004 ? 1317 ? f_bond_d           ? ? 
'X-RAY DIFFRACTION' ? 0.644 ? 1790 ? f_angle_d          ? ? 
'X-RAY DIFFRACTION' ? 6.765 ? 1051 ? f_dihedral_angle_d ? ? 
'X-RAY DIFFRACTION' ? 0.049 ? 185  ? f_chiral_restr     ? ? 
'X-RAY DIFFRACTION' ? 0.005 ? 232  ? f_plane_restr      ? ? 
# 
loop_
_refine_ls_shell.pdbx_refine_id 
_refine_ls_shell.d_res_high 
_refine_ls_shell.d_res_low 
_refine_ls_shell.number_reflns_all 
_refine_ls_shell.number_reflns_obs 
_refine_ls_shell.number_reflns_R_free 
_refine_ls_shell.number_reflns_R_work 
_refine_ls_shell.percent_reflns_obs 
_refine_ls_shell.percent_reflns_R_free 
_refine_ls_shell.R_factor_all 
_refine_ls_shell.R_factor_obs 
_refine_ls_shell.R_factor_R_free 
_refine_ls_shell.R_factor_R_free_error 
_refine_ls_shell.R_factor_R_work 
_refine_ls_shell.redundancy_reflns_all 
_refine_ls_shell.redundancy_reflns_obs 
_refine_ls_shell.wR_factor_all 
_refine_ls_shell.wR_factor_obs 
_refine_ls_shell.wR_factor_R_free 
_refine_ls_shell.wR_factor_R_work 
_refine_ls_shell.pdbx_total_number_of_bins_used 
_refine_ls_shell.pdbx_phase_error 
_refine_ls_shell.pdbx_fsc_work 
_refine_ls_shell.pdbx_fsc_free 
'X-RAY DIFFRACTION' 1.7979 1.8622  . . 142 1211 98.00  . . . 0.2965 . 0.2143 . . . . . . . . . . 
'X-RAY DIFFRACTION' 1.8622 1.9367  . . 110 1091 87.00  . . . 0.3080 . 0.2213 . . . . . . . . . . 
'X-RAY DIFFRACTION' 1.9367 2.0249  . . 140 1230 99.00  . . . 0.2387 . 0.1875 . . . . . . . . . . 
'X-RAY DIFFRACTION' 2.0249 2.1316  . . 143 1245 99.00  . . . 0.2475 . 0.1823 . . . . . . . . . . 
'X-RAY DIFFRACTION' 2.1316 2.2652  . . 127 1142 92.00  . . . 0.2461 . 0.1911 . . . . . . . . . . 
'X-RAY DIFFRACTION' 2.2652 2.4401  . . 131 1265 99.00  . . . 0.2300 . 0.1756 . . . . . . . . . . 
'X-RAY DIFFRACTION' 2.4401 2.6856  . . 151 1236 100.00 . . . 0.2365 . 0.1893 . . . . . . . . . . 
'X-RAY DIFFRACTION' 2.6856 3.0741  . . 129 1270 99.00  . . . 0.2059 . 0.1821 . . . . . . . . . . 
'X-RAY DIFFRACTION' 3.0741 3.8727  . . 140 1248 97.00  . . . 0.2115 . 0.1593 . . . . . . . . . . 
'X-RAY DIFFRACTION' 3.8727 44.7027 . . 145 1350 98.00  . . . 0.1868 . 0.1723 . . . . . . . . . . 
# 
_struct.entry_id                     6EQ3 
_struct.title                        'MTH1 in complex with fragment 9' 
_struct.pdbx_model_details           ? 
_struct.pdbx_formula_weight          ? 
_struct.pdbx_formula_weight_method   ? 
_struct.pdbx_model_type_details      ? 
_struct.pdbx_CASP_flag               N 
# 
_struct_keywords.entry_id        6EQ3 
_struct_keywords.text            'Inhibitor, Complex, Hydrolase, DNA repair, Fragment' 
_struct_keywords.pdbx_keywords   HYDROLASE 
# 
loop_
_struct_asym.id 
_struct_asym.pdbx_blank_PDB_chainid_flag 
_struct_asym.pdbx_modified 
_struct_asym.entity_id 
_struct_asym.details 
A N N 1 ? 
B N N 2 ? 
C N N 3 ? 
D N N 4 ? 
# 
_struct_ref.id                         1 
_struct_ref.db_name                    UNP 
_struct_ref.db_code                    8ODP_HUMAN 
_struct_ref.pdbx_db_accession          P36639 
_struct_ref.pdbx_db_isoform            ? 
_struct_ref.entity_id                  1 
_struct_ref.pdbx_seq_one_letter_code   
;MGASRLYTLVLVLQPQRVLLGMKKRGFGAGRWNGFGGKVQEGETIEDGARRELQEESGLTVDALHKVGQIVFEFVGEPEL
MDVHVFCTDSIQGTPVESDEMRPCWFQLDQIPFKDMWPDDSYWFPLLLQKKKFHGYFKFQGQDTILDYTLREVDTV
;
_struct_ref.pdbx_align_begin           42 
# 
_struct_ref_seq.align_id                      1 
_struct_ref_seq.ref_id                        1 
_struct_ref_seq.pdbx_PDB_id_code              6EQ3 
_struct_ref_seq.pdbx_strand_id                A 
_struct_ref_seq.seq_align_beg                 27 
_struct_ref_seq.pdbx_seq_align_beg_ins_code   ? 
_struct_ref_seq.seq_align_end                 182 
_struct_ref_seq.pdbx_seq_align_end_ins_code   ? 
_struct_ref_seq.pdbx_db_accession             P36639 
_struct_ref_seq.db_align_beg                  42 
_struct_ref_seq.pdbx_db_align_beg_ins_code    ? 
_struct_ref_seq.db_align_end                  197 
_struct_ref_seq.pdbx_db_align_end_ins_code    ? 
_struct_ref_seq.pdbx_auth_seq_align_beg       1 
_struct_ref_seq.pdbx_auth_seq_align_end       156 
# 
loop_
_struct_ref_seq_dif.align_id 
_struct_ref_seq_dif.pdbx_pdb_id_code 
_struct_ref_seq_dif.mon_id 
_struct_ref_seq_dif.pdbx_pdb_strand_id 
_struct_ref_seq_dif.seq_num 
_struct_ref_seq_dif.pdbx_pdb_ins_code 
_struct_ref_seq_dif.pdbx_seq_db_name 
_struct_ref_seq_dif.pdbx_seq_db_accession_code 
_struct_ref_seq_dif.db_mon_id 
_struct_ref_seq_dif.pdbx_seq_db_seq_num 
_struct_ref_seq_dif.details 
_struct_ref_seq_dif.pdbx_auth_seq_num 
_struct_ref_seq_dif.pdbx_ordinal 
1 6EQ3 MET A 1  ? UNP P36639 ? ? 'initiating methionine' -25 1  
1 6EQ3 LYS A 2  ? UNP P36639 ? ? 'expression tag'        -24 2  
1 6EQ3 HIS A 3  ? UNP P36639 ? ? 'expression tag'        -23 3  
1 6EQ3 HIS A 4  ? UNP P36639 ? ? 'expression tag'        -22 4  
1 6EQ3 HIS A 5  ? UNP P36639 ? ? 'expression tag'        -21 5  
1 6EQ3 HIS A 6  ? UNP P36639 ? ? 'expression tag'        -20 6  
1 6EQ3 HIS A 7  ? UNP P36639 ? ? 'expression tag'        -19 7  
1 6EQ3 HIS A 8  ? UNP P36639 ? ? 'expression tag'        -18 8  
1 6EQ3 PRO A 9  ? UNP P36639 ? ? 'expression tag'        -17 9  
1 6EQ3 MET A 10 ? UNP P36639 ? ? 'expression tag'        -16 10 
1 6EQ3 SER A 11 ? UNP P36639 ? ? 'expression tag'        -15 11 
1 6EQ3 ASP A 12 ? UNP P36639 ? ? 'expression tag'        -14 12 
1 6EQ3 TYR A 13 ? UNP P36639 ? ? 'expression tag'        -13 13 
1 6EQ3 ASP A 14 ? UNP P36639 ? ? 'expression tag'        -12 14 
1 6EQ3 ILE A 15 ? UNP P36639 ? ? 'expression tag'        -11 15 
1 6EQ3 PRO A 16 ? UNP P36639 ? ? 'expression tag'        -10 16 
1 6EQ3 THR A 17 ? UNP P36639 ? ? 'expression tag'        -9  17 
1 6EQ3 THR A 18 ? UNP P36639 ? ? 'expression tag'        -8  18 
1 6EQ3 GLU A 19 ? UNP P36639 ? ? 'expression tag'        -7  19 
1 6EQ3 ASN A 20 ? UNP P36639 ? ? 'expression tag'        -6  20 
1 6EQ3 LEU A 21 ? UNP P36639 ? ? 'expression tag'        -5  21 
1 6EQ3 TYR A 22 ? UNP P36639 ? ? 'expression tag'        -4  22 
1 6EQ3 PHE A 23 ? UNP P36639 ? ? 'expression tag'        -3  23 
1 6EQ3 GLN A 24 ? UNP P36639 ? ? 'expression tag'        -2  24 
1 6EQ3 GLY A 25 ? UNP P36639 ? ? 'expression tag'        -1  25 
1 6EQ3 ALA A 26 ? UNP P36639 ? ? 'expression tag'        0   26 
# 
_pdbx_struct_assembly.id                   1 
_pdbx_struct_assembly.details              author_and_software_defined_assembly 
_pdbx_struct_assembly.method_details       PISA 
_pdbx_struct_assembly.oligomeric_details   monomeric 
_pdbx_struct_assembly.oligomeric_count     1 
# 
loop_
_pdbx_struct_assembly_prop.biol_id 
_pdbx_struct_assembly_prop.type 
_pdbx_struct_assembly_prop.value 
_pdbx_struct_assembly_prop.details 
1 'ABSA (A^2)' 170  ? 
1 MORE         -11  ? 
1 'SSA (A^2)'  7950 ? 
# 
_pdbx_struct_assembly_gen.assembly_id       1 
_pdbx_struct_assembly_gen.oper_expression   1 
_pdbx_struct_assembly_gen.asym_id_list      A,B,C,D 
# 
_pdbx_struct_assembly_auth_evidence.id                     1 
_pdbx_struct_assembly_auth_evidence.assembly_id            1 
_pdbx_struct_assembly_auth_evidence.experimental_support   'gel filtration' 
_pdbx_struct_assembly_auth_evidence.details                ? 
# 
_pdbx_struct_oper_list.id                   1 
_pdbx_struct_oper_list.type                 'identity operation' 
_pdbx_struct_oper_list.name                 1_555 
_pdbx_struct_oper_list.symmetry_operation   x,y,z 
_pdbx_struct_oper_list.matrix[1][1]         1.0000000000 
_pdbx_struct_oper_list.matrix[1][2]         0.0000000000 
_pdbx_struct_oper_list.matrix[1][3]         0.0000000000 
_pdbx_struct_oper_list.vector[1]            0.0000000000 
_pdbx_struct_oper_list.matrix[2][1]         0.0000000000 
_pdbx_struct_oper_list.matrix[2][2]         1.0000000000 
_pdbx_struct_oper_list.matrix[2][3]         0.0000000000 
_pdbx_struct_oper_list.vector[2]            0.0000000000 
_pdbx_struct_oper_list.matrix[3][1]         0.0000000000 
_pdbx_struct_oper_list.matrix[3][2]         0.0000000000 
_pdbx_struct_oper_list.matrix[3][3]         1.0000000000 
_pdbx_struct_oper_list.vector[3]            0.0000000000 
# 
loop_
_struct_conf.conf_type_id 
_struct_conf.id 
_struct_conf.pdbx_PDB_helix_id 
_struct_conf.beg_label_comp_id 
_struct_conf.beg_label_asym_id 
_struct_conf.beg_label_seq_id 
_struct_conf.pdbx_beg_PDB_ins_code 
_struct_conf.end_label_comp_id 
_struct_conf.end_label_asym_id 
_struct_conf.end_label_seq_id 
_struct_conf.pdbx_end_PDB_ins_code 
_struct_conf.beg_auth_comp_id 
_struct_conf.beg_auth_asym_id 
_struct_conf.beg_auth_seq_id 
_struct_conf.end_auth_comp_id 
_struct_conf.end_auth_asym_id 
_struct_conf.end_auth_seq_id 
_struct_conf.pdbx_PDB_helix_class 
_struct_conf.details 
_struct_conf.pdbx_PDB_helix_length 
HELX_P HELX_P1 AA1 THR A 70  ? GLY A 84  ? THR A 44  GLY A 58  1 ? 15 
HELX_P HELX_P2 AA2 ASP A 135 ? ILE A 137 ? ASP A 109 ILE A 111 5 ? 3  
HELX_P HELX_P3 AA3 PRO A 138 ? MET A 142 ? PRO A 112 MET A 116 5 ? 5  
HELX_P HELX_P4 AA4 TRP A 143 ? PRO A 144 ? TRP A 117 PRO A 118 5 ? 2  
HELX_P HELX_P5 AA5 ASP A 145 ? GLN A 155 ? ASP A 119 GLN A 129 1 ? 11 
# 
_struct_conf_type.id          HELX_P 
_struct_conf_type.criteria    ? 
_struct_conf_type.reference   ? 
# 
loop_
_struct_sheet.id 
_struct_sheet.type 
_struct_sheet.number_strands 
_struct_sheet.details 
AA1 ? 3 ? 
AA2 ? 7 ? 
# 
loop_
_struct_sheet_order.sheet_id 
_struct_sheet_order.range_id_1 
_struct_sheet_order.range_id_2 
_struct_sheet_order.offset 
_struct_sheet_order.sense 
AA1 1 2 ? anti-parallel 
AA1 2 3 ? anti-parallel 
AA2 1 2 ? anti-parallel 
AA2 2 3 ? anti-parallel 
AA2 3 4 ? parallel      
AA2 4 5 ? anti-parallel 
AA2 5 6 ? parallel      
AA2 6 7 ? anti-parallel 
# 
loop_
_struct_sheet_range.sheet_id 
_struct_sheet_range.id 
_struct_sheet_range.beg_label_comp_id 
_struct_sheet_range.beg_label_asym_id 
_struct_sheet_range.beg_label_seq_id 
_struct_sheet_range.pdbx_beg_PDB_ins_code 
_struct_sheet_range.end_label_comp_id 
_struct_sheet_range.end_label_asym_id 
_struct_sheet_range.end_label_seq_id 
_struct_sheet_range.pdbx_end_PDB_ins_code 
_struct_sheet_range.beg_auth_comp_id 
_struct_sheet_range.beg_auth_asym_id 
_struct_sheet_range.beg_auth_seq_id 
_struct_sheet_range.end_auth_comp_id 
_struct_sheet_range.end_auth_asym_id 
_struct_sheet_range.end_auth_seq_id 
AA1 1 TRP A 58  ? ASN A 59  ? TRP A 32  ASN A 33  
AA1 2 ARG A 43  ? LYS A 49  ? ARG A 17  LYS A 23  
AA1 3 MET A 127 ? GLN A 133 ? MET A 101 GLN A 107 
AA2 1 TRP A 58  ? ASN A 59  ? TRP A 32  ASN A 33  
AA2 2 ARG A 43  ? LYS A 49  ? ARG A 17  LYS A 23  
AA2 3 SER A 30  ? GLN A 40  ? SER A 4   GLN A 14  
AA2 4 LEU A 106 ? THR A 114 ? LEU A 80  THR A 88  
AA2 5 HIS A 91  ? PHE A 100 ? HIS A 65  PHE A 74  
AA2 6 LYS A 158 ? GLN A 166 ? LYS A 132 GLN A 140 
AA2 7 THR A 170 ? VAL A 179 ? THR A 144 VAL A 153 
# 
loop_
_pdbx_struct_sheet_hbond.sheet_id 
_pdbx_struct_sheet_hbond.range_id_1 
_pdbx_struct_sheet_hbond.range_id_2 
_pdbx_struct_sheet_hbond.range_1_label_atom_id 
_pdbx_struct_sheet_hbond.range_1_label_comp_id 
_pdbx_struct_sheet_hbond.range_1_label_asym_id 
_pdbx_struct_sheet_hbond.range_1_label_seq_id 
_pdbx_struct_sheet_hbond.range_1_PDB_ins_code 
_pdbx_struct_sheet_hbond.range_1_auth_atom_id 
_pdbx_struct_sheet_hbond.range_1_auth_comp_id 
_pdbx_struct_sheet_hbond.range_1_auth_asym_id 
_pdbx_struct_sheet_hbond.range_1_auth_seq_id 
_pdbx_struct_sheet_hbond.range_2_label_atom_id 
_pdbx_struct_sheet_hbond.range_2_label_comp_id 
_pdbx_struct_sheet_hbond.range_2_label_asym_id 
_pdbx_struct_sheet_hbond.range_2_label_seq_id 
_pdbx_struct_sheet_hbond.range_2_PDB_ins_code 
_pdbx_struct_sheet_hbond.range_2_auth_atom_id 
_pdbx_struct_sheet_hbond.range_2_auth_comp_id 
_pdbx_struct_sheet_hbond.range_2_auth_asym_id 
_pdbx_struct_sheet_hbond.range_2_auth_seq_id 
AA1 1 2 O ASN A 59  ? O ASN A 33  N GLY A 47  ? N GLY A 21  
AA1 2 3 N LEU A 46  ? N LEU A 20  O CYS A 130 ? O CYS A 104 
AA2 1 2 O ASN A 59  ? O ASN A 33  N GLY A 47  ? N GLY A 21  
AA2 2 3 O ARG A 43  ? O ARG A 17  N GLN A 40  ? N GLN A 14  
AA2 3 4 N ARG A 31  ? N ARG A 5   O ASP A 108 ? O ASP A 82  
AA2 4 5 O VAL A 109 ? O VAL A 83  N ILE A 96  ? N ILE A 70  
AA2 5 6 N GLU A 99  ? N GLU A 73  O PHE A 165 ? O PHE A 139 
AA2 6 7 N LYS A 164 ? N LYS A 138 O ASP A 173 ? O ASP A 147 
# 
loop_
_struct_site.id 
_struct_site.pdbx_evidence_code 
_struct_site.pdbx_auth_asym_id 
_struct_site.pdbx_auth_comp_id 
_struct_site.pdbx_auth_seq_id 
_struct_site.pdbx_auth_ins_code 
_struct_site.pdbx_num_residues 
_struct_site.details 
AC1 Software A BU5 201 ? 11 'binding site for residue BU5 A 201' 
AC2 Software A SO4 202 ? 4  'binding site for residue SO4 A 202' 
# 
loop_
_struct_site_gen.id 
_struct_site_gen.site_id 
_struct_site_gen.pdbx_num_res 
_struct_site_gen.label_comp_id 
_struct_site_gen.label_asym_id 
_struct_site_gen.label_seq_id 
_struct_site_gen.pdbx_auth_ins_code 
_struct_site_gen.auth_comp_id 
_struct_site_gen.auth_asym_id 
_struct_site_gen.auth_seq_id 
_struct_site_gen.label_atom_id 
_struct_site_gen.label_alt_id 
_struct_site_gen.symmetry 
_struct_site_gen.details 
1  AC1 11 TYR A 33  ? TYR A 7   . ? 1_555 ? 
2  AC1 11 THR A 34  ? THR A 8   . ? 1_555 ? 
3  AC1 11 PHE A 53  ? PHE A 27  . ? 1_555 ? 
4  AC1 11 ASN A 59  ? ASN A 33  . ? 1_555 ? 
5  AC1 11 GLY A 63  ? GLY A 37  . ? 1_555 ? 
6  AC1 11 PHE A 98  ? PHE A 72  . ? 1_555 ? 
7  AC1 11 MET A 107 ? MET A 81  . ? 1_555 ? 
8  AC1 11 TRP A 143 ? TRP A 117 . ? 1_555 ? 
9  AC1 11 ASP A 145 ? ASP A 119 . ? 1_555 ? 
10 AC1 11 ASP A 146 ? ASP A 120 . ? 1_555 ? 
11 AC1 11 HOH D .   ? HOH A 316 . ? 1_555 ? 
12 AC2 4  HIS A 91  ? HIS A 65  . ? 1_555 ? 
13 AC2 4  LYS A 92  ? LYS A 66  . ? 1_555 ? 
14 AC2 4  HOH D .   ? HOH A 326 . ? 1_555 ? 
15 AC2 4  HOH D .   ? HOH A 333 . ? 1_555 ? 
# 
_pdbx_validate_close_contact.id               1 
_pdbx_validate_close_contact.PDB_model_num    1 
_pdbx_validate_close_contact.auth_atom_id_1   NH1 
_pdbx_validate_close_contact.auth_asym_id_1   A 
_pdbx_validate_close_contact.auth_comp_id_1   ARG 
_pdbx_validate_close_contact.auth_seq_id_1    151 
_pdbx_validate_close_contact.PDB_ins_code_1   ? 
_pdbx_validate_close_contact.label_alt_id_1   ? 
_pdbx_validate_close_contact.auth_atom_id_2   O 
_pdbx_validate_close_contact.auth_asym_id_2   A 
_pdbx_validate_close_contact.auth_comp_id_2   HOH 
_pdbx_validate_close_contact.auth_seq_id_2    301 
_pdbx_validate_close_contact.PDB_ins_code_2   ? 
_pdbx_validate_close_contact.label_alt_id_2   ? 
_pdbx_validate_close_contact.dist             2.19 
# 
loop_
_pdbx_validate_symm_contact.id 
_pdbx_validate_symm_contact.PDB_model_num 
_pdbx_validate_symm_contact.auth_atom_id_1 
_pdbx_validate_symm_contact.auth_asym_id_1 
_pdbx_validate_symm_contact.auth_comp_id_1 
_pdbx_validate_symm_contact.auth_seq_id_1 
_pdbx_validate_symm_contact.PDB_ins_code_1 
_pdbx_validate_symm_contact.label_alt_id_1 
_pdbx_validate_symm_contact.site_symmetry_1 
_pdbx_validate_symm_contact.auth_atom_id_2 
_pdbx_validate_symm_contact.auth_asym_id_2 
_pdbx_validate_symm_contact.auth_comp_id_2 
_pdbx_validate_symm_contact.auth_seq_id_2 
_pdbx_validate_symm_contact.PDB_ins_code_2 
_pdbx_validate_symm_contact.label_alt_id_2 
_pdbx_validate_symm_contact.site_symmetry_2 
_pdbx_validate_symm_contact.dist 
1 1 O   A HOH 349 ? ? 1_555 O  A HOH 472 ? ? 4_453 2.16 
2 1 O   A HOH 463 ? ? 1_555 O  A HOH 466 ? ? 1_556 2.17 
3 1 OD2 A ASP 99  ? ? 1_555 OH A TYR 122 ? ? 4_454 2.18 
# 
_pdbx_validate_torsion.id              1 
_pdbx_validate_torsion.PDB_model_num   1 
_pdbx_validate_torsion.auth_comp_id    ASP 
_pdbx_validate_torsion.auth_asym_id    A 
_pdbx_validate_torsion.auth_seq_id     62 
_pdbx_validate_torsion.PDB_ins_code    ? 
_pdbx_validate_torsion.label_alt_id    ? 
_pdbx_validate_torsion.phi             -86.18 
_pdbx_validate_torsion.psi             -102.86 
# 
loop_
_pdbx_unobs_or_zero_occ_residues.id 
_pdbx_unobs_or_zero_occ_residues.PDB_model_num 
_pdbx_unobs_or_zero_occ_residues.polymer_flag 
_pdbx_unobs_or_zero_occ_residues.occupancy_flag 
_pdbx_unobs_or_zero_occ_residues.auth_asym_id 
_pdbx_unobs_or_zero_occ_residues.auth_comp_id 
_pdbx_unobs_or_zero_occ_residues.auth_seq_id 
_pdbx_unobs_or_zero_occ_residues.PDB_ins_code 
_pdbx_unobs_or_zero_occ_residues.label_asym_id 
_pdbx_unobs_or_zero_occ_residues.label_comp_id 
_pdbx_unobs_or_zero_occ_residues.label_seq_id 
1  1 Y 1 A MET -25 ? A MET 1  
2  1 Y 1 A LYS -24 ? A LYS 2  
3  1 Y 1 A HIS -23 ? A HIS 3  
4  1 Y 1 A HIS -22 ? A HIS 4  
5  1 Y 1 A HIS -21 ? A HIS 5  
6  1 Y 1 A HIS -20 ? A HIS 6  
7  1 Y 1 A HIS -19 ? A HIS 7  
8  1 Y 1 A HIS -18 ? A HIS 8  
9  1 Y 1 A PRO -17 ? A PRO 9  
10 1 Y 1 A MET -16 ? A MET 10 
11 1 Y 1 A SER -15 ? A SER 11 
12 1 Y 1 A ASP -14 ? A ASP 12 
13 1 Y 1 A TYR -13 ? A TYR 13 
14 1 Y 1 A ASP -12 ? A ASP 14 
15 1 Y 1 A ILE -11 ? A ILE 15 
16 1 Y 1 A PRO -10 ? A PRO 16 
17 1 Y 1 A THR -9  ? A THR 17 
18 1 Y 1 A THR -8  ? A THR 18 
19 1 Y 1 A GLU -7  ? A GLU 19 
20 1 Y 1 A ASN -6  ? A ASN 20 
21 1 Y 1 A LEU -5  ? A LEU 21 
22 1 Y 1 A TYR -4  ? A TYR 22 
23 1 Y 1 A PHE -3  ? A PHE 23 
24 1 Y 1 A GLN -2  ? A GLN 24 
25 1 Y 1 A GLY -1  ? A GLY 25 
26 1 Y 1 A ALA 0   ? A ALA 26 
27 1 Y 1 A MET 1   ? A MET 27 
28 1 Y 1 A GLY 2   ? A GLY 28 
# 
loop_
_chem_comp_atom.comp_id 
_chem_comp_atom.atom_id 
_chem_comp_atom.type_symbol 
_chem_comp_atom.pdbx_aromatic_flag 
_chem_comp_atom.pdbx_stereo_config 
_chem_comp_atom.pdbx_ordinal 
ALA N    N N N 1   
ALA CA   C N S 2   
ALA C    C N N 3   
ALA O    O N N 4   
ALA CB   C N N 5   
ALA OXT  O N N 6   
ALA H    H N N 7   
ALA H2   H N N 8   
ALA HA   H N N 9   
ALA HB1  H N N 10  
ALA HB2  H N N 11  
ALA HB3  H N N 12  
ALA HXT  H N N 13  
ARG N    N N N 14  
ARG CA   C N S 15  
ARG C    C N N 16  
ARG O    O N N 17  
ARG CB   C N N 18  
ARG CG   C N N 19  
ARG CD   C N N 20  
ARG NE   N N N 21  
ARG CZ   C N N 22  
ARG NH1  N N N 23  
ARG NH2  N N N 24  
ARG OXT  O N N 25  
ARG H    H N N 26  
ARG H2   H N N 27  
ARG HA   H N N 28  
ARG HB2  H N N 29  
ARG HB3  H N N 30  
ARG HG2  H N N 31  
ARG HG3  H N N 32  
ARG HD2  H N N 33  
ARG HD3  H N N 34  
ARG HE   H N N 35  
ARG HH11 H N N 36  
ARG HH12 H N N 37  
ARG HH21 H N N 38  
ARG HH22 H N N 39  
ARG HXT  H N N 40  
ASN N    N N N 41  
ASN CA   C N S 42  
ASN C    C N N 43  
ASN O    O N N 44  
ASN CB   C N N 45  
ASN CG   C N N 46  
ASN OD1  O N N 47  
ASN ND2  N N N 48  
ASN OXT  O N N 49  
ASN H    H N N 50  
ASN H2   H N N 51  
ASN HA   H N N 52  
ASN HB2  H N N 53  
ASN HB3  H N N 54  
ASN HD21 H N N 55  
ASN HD22 H N N 56  
ASN HXT  H N N 57  
ASP N    N N N 58  
ASP CA   C N S 59  
ASP C    C N N 60  
ASP O    O N N 61  
ASP CB   C N N 62  
ASP CG   C N N 63  
ASP OD1  O N N 64  
ASP OD2  O N N 65  
ASP OXT  O N N 66  
ASP H    H N N 67  
ASP H2   H N N 68  
ASP HA   H N N 69  
ASP HB2  H N N 70  
ASP HB3  H N N 71  
ASP HD2  H N N 72  
ASP HXT  H N N 73  
BU5 C10  C Y N 74  
BU5 C13  C Y N 75  
BU5 C15  C N N 76  
BU5 C01  C Y N 77  
BU5 C02  C Y N 78  
BU5 C04  C Y N 79  
BU5 C05  C Y N 80  
BU5 C06  C Y N 81  
BU5 C07  C Y N 82  
BU5 C08  C Y N 83  
BU5 C12  C Y N 84  
BU5 N03  N Y N 85  
BU5 N09  N Y N 86  
BU5 N11  N Y N 87  
BU5 O16  O N N 88  
BU5 S14  S Y N 89  
BU5 H1   H N N 90  
BU5 H2   H N N 91  
BU5 H3   H N N 92  
BU5 H4   H N N 93  
BU5 H5   H N N 94  
BU5 H6   H N N 95  
BU5 H7   H N N 96  
BU5 H8   H N N 97  
BU5 H9   H N N 98  
CYS N    N N N 99  
CYS CA   C N R 100 
CYS C    C N N 101 
CYS O    O N N 102 
CYS CB   C N N 103 
CYS SG   S N N 104 
CYS OXT  O N N 105 
CYS H    H N N 106 
CYS H2   H N N 107 
CYS HA   H N N 108 
CYS HB2  H N N 109 
CYS HB3  H N N 110 
CYS HG   H N N 111 
CYS HXT  H N N 112 
GLN N    N N N 113 
GLN CA   C N S 114 
GLN C    C N N 115 
GLN O    O N N 116 
GLN CB   C N N 117 
GLN CG   C N N 118 
GLN CD   C N N 119 
GLN OE1  O N N 120 
GLN NE2  N N N 121 
GLN OXT  O N N 122 
GLN H    H N N 123 
GLN H2   H N N 124 
GLN HA   H N N 125 
GLN HB2  H N N 126 
GLN HB3  H N N 127 
GLN HG2  H N N 128 
GLN HG3  H N N 129 
GLN HE21 H N N 130 
GLN HE22 H N N 131 
GLN HXT  H N N 132 
GLU N    N N N 133 
GLU CA   C N S 134 
GLU C    C N N 135 
GLU O    O N N 136 
GLU CB   C N N 137 
GLU CG   C N N 138 
GLU CD   C N N 139 
GLU OE1  O N N 140 
GLU OE2  O N N 141 
GLU OXT  O N N 142 
GLU H    H N N 143 
GLU H2   H N N 144 
GLU HA   H N N 145 
GLU HB2  H N N 146 
GLU HB3  H N N 147 
GLU HG2  H N N 148 
GLU HG3  H N N 149 
GLU HE2  H N N 150 
GLU HXT  H N N 151 
GLY N    N N N 152 
GLY CA   C N N 153 
GLY C    C N N 154 
GLY O    O N N 155 
GLY OXT  O N N 156 
GLY H    H N N 157 
GLY H2   H N N 158 
GLY HA2  H N N 159 
GLY HA3  H N N 160 
GLY HXT  H N N 161 
HIS N    N N N 162 
HIS CA   C N S 163 
HIS C    C N N 164 
HIS O    O N N 165 
HIS CB   C N N 166 
HIS CG   C Y N 167 
HIS ND1  N Y N 168 
HIS CD2  C Y N 169 
HIS CE1  C Y N 170 
HIS NE2  N Y N 171 
HIS OXT  O N N 172 
HIS H    H N N 173 
HIS H2   H N N 174 
HIS HA   H N N 175 
HIS HB2  H N N 176 
HIS HB3  H N N 177 
HIS HD1  H N N 178 
HIS HD2  H N N 179 
HIS HE1  H N N 180 
HIS HE2  H N N 181 
HIS HXT  H N N 182 
HOH O    O N N 183 
HOH H1   H N N 184 
HOH H2   H N N 185 
ILE N    N N N 186 
ILE CA   C N S 187 
ILE C    C N N 188 
ILE O    O N N 189 
ILE CB   C N S 190 
ILE CG1  C N N 191 
ILE CG2  C N N 192 
ILE CD1  C N N 193 
ILE OXT  O N N 194 
ILE H    H N N 195 
ILE H2   H N N 196 
ILE HA   H N N 197 
ILE HB   H N N 198 
ILE HG12 H N N 199 
ILE HG13 H N N 200 
ILE HG21 H N N 201 
ILE HG22 H N N 202 
ILE HG23 H N N 203 
ILE HD11 H N N 204 
ILE HD12 H N N 205 
ILE HD13 H N N 206 
ILE HXT  H N N 207 
LEU N    N N N 208 
LEU CA   C N S 209 
LEU C    C N N 210 
LEU O    O N N 211 
LEU CB   C N N 212 
LEU CG   C N N 213 
LEU CD1  C N N 214 
LEU CD2  C N N 215 
LEU OXT  O N N 216 
LEU H    H N N 217 
LEU H2   H N N 218 
LEU HA   H N N 219 
LEU HB2  H N N 220 
LEU HB3  H N N 221 
LEU HG   H N N 222 
LEU HD11 H N N 223 
LEU HD12 H N N 224 
LEU HD13 H N N 225 
LEU HD21 H N N 226 
LEU HD22 H N N 227 
LEU HD23 H N N 228 
LEU HXT  H N N 229 
LYS N    N N N 230 
LYS CA   C N S 231 
LYS C    C N N 232 
LYS O    O N N 233 
LYS CB   C N N 234 
LYS CG   C N N 235 
LYS CD   C N N 236 
LYS CE   C N N 237 
LYS NZ   N N N 238 
LYS OXT  O N N 239 
LYS H    H N N 240 
LYS H2   H N N 241 
LYS HA   H N N 242 
LYS HB2  H N N 243 
LYS HB3  H N N 244 
LYS HG2  H N N 245 
LYS HG3  H N N 246 
LYS HD2  H N N 247 
LYS HD3  H N N 248 
LYS HE2  H N N 249 
LYS HE3  H N N 250 
LYS HZ1  H N N 251 
LYS HZ2  H N N 252 
LYS HZ3  H N N 253 
LYS HXT  H N N 254 
MET N    N N N 255 
MET CA   C N S 256 
MET C    C N N 257 
MET O    O N N 258 
MET CB   C N N 259 
MET CG   C N N 260 
MET SD   S N N 261 
MET CE   C N N 262 
MET OXT  O N N 263 
MET H    H N N 264 
MET H2   H N N 265 
MET HA   H N N 266 
MET HB2  H N N 267 
MET HB3  H N N 268 
MET HG2  H N N 269 
MET HG3  H N N 270 
MET HE1  H N N 271 
MET HE2  H N N 272 
MET HE3  H N N 273 
MET HXT  H N N 274 
PHE N    N N N 275 
PHE CA   C N S 276 
PHE C    C N N 277 
PHE O    O N N 278 
PHE CB   C N N 279 
PHE CG   C Y N 280 
PHE CD1  C Y N 281 
PHE CD2  C Y N 282 
PHE CE1  C Y N 283 
PHE CE2  C Y N 284 
PHE CZ   C Y N 285 
PHE OXT  O N N 286 
PHE H    H N N 287 
PHE H2   H N N 288 
PHE HA   H N N 289 
PHE HB2  H N N 290 
PHE HB3  H N N 291 
PHE HD1  H N N 292 
PHE HD2  H N N 293 
PHE HE1  H N N 294 
PHE HE2  H N N 295 
PHE HZ   H N N 296 
PHE HXT  H N N 297 
PRO N    N N N 298 
PRO CA   C N S 299 
PRO C    C N N 300 
PRO O    O N N 301 
PRO CB   C N N 302 
PRO CG   C N N 303 
PRO CD   C N N 304 
PRO OXT  O N N 305 
PRO H    H N N 306 
PRO HA   H N N 307 
PRO HB2  H N N 308 
PRO HB3  H N N 309 
PRO HG2  H N N 310 
PRO HG3  H N N 311 
PRO HD2  H N N 312 
PRO HD3  H N N 313 
PRO HXT  H N N 314 
SER N    N N N 315 
SER CA   C N S 316 
SER C    C N N 317 
SER O    O N N 318 
SER CB   C N N 319 
SER OG   O N N 320 
SER OXT  O N N 321 
SER H    H N N 322 
SER H2   H N N 323 
SER HA   H N N 324 
SER HB2  H N N 325 
SER HB3  H N N 326 
SER HG   H N N 327 
SER HXT  H N N 328 
SO4 S    S N N 329 
SO4 O1   O N N 330 
SO4 O2   O N N 331 
SO4 O3   O N N 332 
SO4 O4   O N N 333 
THR N    N N N 334 
THR CA   C N S 335 
THR C    C N N 336 
THR O    O N N 337 
THR CB   C N R 338 
THR OG1  O N N 339 
THR CG2  C N N 340 
THR OXT  O N N 341 
THR H    H N N 342 
THR H2   H N N 343 
THR HA   H N N 344 
THR HB   H N N 345 
THR HG1  H N N 346 
THR HG21 H N N 347 
THR HG22 H N N 348 
THR HG23 H N N 349 
THR HXT  H N N 350 
TRP N    N N N 351 
TRP CA   C N S 352 
TRP C    C N N 353 
TRP O    O N N 354 
TRP CB   C N N 355 
TRP CG   C Y N 356 
TRP CD1  C Y N 357 
TRP CD2  C Y N 358 
TRP NE1  N Y N 359 
TRP CE2  C Y N 360 
TRP CE3  C Y N 361 
TRP CZ2  C Y N 362 
TRP CZ3  C Y N 363 
TRP CH2  C Y N 364 
TRP OXT  O N N 365 
TRP H    H N N 366 
TRP H2   H N N 367 
TRP HA   H N N 368 
TRP HB2  H N N 369 
TRP HB3  H N N 370 
TRP HD1  H N N 371 
TRP HE1  H N N 372 
TRP HE3  H N N 373 
TRP HZ2  H N N 374 
TRP HZ3  H N N 375 
TRP HH2  H N N 376 
TRP HXT  H N N 377 
TYR N    N N N 378 
TYR CA   C N S 379 
TYR C    C N N 380 
TYR O    O N N 381 
TYR CB   C N N 382 
TYR CG   C Y N 383 
TYR CD1  C Y N 384 
TYR CD2  C Y N 385 
TYR CE1  C Y N 386 
TYR CE2  C Y N 387 
TYR CZ   C Y N 388 
TYR OH   O N N 389 
TYR OXT  O N N 390 
TYR H    H N N 391 
TYR H2   H N N 392 
TYR HA   H N N 393 
TYR HB2  H N N 394 
TYR HB3  H N N 395 
TYR HD1  H N N 396 
TYR HD2  H N N 397 
TYR HE1  H N N 398 
TYR HE2  H N N 399 
TYR HH   H N N 400 
TYR HXT  H N N 401 
VAL N    N N N 402 
VAL CA   C N S 403 
VAL C    C N N 404 
VAL O    O N N 405 
VAL CB   C N N 406 
VAL CG1  C N N 407 
VAL CG2  C N N 408 
VAL OXT  O N N 409 
VAL H    H N N 410 
VAL H2   H N N 411 
VAL HA   H N N 412 
VAL HB   H N N 413 
VAL HG11 H N N 414 
VAL HG12 H N N 415 
VAL HG13 H N N 416 
VAL HG21 H N N 417 
VAL HG22 H N N 418 
VAL HG23 H N N 419 
VAL HXT  H N N 420 
# 
loop_
_chem_comp_bond.comp_id 
_chem_comp_bond.atom_id_1 
_chem_comp_bond.atom_id_2 
_chem_comp_bond.value_order 
_chem_comp_bond.pdbx_aromatic_flag 
_chem_comp_bond.pdbx_stereo_config 
_chem_comp_bond.pdbx_ordinal 
ALA N   CA   sing N N 1   
ALA N   H    sing N N 2   
ALA N   H2   sing N N 3   
ALA CA  C    sing N N 4   
ALA CA  CB   sing N N 5   
ALA CA  HA   sing N N 6   
ALA C   O    doub N N 7   
ALA C   OXT  sing N N 8   
ALA CB  HB1  sing N N 9   
ALA CB  HB2  sing N N 10  
ALA CB  HB3  sing N N 11  
ALA OXT HXT  sing N N 12  
ARG N   CA   sing N N 13  
ARG N   H    sing N N 14  
ARG N   H2   sing N N 15  
ARG CA  C    sing N N 16  
ARG CA  CB   sing N N 17  
ARG CA  HA   sing N N 18  
ARG C   O    doub N N 19  
ARG C   OXT  sing N N 20  
ARG CB  CG   sing N N 21  
ARG CB  HB2  sing N N 22  
ARG CB  HB3  sing N N 23  
ARG CG  CD   sing N N 24  
ARG CG  HG2  sing N N 25  
ARG CG  HG3  sing N N 26  
ARG CD  NE   sing N N 27  
ARG CD  HD2  sing N N 28  
ARG CD  HD3  sing N N 29  
ARG NE  CZ   sing N N 30  
ARG NE  HE   sing N N 31  
ARG CZ  NH1  sing N N 32  
ARG CZ  NH2  doub N N 33  
ARG NH1 HH11 sing N N 34  
ARG NH1 HH12 sing N N 35  
ARG NH2 HH21 sing N N 36  
ARG NH2 HH22 sing N N 37  
ARG OXT HXT  sing N N 38  
ASN N   CA   sing N N 39  
ASN N   H    sing N N 40  
ASN N   H2   sing N N 41  
ASN CA  C    sing N N 42  
ASN CA  CB   sing N N 43  
ASN CA  HA   sing N N 44  
ASN C   O    doub N N 45  
ASN C   OXT  sing N N 46  
ASN CB  CG   sing N N 47  
ASN CB  HB2  sing N N 48  
ASN CB  HB3  sing N N 49  
ASN CG  OD1  doub N N 50  
ASN CG  ND2  sing N N 51  
ASN ND2 HD21 sing N N 52  
ASN ND2 HD22 sing N N 53  
ASN OXT HXT  sing N N 54  
ASP N   CA   sing N N 55  
ASP N   H    sing N N 56  
ASP N   H2   sing N N 57  
ASP CA  C    sing N N 58  
ASP CA  CB   sing N N 59  
ASP CA  HA   sing N N 60  
ASP C   O    doub N N 61  
ASP C   OXT  sing N N 62  
ASP CB  CG   sing N N 63  
ASP CB  HB2  sing N N 64  
ASP CB  HB3  sing N N 65  
ASP CG  OD1  doub N N 66  
ASP CG  OD2  sing N N 67  
ASP OD2 HD2  sing N N 68  
ASP OXT HXT  sing N N 69  
BU5 C02 C01  doub Y N 70  
BU5 C02 N03  sing Y N 71  
BU5 C01 C05  sing Y N 72  
BU5 N03 C04  sing Y N 73  
BU5 C15 O16  sing N N 74  
BU5 C15 C12  sing N N 75  
BU5 C05 C04  doub Y N 76  
BU5 C05 C06  sing Y N 77  
BU5 N11 C12  sing Y N 78  
BU5 N11 C10  doub Y N 79  
BU5 C12 C13  doub Y N 80  
BU5 C04 N09  sing Y N 81  
BU5 C10 C06  sing N N 82  
BU5 C10 S14  sing Y N 83  
BU5 C06 C07  doub Y N 84  
BU5 C13 S14  sing Y N 85  
BU5 N09 C08  doub Y N 86  
BU5 C07 C08  sing Y N 87  
BU5 C13 H1   sing N N 88  
BU5 C15 H2   sing N N 89  
BU5 C15 H3   sing N N 90  
BU5 C01 H4   sing N N 91  
BU5 C02 H5   sing N N 92  
BU5 C07 H6   sing N N 93  
BU5 C08 H7   sing N N 94  
BU5 N03 H8   sing N N 95  
BU5 O16 H9   sing N N 96  
CYS N   CA   sing N N 97  
CYS N   H    sing N N 98  
CYS N   H2   sing N N 99  
CYS CA  C    sing N N 100 
CYS CA  CB   sing N N 101 
CYS CA  HA   sing N N 102 
CYS C   O    doub N N 103 
CYS C   OXT  sing N N 104 
CYS CB  SG   sing N N 105 
CYS CB  HB2  sing N N 106 
CYS CB  HB3  sing N N 107 
CYS SG  HG   sing N N 108 
CYS OXT HXT  sing N N 109 
GLN N   CA   sing N N 110 
GLN N   H    sing N N 111 
GLN N   H2   sing N N 112 
GLN CA  C    sing N N 113 
GLN CA  CB   sing N N 114 
GLN CA  HA   sing N N 115 
GLN C   O    doub N N 116 
GLN C   OXT  sing N N 117 
GLN CB  CG   sing N N 118 
GLN CB  HB2  sing N N 119 
GLN CB  HB3  sing N N 120 
GLN CG  CD   sing N N 121 
GLN CG  HG2  sing N N 122 
GLN CG  HG3  sing N N 123 
GLN CD  OE1  doub N N 124 
GLN CD  NE2  sing N N 125 
GLN NE2 HE21 sing N N 126 
GLN NE2 HE22 sing N N 127 
GLN OXT HXT  sing N N 128 
GLU N   CA   sing N N 129 
GLU N   H    sing N N 130 
GLU N   H2   sing N N 131 
GLU CA  C    sing N N 132 
GLU CA  CB   sing N N 133 
GLU CA  HA   sing N N 134 
GLU C   O    doub N N 135 
GLU C   OXT  sing N N 136 
GLU CB  CG   sing N N 137 
GLU CB  HB2  sing N N 138 
GLU CB  HB3  sing N N 139 
GLU CG  CD   sing N N 140 
GLU CG  HG2  sing N N 141 
GLU CG  HG3  sing N N 142 
GLU CD  OE1  doub N N 143 
GLU CD  OE2  sing N N 144 
GLU OE2 HE2  sing N N 145 
GLU OXT HXT  sing N N 146 
GLY N   CA   sing N N 147 
GLY N   H    sing N N 148 
GLY N   H2   sing N N 149 
GLY CA  C    sing N N 150 
GLY CA  HA2  sing N N 151 
GLY CA  HA3  sing N N 152 
GLY C   O    doub N N 153 
GLY C   OXT  sing N N 154 
GLY OXT HXT  sing N N 155 
HIS N   CA   sing N N 156 
HIS N   H    sing N N 157 
HIS N   H2   sing N N 158 
HIS CA  C    sing N N 159 
HIS CA  CB   sing N N 160 
HIS CA  HA   sing N N 161 
HIS C   O    doub N N 162 
HIS C   OXT  sing N N 163 
HIS CB  CG   sing N N 164 
HIS CB  HB2  sing N N 165 
HIS CB  HB3  sing N N 166 
HIS CG  ND1  sing Y N 167 
HIS CG  CD2  doub Y N 168 
HIS ND1 CE1  doub Y N 169 
HIS ND1 HD1  sing N N 170 
HIS CD2 NE2  sing Y N 171 
HIS CD2 HD2  sing N N 172 
HIS CE1 NE2  sing Y N 173 
HIS CE1 HE1  sing N N 174 
HIS NE2 HE2  sing N N 175 
HIS OXT HXT  sing N N 176 
HOH O   H1   sing N N 177 
HOH O   H2   sing N N 178 
ILE N   CA   sing N N 179 
ILE N   H    sing N N 180 
ILE N   H2   sing N N 181 
ILE CA  C    sing N N 182 
ILE CA  CB   sing N N 183 
ILE CA  HA   sing N N 184 
ILE C   O    doub N N 185 
ILE C   OXT  sing N N 186 
ILE CB  CG1  sing N N 187 
ILE CB  CG2  sing N N 188 
ILE CB  HB   sing N N 189 
ILE CG1 CD1  sing N N 190 
ILE CG1 HG12 sing N N 191 
ILE CG1 HG13 sing N N 192 
ILE CG2 HG21 sing N N 193 
ILE CG2 HG22 sing N N 194 
ILE CG2 HG23 sing N N 195 
ILE CD1 HD11 sing N N 196 
ILE CD1 HD12 sing N N 197 
ILE CD1 HD13 sing N N 198 
ILE OXT HXT  sing N N 199 
LEU N   CA   sing N N 200 
LEU N   H    sing N N 201 
LEU N   H2   sing N N 202 
LEU CA  C    sing N N 203 
LEU CA  CB   sing N N 204 
LEU CA  HA   sing N N 205 
LEU C   O    doub N N 206 
LEU C   OXT  sing N N 207 
LEU CB  CG   sing N N 208 
LEU CB  HB2  sing N N 209 
LEU CB  HB3  sing N N 210 
LEU CG  CD1  sing N N 211 
LEU CG  CD2  sing N N 212 
LEU CG  HG   sing N N 213 
LEU CD1 HD11 sing N N 214 
LEU CD1 HD12 sing N N 215 
LEU CD1 HD13 sing N N 216 
LEU CD2 HD21 sing N N 217 
LEU CD2 HD22 sing N N 218 
LEU CD2 HD23 sing N N 219 
LEU OXT HXT  sing N N 220 
LYS N   CA   sing N N 221 
LYS N   H    sing N N 222 
LYS N   H2   sing N N 223 
LYS CA  C    sing N N 224 
LYS CA  CB   sing N N 225 
LYS CA  HA   sing N N 226 
LYS C   O    doub N N 227 
LYS C   OXT  sing N N 228 
LYS CB  CG   sing N N 229 
LYS CB  HB2  sing N N 230 
LYS CB  HB3  sing N N 231 
LYS CG  CD   sing N N 232 
LYS CG  HG2  sing N N 233 
LYS CG  HG3  sing N N 234 
LYS CD  CE   sing N N 235 
LYS CD  HD2  sing N N 236 
LYS CD  HD3  sing N N 237 
LYS CE  NZ   sing N N 238 
LYS CE  HE2  sing N N 239 
LYS CE  HE3  sing N N 240 
LYS NZ  HZ1  sing N N 241 
LYS NZ  HZ2  sing N N 242 
LYS NZ  HZ3  sing N N 243 
LYS OXT HXT  sing N N 244 
MET N   CA   sing N N 245 
MET N   H    sing N N 246 
MET N   H2   sing N N 247 
MET CA  C    sing N N 248 
MET CA  CB   sing N N 249 
MET CA  HA   sing N N 250 
MET C   O    doub N N 251 
MET C   OXT  sing N N 252 
MET CB  CG   sing N N 253 
MET CB  HB2  sing N N 254 
MET CB  HB3  sing N N 255 
MET CG  SD   sing N N 256 
MET CG  HG2  sing N N 257 
MET CG  HG3  sing N N 258 
MET SD  CE   sing N N 259 
MET CE  HE1  sing N N 260 
MET CE  HE2  sing N N 261 
MET CE  HE3  sing N N 262 
MET OXT HXT  sing N N 263 
PHE N   CA   sing N N 264 
PHE N   H    sing N N 265 
PHE N   H2   sing N N 266 
PHE CA  C    sing N N 267 
PHE CA  CB   sing N N 268 
PHE CA  HA   sing N N 269 
PHE C   O    doub N N 270 
PHE C   OXT  sing N N 271 
PHE CB  CG   sing N N 272 
PHE CB  HB2  sing N N 273 
PHE CB  HB3  sing N N 274 
PHE CG  CD1  doub Y N 275 
PHE CG  CD2  sing Y N 276 
PHE CD1 CE1  sing Y N 277 
PHE CD1 HD1  sing N N 278 
PHE CD2 CE2  doub Y N 279 
PHE CD2 HD2  sing N N 280 
PHE CE1 CZ   doub Y N 281 
PHE CE1 HE1  sing N N 282 
PHE CE2 CZ   sing Y N 283 
PHE CE2 HE2  sing N N 284 
PHE CZ  HZ   sing N N 285 
PHE OXT HXT  sing N N 286 
PRO N   CA   sing N N 287 
PRO N   CD   sing N N 288 
PRO N   H    sing N N 289 
PRO CA  C    sing N N 290 
PRO CA  CB   sing N N 291 
PRO CA  HA   sing N N 292 
PRO C   O    doub N N 293 
PRO C   OXT  sing N N 294 
PRO CB  CG   sing N N 295 
PRO CB  HB2  sing N N 296 
PRO CB  HB3  sing N N 297 
PRO CG  CD   sing N N 298 
PRO CG  HG2  sing N N 299 
PRO CG  HG3  sing N N 300 
PRO CD  HD2  sing N N 301 
PRO CD  HD3  sing N N 302 
PRO OXT HXT  sing N N 303 
SER N   CA   sing N N 304 
SER N   H    sing N N 305 
SER N   H2   sing N N 306 
SER CA  C    sing N N 307 
SER CA  CB   sing N N 308 
SER CA  HA   sing N N 309 
SER C   O    doub N N 310 
SER C   OXT  sing N N 311 
SER CB  OG   sing N N 312 
SER CB  HB2  sing N N 313 
SER CB  HB3  sing N N 314 
SER OG  HG   sing N N 315 
SER OXT HXT  sing N N 316 
SO4 S   O1   doub N N 317 
SO4 S   O2   doub N N 318 
SO4 S   O3   sing N N 319 
SO4 S   O4   sing N N 320 
THR N   CA   sing N N 321 
THR N   H    sing N N 322 
THR N   H2   sing N N 323 
THR CA  C    sing N N 324 
THR CA  CB   sing N N 325 
THR CA  HA   sing N N 326 
THR C   O    doub N N 327 
THR C   OXT  sing N N 328 
THR CB  OG1  sing N N 329 
THR CB  CG2  sing N N 330 
THR CB  HB   sing N N 331 
THR OG1 HG1  sing N N 332 
THR CG2 HG21 sing N N 333 
THR CG2 HG22 sing N N 334 
THR CG2 HG23 sing N N 335 
THR OXT HXT  sing N N 336 
TRP N   CA   sing N N 337 
TRP N   H    sing N N 338 
TRP N   H2   sing N N 339 
TRP CA  C    sing N N 340 
TRP CA  CB   sing N N 341 
TRP CA  HA   sing N N 342 
TRP C   O    doub N N 343 
TRP C   OXT  sing N N 344 
TRP CB  CG   sing N N 345 
TRP CB  HB2  sing N N 346 
TRP CB  HB3  sing N N 347 
TRP CG  CD1  doub Y N 348 
TRP CG  CD2  sing Y N 349 
TRP CD1 NE1  sing Y N 350 
TRP CD1 HD1  sing N N 351 
TRP CD2 CE2  doub Y N 352 
TRP CD2 CE3  sing Y N 353 
TRP NE1 CE2  sing Y N 354 
TRP NE1 HE1  sing N N 355 
TRP CE2 CZ2  sing Y N 356 
TRP CE3 CZ3  doub Y N 357 
TRP CE3 HE3  sing N N 358 
TRP CZ2 CH2  doub Y N 359 
TRP CZ2 HZ2  sing N N 360 
TRP CZ3 CH2  sing Y N 361 
TRP CZ3 HZ3  sing N N 362 
TRP CH2 HH2  sing N N 363 
TRP OXT HXT  sing N N 364 
TYR N   CA   sing N N 365 
TYR N   H    sing N N 366 
TYR N   H2   sing N N 367 
TYR CA  C    sing N N 368 
TYR CA  CB   sing N N 369 
TYR CA  HA   sing N N 370 
TYR C   O    doub N N 371 
TYR C   OXT  sing N N 372 
TYR CB  CG   sing N N 373 
TYR CB  HB2  sing N N 374 
TYR CB  HB3  sing N N 375 
TYR CG  CD1  doub Y N 376 
TYR CG  CD2  sing Y N 377 
TYR CD1 CE1  sing Y N 378 
TYR CD1 HD1  sing N N 379 
TYR CD2 CE2  doub Y N 380 
TYR CD2 HD2  sing N N 381 
TYR CE1 CZ   doub Y N 382 
TYR CE1 HE1  sing N N 383 
TYR CE2 CZ   sing Y N 384 
TYR CE2 HE2  sing N N 385 
TYR CZ  OH   sing N N 386 
TYR OH  HH   sing N N 387 
TYR OXT HXT  sing N N 388 
VAL N   CA   sing N N 389 
VAL N   H    sing N N 390 
VAL N   H2   sing N N 391 
VAL CA  C    sing N N 392 
VAL CA  CB   sing N N 393 
VAL CA  HA   sing N N 394 
VAL C   O    doub N N 395 
VAL C   OXT  sing N N 396 
VAL CB  CG1  sing N N 397 
VAL CB  CG2  sing N N 398 
VAL CB  HB   sing N N 399 
VAL CG1 HG11 sing N N 400 
VAL CG1 HG12 sing N N 401 
VAL CG1 HG13 sing N N 402 
VAL CG2 HG21 sing N N 403 
VAL CG2 HG22 sing N N 404 
VAL CG2 HG23 sing N N 405 
VAL OXT HXT  sing N N 406 
# 
_pdbx_audit_support.funding_organization   'University of Zurich' 
_pdbx_audit_support.country                Switzerland 
_pdbx_audit_support.grant_number           FK-16-032 
_pdbx_audit_support.ordinal                1 
# 
_pdbx_entity_instance_feature.ordinal        1 
_pdbx_entity_instance_feature.comp_id        BU5 
_pdbx_entity_instance_feature.asym_id        ? 
_pdbx_entity_instance_feature.seq_num        ? 
_pdbx_entity_instance_feature.auth_comp_id   BU5 
_pdbx_entity_instance_feature.auth_asym_id   ? 
_pdbx_entity_instance_feature.auth_seq_num   ? 
_pdbx_entity_instance_feature.feature_type   'SUBJECT OF INVESTIGATION' 
_pdbx_entity_instance_feature.details        ? 
# 
_atom_sites.entry_id                    6EQ3 
_atom_sites.fract_transf_matrix[1][1]   -0.00326881 
_atom_sites.fract_transf_matrix[1][2]   0.01598885 
_atom_sites.fract_transf_matrix[1][3]   0.00214548 
_atom_sites.fract_transf_matrix[2][1]   -0.00987398 
_atom_sites.fract_transf_matrix[2][2]   -0.00348936 
_atom_sites.fract_transf_matrix[2][3]   0.01096012 
_atom_sites.fract_transf_matrix[3][1]   0.02023031 
_atom_sites.fract_transf_matrix[3][2]   0.00162108 
_atom_sites.fract_transf_matrix[3][3]   0.01874159 
_atom_sites.fract_transf_vector[1]      -0.271429 
_atom_sites.fract_transf_vector[2]      0.204841 
_atom_sites.fract_transf_vector[3]      -0.754947 
# 
loop_
_atom_type.symbol 
C 
N 
O 
S 
# 
loop_
_atom_site.group_PDB 
_atom_site.id 
_atom_site.type_symbol 
_atom_site.label_atom_id 
_atom_site.label_alt_id 
_atom_site.label_comp_id 
_atom_site.label_asym_id 
_atom_site.label_entity_id 
_atom_site.label_seq_id 
_atom_site.pdbx_PDB_ins_code 
_atom_site.Cartn_x 
_atom_site.Cartn_y 
_atom_site.Cartn_z 
_atom_site.occupancy 
_atom_site.B_iso_or_equiv 
_atom_site.pdbx_formal_charge 
_atom_site.auth_seq_id 
_atom_site.auth_comp_id 
_atom_site.auth_asym_id 
_atom_site.auth_atom_id 
_atom_site.pdbx_PDB_model_num 
ATOM   1    N N   . ALA A 1 29  ? 18.582  4.035   -9.521  1.00 25.90 ? 3   ALA A N   1 
ATOM   2    C CA  . ALA A 1 29  ? 18.721  3.258   -8.296  1.00 33.42 ? 3   ALA A CA  1 
ATOM   3    C C   . ALA A 1 29  ? 17.390  3.169   -7.559  1.00 25.70 ? 3   ALA A C   1 
ATOM   4    O O   . ALA A 1 29  ? 17.162  3.887   -6.588  1.00 22.10 ? 3   ALA A O   1 
ATOM   5    C CB  . ALA A 1 29  ? 19.780  3.868   -7.395  1.00 31.19 ? 3   ALA A CB  1 
ATOM   6    N N   . SER A 1 30  ? 16.508  2.291   -8.030  1.00 21.27 ? 4   SER A N   1 
ATOM   7    C CA  . SER A 1 30  ? 15.207  2.108   -7.407  1.00 14.65 ? 4   SER A CA  1 
ATOM   8    C C   . SER A 1 30  ? 14.904  0.622   -7.301  1.00 23.79 ? 4   SER A C   1 
ATOM   9    O O   . SER A 1 30  ? 15.355  -0.178  -8.123  1.00 26.42 ? 4   SER A O   1 
ATOM   10   C CB  . SER A 1 30  ? 14.094  2.818   -8.190  1.00 22.98 ? 4   SER A CB  1 
ATOM   11   O OG  . SER A 1 30  ? 13.866  2.194   -9.439  1.00 30.32 ? 4   SER A OG  1 
ATOM   12   N N   . ARG A 1 31  ? 14.147  0.265   -6.267  1.00 18.37 ? 5   ARG A N   1 
ATOM   13   C CA  . ARG A 1 31  ? 13.705  -1.102  -6.022  1.00 17.54 ? 5   ARG A CA  1 
ATOM   14   C C   . ARG A 1 31  ? 12.194  -1.182  -6.198  1.00 15.18 ? 5   ARG A C   1 
ATOM   15   O O   . ARG A 1 31  ? 11.464  -0.277  -5.782  1.00 11.43 ? 5   ARG A O   1 
ATOM   16   C CB  . ARG A 1 31  ? 14.090  -1.553  -4.609  1.00 16.50 ? 5   ARG A CB  1 
ATOM   17   C CG  . ARG A 1 31  ? 13.702  -2.988  -4.254  1.00 17.64 ? 5   ARG A CG  1 
ATOM   18   C CD  . ARG A 1 31  ? 14.865  -3.929  -4.467  1.00 22.98 ? 5   ARG A CD  1 
ATOM   19   N NE  . ARG A 1 31  ? 14.551  -5.315  -4.128  1.00 26.50 ? 5   ARG A NE  1 
ATOM   20   C CZ  . ARG A 1 31  ? 15.057  -5.966  -3.084  1.00 35.52 ? 5   ARG A CZ  1 
ATOM   21   N NH1 . ARG A 1 31  ? 15.899  -5.356  -2.259  1.00 33.49 ? 5   ARG A NH1 1 
ATOM   22   N NH2 . ARG A 1 31  ? 14.724  -7.232  -2.867  1.00 30.71 ? 5   ARG A NH2 1 
ATOM   23   N N   . LEU A 1 32  ? 11.725  -2.269  -6.806  1.00 13.90 ? 6   LEU A N   1 
ATOM   24   C CA  . LEU A 1 32  ? 10.300  -2.437  -7.061  1.00 10.79 ? 6   LEU A CA  1 
ATOM   25   C C   . LEU A 1 32  ? 9.586   -3.004  -5.839  1.00 11.37 ? 6   LEU A C   1 
ATOM   26   O O   . LEU A 1 32  ? 10.020  -4.007  -5.265  1.00 12.09 ? 6   LEU A O   1 
ATOM   27   C CB  . LEU A 1 32  ? 10.084  -3.361  -8.260  1.00 14.22 ? 6   LEU A CB  1 
ATOM   28   C CG  . LEU A 1 32  ? 10.366  -2.785  -9.647  1.00 15.71 ? 6   LEU A CG  1 
ATOM   29   C CD1 . LEU A 1 32  ? 10.280  -3.891  -10.690 1.00 15.69 ? 6   LEU A CD1 1 
ATOM   30   C CD2 . LEU A 1 32  ? 9.409   -1.657  -9.988  1.00 18.20 ? 6   LEU A CD2 1 
ATOM   31   N N   . TYR A 1 33  ? 8.476   -2.368  -5.458  1.00 6.47  ? 7   TYR A N   1 
ATOM   32   C CA  . TYR A 1 33  ? 7.589   -2.851  -4.411  1.00 7.08  ? 7   TYR A CA  1 
ATOM   33   C C   . TYR A 1 33  ? 6.147   -2.783  -4.902  1.00 7.58  ? 7   TYR A C   1 
ATOM   34   O O   . TYR A 1 33  ? 5.825   -2.060  -5.851  1.00 7.79  ? 7   TYR A O   1 
ATOM   35   C CB  . TYR A 1 33  ? 7.692   -2.022  -3.119  1.00 8.08  ? 7   TYR A CB  1 
ATOM   36   C CG  . TYR A 1 33  ? 9.029   -2.072  -2.423  1.00 7.24  ? 7   TYR A CG  1 
ATOM   37   C CD1 . TYR A 1 33  ? 10.089  -1.305  -2.872  1.00 12.36 ? 7   TYR A CD1 1 
ATOM   38   C CD2 . TYR A 1 33  ? 9.215   -2.861  -1.294  1.00 11.92 ? 7   TYR A CD2 1 
ATOM   39   C CE1 . TYR A 1 33  ? 11.313  -1.342  -2.244  1.00 13.16 ? 7   TYR A CE1 1 
ATOM   40   C CE2 . TYR A 1 33  ? 10.433  -2.898  -0.651  1.00 14.98 ? 7   TYR A CE2 1 
ATOM   41   C CZ  . TYR A 1 33  ? 11.478  -2.135  -1.127  1.00 12.53 ? 7   TYR A CZ  1 
ATOM   42   O OH  . TYR A 1 33  ? 12.699  -2.163  -0.488  1.00 18.91 ? 7   TYR A OH  1 
ATOM   43   N N   . THR A 1 34  ? 5.275   -3.518  -4.219  1.00 9.32  ? 8   THR A N   1 
ATOM   44   C CA  . THR A 1 34  ? 3.848   -3.485  -4.493  1.00 9.19  ? 8   THR A CA  1 
ATOM   45   C C   . THR A 1 34  ? 3.086   -3.089  -3.236  1.00 7.85  ? 8   THR A C   1 
ATOM   46   O O   . THR A 1 34  ? 3.588   -3.210  -2.114  1.00 8.52  ? 8   THR A O   1 
ATOM   47   C CB  . THR A 1 34  ? 3.347   -4.840  -4.989  1.00 9.62  ? 8   THR A CB  1 
ATOM   48   O OG1 . THR A 1 34  ? 3.543   -5.822  -3.962  1.00 12.56 ? 8   THR A OG1 1 
ATOM   49   C CG2 . THR A 1 34  ? 4.105   -5.250  -6.249  1.00 10.84 ? 8   THR A CG2 1 
ATOM   50   N N   . LEU A 1 35  ? 1.860   -2.610  -3.444  1.00 8.12  ? 9   LEU A N   1 
ATOM   51   C CA  . LEU A 1 35  ? 0.934   -2.315  -2.358  1.00 8.29  ? 9   LEU A CA  1 
ATOM   52   C C   . LEU A 1 35  ? -0.472  -2.573  -2.874  1.00 9.07  ? 9   LEU A C   1 
ATOM   53   O O   . LEU A 1 35  ? -0.829  -2.076  -3.944  1.00 8.29  ? 9   LEU A O   1 
ATOM   54   C CB  . LEU A 1 35  ? 1.078   -0.861  -1.884  1.00 8.55  ? 9   LEU A CB  1 
ATOM   55   C CG  . LEU A 1 35  ? 0.288   -0.487  -0.627  1.00 10.60 ? 9   LEU A CG  1 
ATOM   56   C CD1 . LEU A 1 35  ? 0.903   -1.116  0.607   1.00 9.47  ? 9   LEU A CD1 1 
ATOM   57   C CD2 . LEU A 1 35  ? 0.190   1.032   -0.468  1.00 8.00  ? 9   LEU A CD2 1 
ATOM   58   N N   . VAL A 1 36  ? -1.262  -3.351  -2.130  1.00 9.00  ? 10  VAL A N   1 
ATOM   59   C CA  . VAL A 1 36  ? -2.618  -3.716  -2.534  1.00 6.74  ? 10  VAL A CA  1 
ATOM   60   C C   . VAL A 1 36  ? -3.602  -3.211  -1.491  1.00 7.98  ? 10  VAL A C   1 
ATOM   61   O O   . VAL A 1 36  ? -3.463  -3.519  -0.299  1.00 7.48  ? 10  VAL A O   1 
ATOM   62   C CB  . VAL A 1 36  ? -2.777  -5.237  -2.714  1.00 5.96  ? 10  VAL A CB  1 
ATOM   63   C CG1 . VAL A 1 36  ? -4.225  -5.581  -2.982  1.00 8.63  ? 10  VAL A CG1 1 
ATOM   64   C CG2 . VAL A 1 36  ? -1.913  -5.721  -3.862  1.00 8.84  ? 10  VAL A CG2 1 
ATOM   65   N N   . LEU A 1 37  ? -4.603  -2.457  -1.942  1.00 10.25 ? 11  LEU A N   1 
ATOM   66   C CA  . LEU A 1 37  ? -5.698  -1.993  -1.100  1.00 10.29 ? 11  LEU A CA  1 
ATOM   67   C C   . LEU A 1 37  ? -6.972  -2.722  -1.503  1.00 9.86  ? 11  LEU A C   1 
ATOM   68   O O   . LEU A 1 37  ? -7.426  -2.597  -2.646  1.00 8.95  ? 11  LEU A O   1 
ATOM   69   C CB  . LEU A 1 37  ? -5.903  -0.482  -1.227  1.00 7.47  ? 11  LEU A CB  1 
ATOM   70   C CG  . LEU A 1 37  ? -4.940  0.443   -0.476  1.00 17.26 ? 11  LEU A CG  1 
ATOM   71   C CD1 . LEU A 1 37  ? -4.804  0.011   0.988   1.00 12.23 ? 11  LEU A CD1 1 
ATOM   72   C CD2 . LEU A 1 37  ? -3.588  0.522   -1.161  1.00 23.66 ? 11  LEU A CD2 1 
ATOM   73   N N   . VAL A 1 38  ? -7.543  -3.480  -0.568  1.00 8.23  ? 12  VAL A N   1 
ATOM   74   C CA  . VAL A 1 38  ? -8.842  -4.117  -0.771  1.00 6.31  ? 12  VAL A CA  1 
ATOM   75   C C   . VAL A 1 38  ? -9.895  -3.074  -0.412  1.00 6.63  ? 12  VAL A C   1 
ATOM   76   O O   . VAL A 1 38  ? -10.205 -2.863  0.762   1.00 10.44 ? 12  VAL A O   1 
ATOM   77   C CB  . VAL A 1 38  ? -8.990  -5.392  0.063   1.00 11.85 ? 12  VAL A CB  1 
ATOM   78   C CG1 . VAL A 1 38  ? -10.340 -6.041  -0.187  1.00 17.10 ? 12  VAL A CG1 1 
ATOM   79   C CG2 . VAL A 1 38  ? -7.862  -6.357  -0.263  1.00 13.54 ? 12  VAL A CG2 1 
ATOM   80   N N   . LEU A 1 39  ? -10.436 -2.406  -1.430  1.00 10.62 ? 13  LEU A N   1 
ATOM   81   C CA  . LEU A 1 39  ? -11.296 -1.238  -1.262  1.00 10.82 ? 13  LEU A CA  1 
ATOM   82   C C   . LEU A 1 39  ? -12.684 -1.572  -1.785  1.00 17.17 ? 13  LEU A C   1 
ATOM   83   O O   . LEU A 1 39  ? -12.878 -1.738  -2.995  1.00 14.22 ? 13  LEU A O   1 
ATOM   84   C CB  . LEU A 1 39  ? -10.720 -0.025  -1.996  1.00 10.61 ? 13  LEU A CB  1 
ATOM   85   C CG  . LEU A 1 39  ? -11.579 1.241   -1.924  1.00 12.42 ? 13  LEU A CG  1 
ATOM   86   C CD1 . LEU A 1 39  ? -11.807 1.658   -0.474  1.00 13.03 ? 13  LEU A CD1 1 
ATOM   87   C CD2 . LEU A 1 39  ? -10.943 2.373   -2.710  1.00 17.19 ? 13  LEU A CD2 1 
ATOM   88   N N   . GLN A 1 40  ? -13.643 -1.659  -0.881  1.00 10.44 ? 14  GLN A N   1 
ATOM   89   C CA  . GLN A 1 40  ? -15.029 -1.937  -1.186  1.00 11.25 ? 14  GLN A CA  1 
ATOM   90   C C   . GLN A 1 40  ? -15.852 -0.665  -0.993  1.00 9.47  ? 14  GLN A C   1 
ATOM   91   O O   . GLN A 1 40  ? -15.356 0.324   -0.445  1.00 16.99 ? 14  GLN A O   1 
ATOM   92   C CB  . GLN A 1 40  ? -15.516 -3.087  -0.293  1.00 12.19 ? 14  GLN A CB  1 
ATOM   93   C CG  . GLN A 1 40  ? -14.773 -4.385  -0.619  1.00 16.99 ? 14  GLN A CG  1 
ATOM   94   C CD  . GLN A 1 40  ? -15.189 -5.564  0.236   1.00 20.61 ? 14  GLN A CD  1 
ATOM   95   O OE1 . GLN A 1 40  ? -15.791 -5.404  1.293   1.00 17.97 ? 14  GLN A OE1 1 
ATOM   96   N NE2 . GLN A 1 40  ? -14.861 -6.764  -0.222  1.00 22.83 ? 14  GLN A NE2 1 
ATOM   97   N N   . PRO A 1 41  ? -17.106 -0.639  -1.464  1.00 18.66 ? 15  PRO A N   1 
ATOM   98   C CA  . PRO A 1 41  ? -17.833 0.643   -1.500  1.00 21.73 ? 15  PRO A CA  1 
ATOM   99   C C   . PRO A 1 41  ? -17.923 1.359   -0.164  1.00 25.34 ? 15  PRO A C   1 
ATOM   100  O O   . PRO A 1 41  ? -17.916 2.596   -0.145  1.00 24.45 ? 15  PRO A O   1 
ATOM   101  C CB  . PRO A 1 41  ? -19.218 0.238   -2.018  1.00 22.15 ? 15  PRO A CB  1 
ATOM   102  C CG  . PRO A 1 41  ? -18.958 -0.951  -2.856  1.00 24.88 ? 15  PRO A CG  1 
ATOM   103  C CD  . PRO A 1 41  ? -17.849 -1.700  -2.169  1.00 23.05 ? 15  PRO A CD  1 
ATOM   104  N N   . GLN A 1 42  ? -17.980 0.637   0.956   1.00 23.60 ? 16  GLN A N   1 
ATOM   105  C CA  . GLN A 1 42  ? -18.136 1.269   2.262   1.00 25.21 ? 16  GLN A CA  1 
ATOM   106  C C   . GLN A 1 42  ? -17.042 0.902   3.260   1.00 26.10 ? 16  GLN A C   1 
ATOM   107  O O   . GLN A 1 42  ? -17.135 1.298   4.427   1.00 23.34 ? 16  GLN A O   1 
ATOM   108  C CB  . GLN A 1 42  ? -19.507 0.924   2.850   1.00 30.59 ? 16  GLN A CB  1 
ATOM   109  C CG  . GLN A 1 42  ? -20.651 1.742   2.271   1.00 39.54 ? 16  GLN A CG  1 
ATOM   110  C CD  . GLN A 1 42  ? -20.614 3.191   2.718   1.00 46.75 ? 16  GLN A CD  1 
ATOM   111  O OE1 . GLN A 1 42  ? -20.004 4.042   2.070   1.00 45.72 ? 16  GLN A OE1 1 
ATOM   112  N N   . ARG A 1 43  ? -16.014 0.160   2.850   1.00 13.83 ? 17  ARG A N   1 
ATOM   113  C CA  . ARG A 1 43  ? -14.978 -0.240  3.795   1.00 11.68 ? 17  ARG A CA  1 
ATOM   114  C C   . ARG A 1 43  ? -13.695 -0.563  3.040   1.00 11.64 ? 17  ARG A C   1 
ATOM   115  O O   . ARG A 1 43  ? -13.723 -0.908  1.858   1.00 11.74 ? 17  ARG A O   1 
ATOM   116  C CB  . ARG A 1 43  ? -15.422 -1.446  4.633   1.00 13.37 ? 17  ARG A CB  1 
ATOM   117  C CG  . ARG A 1 43  ? -15.664 -2.696  3.811   1.00 14.85 ? 17  ARG A CG  1 
ATOM   118  C CD  . ARG A 1 43  ? -16.051 -3.881  4.685   1.00 18.15 ? 17  ARG A CD  1 
ATOM   119  N NE  . ARG A 1 43  ? -16.080 -5.128  3.928   1.00 16.20 ? 17  ARG A NE  1 
ATOM   120  C CZ  . ARG A 1 43  ? -16.316 -6.322  4.461   1.00 19.79 ? 17  ARG A CZ  1 
ATOM   121  N NH1 . ARG A 1 43  ? -16.539 -6.438  5.761   1.00 21.29 ? 17  ARG A NH1 1 
ATOM   122  N NH2 . ARG A 1 43  ? -16.322 -7.404  3.694   1.00 28.33 ? 17  ARG A NH2 1 
ATOM   123  N N   . VAL A 1 44  ? -12.571 -0.475  3.753   1.00 9.57  ? 18  VAL A N   1 
ATOM   124  C CA  . VAL A 1 44  ? -11.261 -0.810  3.205   1.00 7.21  ? 18  VAL A CA  1 
ATOM   125  C C   . VAL A 1 44  ? -10.522 -1.680  4.214   1.00 6.84  ? 18  VAL A C   1 
ATOM   126  O O   . VAL A 1 44  ? -10.626 -1.467  5.426   1.00 8.36  ? 18  VAL A O   1 
ATOM   127  C CB  . VAL A 1 44  ? -10.446 0.457   2.858   1.00 8.14  ? 18  VAL A CB  1 
ATOM   128  C CG1 . VAL A 1 44  ? -10.135 1.267   4.120   1.00 10.01 ? 18  VAL A CG1 1 
ATOM   129  C CG2 . VAL A 1 44  ? -9.155  0.091   2.119   1.00 8.85  ? 18  VAL A CG2 1 
ATOM   130  N N   . LEU A 1 45  ? -9.795  -2.675  3.718   1.00 8.11  ? 19  LEU A N   1 
ATOM   131  C CA  . LEU A 1 45  ? -9.015  -3.556  4.576   1.00 6.05  ? 19  LEU A CA  1 
ATOM   132  C C   . LEU A 1 45  ? -7.595  -3.018  4.710   1.00 7.07  ? 19  LEU A C   1 
ATOM   133  O O   . LEU A 1 45  ? -6.922  -2.770  3.704   1.00 9.80  ? 19  LEU A O   1 
ATOM   134  C CB  . LEU A 1 45  ? -8.977  -4.976  4.009   1.00 7.65  ? 19  LEU A CB  1 
ATOM   135  C CG  . LEU A 1 45  ? -8.281  -6.034  4.870   1.00 10.79 ? 19  LEU A CG  1 
ATOM   136  C CD1 . LEU A 1 45  ? -9.116  -6.332  6.106   1.00 8.50  ? 19  LEU A CD1 1 
ATOM   137  C CD2 . LEU A 1 45  ? -8.048  -7.310  4.075   1.00 8.44  ? 19  LEU A CD2 1 
ATOM   138  N N   . LEU A 1 46  ? -7.144  -2.842  5.949   1.00 7.95  ? 20  LEU A N   1 
ATOM   139  C CA  . LEU A 1 46  ? -5.764  -2.490  6.226   1.00 7.48  ? 20  LEU A CA  1 
ATOM   140  C C   . LEU A 1 46  ? -5.187  -3.522  7.185   1.00 13.36 ? 20  LEU A C   1 
ATOM   141  O O   . LEU A 1 46  ? -5.918  -4.258  7.852   1.00 11.14 ? 20  LEU A O   1 
ATOM   142  C CB  . LEU A 1 46  ? -5.646  -1.078  6.824   1.00 7.05  ? 20  LEU A CB  1 
ATOM   143  C CG  . LEU A 1 46  ? -6.188  0.012   5.895   1.00 7.85  ? 20  LEU A CG  1 
ATOM   144  C CD1 . LEU A 1 46  ? -6.331  1.345   6.630   1.00 7.91  ? 20  LEU A CD1 1 
ATOM   145  C CD2 . LEU A 1 46  ? -5.299  0.156   4.665   1.00 4.05  ? 20  LEU A CD2 1 
ATOM   146  N N   . GLY A 1 47  ? -3.870  -3.589  7.234   1.00 8.62  ? 21  GLY A N   1 
ATOM   147  C CA  . GLY A 1 47  ? -3.190  -4.506  8.135   1.00 6.97  ? 21  GLY A CA  1 
ATOM   148  C C   . GLY A 1 47  ? -2.179  -3.771  8.980   1.00 7.14  ? 21  GLY A C   1 
ATOM   149  O O   . GLY A 1 47  ? -1.464  -2.892  8.495   1.00 9.10  ? 21  GLY A O   1 
ATOM   150  N N   . MET A 1 48  ? -2.130  -4.137  10.258  1.00 7.99  ? 22  MET A N   1 
ATOM   151  C CA  . MET A 1 48  ? -1.205  -3.556  11.225  1.00 13.03 ? 22  MET A CA  1 
ATOM   152  C C   . MET A 1 48  ? 0.064   -4.413  11.198  1.00 15.03 ? 22  MET A C   1 
ATOM   153  O O   . MET A 1 48  ? 0.047   -5.571  11.627  1.00 10.12 ? 22  MET A O   1 
ATOM   154  C CB  . MET A 1 48  ? -1.849  -3.558  12.613  1.00 13.69 ? 22  MET A CB  1 
ATOM   155  C CG  . MET A 1 48  ? -0.986  -3.174  13.809  1.00 19.04 ? 22  MET A CG  1 
ATOM   156  S SD  . MET A 1 48  ? 0.003   -1.678  13.597  1.00 18.40 ? 22  MET A SD  1 
ATOM   157  C CE  . MET A 1 48  ? -1.289  -0.453  13.820  1.00 15.59 ? 22  MET A CE  1 
ATOM   158  N N   . LYS A 1 49  ? 1.161   -3.863  10.678  1.00 13.38 ? 23  LYS A N   1 
ATOM   159  C CA  . LYS A 1 49  ? 2.403   -4.625  10.582  1.00 17.84 ? 23  LYS A CA  1 
ATOM   160  C C   . LYS A 1 49  ? 3.044   -4.748  11.960  1.00 11.30 ? 23  LYS A C   1 
ATOM   161  O O   . LYS A 1 49  ? 3.133   -3.767  12.705  1.00 10.60 ? 23  LYS A O   1 
ATOM   162  C CB  . LYS A 1 49  ? 3.367   -3.955  9.601   1.00 15.93 ? 23  LYS A CB  1 
ATOM   163  C CG  . LYS A 1 49  ? 4.567   -4.805  9.228   1.00 20.37 ? 23  LYS A CG  1 
ATOM   164  C CD  . LYS A 1 49  ? 5.085   -4.433  7.842   1.00 25.04 ? 23  LYS A CD  1 
ATOM   165  C CE  . LYS A 1 49  ? 6.396   -5.128  7.527   1.00 26.14 ? 23  LYS A CE  1 
ATOM   166  N NZ  . LYS A 1 49  ? 6.330   -6.581  7.831   1.00 36.39 ? 23  LYS A NZ  1 
ATOM   167  N N   A LYS A 1 50  ? 3.497   -5.952  12.301  0.74 16.16 ? 24  LYS A N   1 
ATOM   168  N N   B LYS A 1 50  ? 3.485   -5.959  12.303  0.26 16.26 ? 24  LYS A N   1 
ATOM   169  C CA  A LYS A 1 50  ? 3.966   -6.200  13.659  0.74 20.19 ? 24  LYS A CA  1 
ATOM   170  C CA  B LYS A 1 50  ? 3.963   -6.226  13.655  0.26 20.11 ? 24  LYS A CA  1 
ATOM   171  C C   A LYS A 1 50  ? 5.470   -6.027  13.822  0.74 18.54 ? 24  LYS A C   1 
ATOM   172  C C   B LYS A 1 50  ? 5.462   -6.010  13.816  0.26 18.62 ? 24  LYS A C   1 
ATOM   173  O O   A LYS A 1 50  ? 5.926   -5.713  14.928  0.74 20.82 ? 24  LYS A O   1 
ATOM   174  O O   B LYS A 1 50  ? 5.909   -5.652  14.911  0.26 20.78 ? 24  LYS A O   1 
ATOM   175  C CB  A LYS A 1 50  ? 3.546   -7.602  14.107  0.74 20.62 ? 24  LYS A CB  1 
ATOM   176  C CB  B LYS A 1 50  ? 3.598   -7.657  14.065  0.26 20.57 ? 24  LYS A CB  1 
ATOM   177  C CG  A LYS A 1 50  ? 2.042   -7.729  14.284  0.74 23.62 ? 24  LYS A CG  1 
ATOM   178  C CG  B LYS A 1 50  ? 2.134   -8.008  13.817  0.26 21.82 ? 24  LYS A CG  1 
ATOM   179  C CD  A LYS A 1 50  ? 1.619   -9.166  14.515  0.74 27.43 ? 24  LYS A CD  1 
ATOM   180  C CD  B LYS A 1 50  ? 1.524   -8.807  14.964  0.26 25.51 ? 24  LYS A CD  1 
ATOM   181  C CE  . LYS A 1 50  ? 0.111   -9.277  14.625  1.00 18.21 ? 24  LYS A CE  1 
ATOM   182  N NZ  . LYS A 1 50  ? -0.290  -10.474 15.420  1.00 26.90 ? 24  LYS A NZ  1 
ATOM   183  N N   . ARG A 1 51  ? 6.251   -6.210  12.762  1.00 22.70 ? 25  ARG A N   1 
ATOM   184  C CA  . ARG A 1 51  ? 7.692   -6.027  12.853  1.00 19.99 ? 25  ARG A CA  1 
ATOM   185  C C   . ARG A 1 51  ? 8.245   -5.644  11.488  1.00 20.45 ? 25  ARG A C   1 
ATOM   186  O O   . ARG A 1 51  ? 7.567   -5.751  10.463  1.00 21.98 ? 25  ARG A O   1 
ATOM   187  C CB  . ARG A 1 51  ? 8.384   -7.284  13.393  1.00 27.94 ? 25  ARG A CB  1 
ATOM   188  C CG  . ARG A 1 51  ? 8.180   -8.521  12.551  1.00 31.13 ? 25  ARG A CG  1 
ATOM   189  C CD  . ARG A 1 51  ? 9.041   -9.670  13.062  1.00 44.04 ? 25  ARG A CD  1 
ATOM   190  N NE  . ARG A 1 51  ? 8.618   -10.146 14.378  1.00 43.08 ? 25  ARG A NE  1 
ATOM   191  C CZ  . ARG A 1 51  ? 7.661   -11.050 14.570  1.00 45.03 ? 25  ARG A CZ  1 
ATOM   192  N NH1 . ARG A 1 51  ? 7.026   -11.569 13.529  1.00 43.76 ? 25  ARG A NH1 1 
ATOM   193  N NH2 . ARG A 1 51  ? 7.336   -11.433 15.798  1.00 34.92 ? 25  ARG A NH2 1 
ATOM   194  N N   . GLY A 1 52  ? 9.498   -5.195  11.489  1.00 20.41 ? 26  GLY A N   1 
ATOM   195  C CA  . GLY A 1 52  ? 10.160  -4.834  10.254  1.00 25.66 ? 26  GLY A CA  1 
ATOM   196  C C   . GLY A 1 52  ? 9.817   -3.428  9.793   1.00 19.69 ? 26  GLY A C   1 
ATOM   197  O O   . GLY A 1 52  ? 9.329   -2.583  10.554  1.00 17.80 ? 26  GLY A O   1 
ATOM   198  N N   . PHE A 1 53  ? 10.080  -3.185  8.509   1.00 17.13 ? 27  PHE A N   1 
ATOM   199  C CA  . PHE A 1 53  ? 9.887   -1.866  7.913   1.00 21.83 ? 27  PHE A CA  1 
ATOM   200  C C   . PHE A 1 53  ? 8.409   -1.513  7.885   1.00 16.24 ? 27  PHE A C   1 
ATOM   201  O O   . PHE A 1 53  ? 7.611   -2.201  7.239   1.00 22.08 ? 27  PHE A O   1 
ATOM   202  C CB  . PHE A 1 53  ? 10.465  -1.837  6.499   1.00 25.87 ? 27  PHE A CB  1 
ATOM   203  C CG  . PHE A 1 53  ? 10.180  -0.564  5.750   1.00 29.29 ? 27  PHE A CG  1 
ATOM   204  C CD1 . PHE A 1 53  ? 10.998  0.544   5.904   1.00 31.90 ? 27  PHE A CD1 1 
ATOM   205  C CD2 . PHE A 1 53  ? 9.099   -0.476  4.887   1.00 33.07 ? 27  PHE A CD2 1 
ATOM   206  C CE1 . PHE A 1 53  ? 10.742  1.717   5.218   1.00 24.93 ? 27  PHE A CE1 1 
ATOM   207  C CE2 . PHE A 1 53  ? 8.838   0.693   4.201   1.00 33.85 ? 27  PHE A CE2 1 
ATOM   208  C CZ  . PHE A 1 53  ? 9.664   1.790   4.366   1.00 26.56 ? 27  PHE A CZ  1 
ATOM   209  N N   . GLY A 1 54  ? 8.044   -0.437  8.575   1.00 16.48 ? 28  GLY A N   1 
ATOM   210  C CA  . GLY A 1 54  ? 6.660   -0.026  8.658   1.00 15.64 ? 28  GLY A CA  1 
ATOM   211  C C   . GLY A 1 54  ? 5.892   -0.585  9.833   1.00 16.96 ? 28  GLY A C   1 
ATOM   212  O O   . GLY A 1 54  ? 4.672   -0.388  9.902   1.00 15.81 ? 28  GLY A O   1 
ATOM   213  N N   . ALA A 1 55  ? 6.565   -1.263  10.764  1.00 14.30 ? 29  ALA A N   1 
ATOM   214  C CA  . ALA A 1 55  ? 5.886   -1.840  11.917  1.00 16.17 ? 29  ALA A CA  1 
ATOM   215  C C   . ALA A 1 55  ? 5.162   -0.764  12.720  1.00 14.24 ? 29  ALA A C   1 
ATOM   216  O O   . ALA A 1 55  ? 5.619   0.376   12.831  1.00 20.36 ? 29  ALA A O   1 
ATOM   217  C CB  . ALA A 1 55  ? 6.886   -2.569  12.815  1.00 17.62 ? 29  ALA A CB  1 
ATOM   218  N N   . GLY A 1 56  ? 4.015   -1.142  13.281  1.00 11.43 ? 30  GLY A N   1 
ATOM   219  C CA  . GLY A 1 56  ? 3.224   -0.240  14.094  1.00 13.38 ? 30  GLY A CA  1 
ATOM   220  C C   . GLY A 1 56  ? 2.310   0.684   13.326  1.00 12.32 ? 30  GLY A C   1 
ATOM   221  O O   . GLY A 1 56  ? 1.697   1.572   13.931  1.00 13.27 ? 30  GLY A O   1 
ATOM   222  N N   . ARG A 1 57  ? 2.177   0.496   12.019  1.00 12.49 ? 31  ARG A N   1 
ATOM   223  C CA  . ARG A 1 57  ? 1.329   1.352   11.203  1.00 8.04  ? 31  ARG A CA  1 
ATOM   224  C C   . ARG A 1 57  ? 0.368   0.501   10.391  1.00 11.60 ? 31  ARG A C   1 
ATOM   225  O O   . ARG A 1 57  ? 0.722   -0.599  9.951   1.00 13.08 ? 31  ARG A O   1 
ATOM   226  C CB  . ARG A 1 57  ? 2.172   2.230   10.271  1.00 11.26 ? 31  ARG A CB  1 
ATOM   227  C CG  . ARG A 1 57  ? 2.735   3.464   10.964  1.00 17.74 ? 31  ARG A CG  1 
ATOM   228  C CD  . ARG A 1 57  ? 3.768   4.185   10.119  1.00 16.47 ? 31  ARG A CD  1 
ATOM   229  N NE  . ARG A 1 57  ? 4.049   5.512   10.668  1.00 17.61 ? 31  ARG A NE  1 
ATOM   230  C CZ  . ARG A 1 57  ? 5.026   6.309   10.246  1.00 17.70 ? 31  ARG A CZ  1 
ATOM   231  N NH1 . ARG A 1 57  ? 5.826   5.921   9.272   1.00 19.57 ? 31  ARG A NH1 1 
ATOM   232  N NH2 . ARG A 1 57  ? 5.202   7.498   10.803  1.00 20.99 ? 31  ARG A NH2 1 
ATOM   233  N N   . TRP A 1 58  ? -0.849  1.010   10.212  1.00 8.68  ? 32  TRP A N   1 
ATOM   234  C CA  . TRP A 1 58  ? -1.798  0.397   9.296   1.00 8.82  ? 32  TRP A CA  1 
ATOM   235  C C   . TRP A 1 58  ? -1.375  0.685   7.864   1.00 9.29  ? 32  TRP A C   1 
ATOM   236  O O   . TRP A 1 58  ? -0.879  1.774   7.560   1.00 10.78 ? 32  TRP A O   1 
ATOM   237  C CB  . TRP A 1 58  ? -3.207  0.940   9.536   1.00 6.56  ? 32  TRP A CB  1 
ATOM   238  C CG  . TRP A 1 58  ? -3.787  0.627   10.886  1.00 12.29 ? 32  TRP A CG  1 
ATOM   239  C CD1 . TRP A 1 58  ? -3.875  1.469   11.966  1.00 13.62 ? 32  TRP A CD1 1 
ATOM   240  C CD2 . TRP A 1 58  ? -4.373  -0.612  11.297  1.00 8.67  ? 32  TRP A CD2 1 
ATOM   241  N NE1 . TRP A 1 58  ? -4.476  0.822   13.019  1.00 10.00 ? 32  TRP A NE1 1 
ATOM   242  C CE2 . TRP A 1 58  ? -4.790  -0.457  12.633  1.00 9.93  ? 32  TRP A CE2 1 
ATOM   243  C CE3 . TRP A 1 58  ? -4.588  -1.839  10.660  1.00 6.48  ? 32  TRP A CE3 1 
ATOM   244  C CZ2 . TRP A 1 58  ? -5.412  -1.484  13.344  1.00 10.39 ? 32  TRP A CZ2 1 
ATOM   245  C CZ3 . TRP A 1 58  ? -5.201  -2.860  11.372  1.00 9.85  ? 32  TRP A CZ3 1 
ATOM   246  C CH2 . TRP A 1 58  ? -5.607  -2.673  12.696  1.00 11.94 ? 32  TRP A CH2 1 
ATOM   247  N N   . ASN A 1 59  ? -1.596  -0.285  6.978   1.00 8.88  ? 33  ASN A N   1 
ATOM   248  C CA  . ASN A 1 59  ? -1.195  -0.141  5.583   1.00 7.84  ? 33  ASN A CA  1 
ATOM   249  C C   . ASN A 1 59  ? -1.901  -1.202  4.747   1.00 9.90  ? 33  ASN A C   1 
ATOM   250  O O   . ASN A 1 59  ? -2.527  -2.128  5.273   1.00 8.05  ? 33  ASN A O   1 
ATOM   251  C CB  . ASN A 1 59  ? 0.330   -0.257  5.443   1.00 6.73  ? 33  ASN A CB  1 
ATOM   252  C CG  . ASN A 1 59  ? 0.869   0.431   4.201   1.00 8.73  ? 33  ASN A CG  1 
ATOM   253  O OD1 . ASN A 1 59  ? 0.118   0.852   3.322   1.00 11.97 ? 33  ASN A OD1 1 
ATOM   254  N ND2 . ASN A 1 59  ? 2.190   0.549   4.130   1.00 16.24 ? 33  ASN A ND2 1 
ATOM   255  N N   . GLY A 1 60  ? -1.792  -1.052  3.431   1.00 8.77  ? 34  GLY A N   1 
ATOM   256  C CA  . GLY A 1 60  ? -2.147  -2.124  2.532   1.00 7.09  ? 34  GLY A CA  1 
ATOM   257  C C   . GLY A 1 60  ? -1.119  -3.237  2.629   1.00 7.93  ? 34  GLY A C   1 
ATOM   258  O O   . GLY A 1 60  ? -0.214  -3.227  3.466   1.00 7.54  ? 34  GLY A O   1 
ATOM   259  N N   . PHE A 1 61  ? -1.261  -4.213  1.740   1.00 10.88 ? 35  PHE A N   1 
ATOM   260  C CA  . PHE A 1 61  ? -0.439  -5.416  1.756   1.00 9.29  ? 35  PHE A CA  1 
ATOM   261  C C   . PHE A 1 61  ? 0.485   -5.424  0.547   1.00 7.62  ? 35  PHE A C   1 
ATOM   262  O O   . PHE A 1 61  ? 0.039   -5.191  -0.579  1.00 10.96 ? 35  PHE A O   1 
ATOM   263  C CB  . PHE A 1 61  ? -1.322  -6.662  1.775   1.00 9.96  ? 35  PHE A CB  1 
ATOM   264  C CG  . PHE A 1 61  ? -2.352  -6.646  2.880   1.00 8.16  ? 35  PHE A CG  1 
ATOM   265  C CD1 . PHE A 1 61  ? -2.007  -7.014  4.167   1.00 10.90 ? 35  PHE A CD1 1 
ATOM   266  C CD2 . PHE A 1 61  ? -3.652  -6.230  2.632   1.00 9.62  ? 35  PHE A CD2 1 
ATOM   267  C CE1 . PHE A 1 61  ? -2.945  -6.984  5.188   1.00 9.88  ? 35  PHE A CE1 1 
ATOM   268  C CE2 . PHE A 1 61  ? -4.595  -6.195  3.649   1.00 10.96 ? 35  PHE A CE2 1 
ATOM   269  C CZ  . PHE A 1 61  ? -4.244  -6.578  4.924   1.00 7.91  ? 35  PHE A CZ  1 
ATOM   270  N N   . GLY A 1 62  ? 1.767   -5.673  0.779   1.00 10.51 ? 36  GLY A N   1 
ATOM   271  C CA  . GLY A 1 62  ? 2.703   -5.656  -0.329  1.00 13.42 ? 36  GLY A CA  1 
ATOM   272  C C   . GLY A 1 62  ? 4.110   -5.968  0.125   1.00 10.77 ? 36  GLY A C   1 
ATOM   273  O O   . GLY A 1 62  ? 4.341   -6.389  1.260   1.00 13.69 ? 36  GLY A O   1 
ATOM   274  N N   . GLY A 1 63  ? 5.048   -5.761  -0.794  1.00 10.19 ? 37  GLY A N   1 
ATOM   275  C CA  . GLY A 1 63  ? 6.437   -6.080  -0.525  1.00 8.94  ? 37  GLY A CA  1 
ATOM   276  C C   . GLY A 1 63  ? 7.249   -6.072  -1.806  1.00 12.60 ? 37  GLY A C   1 
ATOM   277  O O   . GLY A 1 63  ? 6.819   -5.535  -2.828  1.00 8.40  ? 37  GLY A O   1 
ATOM   278  N N   . LYS A 1 64  ? 8.430   -6.680  -1.730  1.00 9.17  ? 38  LYS A N   1 
ATOM   279  C CA  . LYS A 1 64  ? 9.365   -6.647  -2.845  1.00 10.63 ? 38  LYS A CA  1 
ATOM   280  C C   . LYS A 1 64  ? 8.909   -7.568  -3.971  1.00 13.79 ? 38  LYS A C   1 
ATOM   281  O O   . LYS A 1 64  ? 8.351   -8.639  -3.732  1.00 16.44 ? 38  LYS A O   1 
ATOM   282  C CB  . LYS A 1 64  ? 10.758  -7.072  -2.379  1.00 15.37 ? 38  LYS A CB  1 
ATOM   283  C CG  . LYS A 1 64  ? 11.418  -6.124  -1.389  1.00 17.60 ? 38  LYS A CG  1 
ATOM   284  C CD  . LYS A 1 64  ? 12.461  -6.854  -0.554  1.00 22.31 ? 38  LYS A CD  1 
ATOM   285  C CE  . LYS A 1 64  ? 13.288  -5.889  0.278   1.00 31.76 ? 38  LYS A CE  1 
ATOM   286  N NZ  . LYS A 1 64  ? 14.240  -6.603  1.170   1.00 40.81 ? 38  LYS A NZ  1 
ATOM   287  N N   . VAL A 1 65  ? 9.167   -7.149  -5.200  1.00 14.17 ? 39  VAL A N   1 
ATOM   288  C CA  . VAL A 1 65  ? 8.911   -7.981  -6.371  1.00 15.19 ? 39  VAL A CA  1 
ATOM   289  C C   . VAL A 1 65  ? 10.126  -8.867  -6.599  1.00 14.76 ? 39  VAL A C   1 
ATOM   290  O O   . VAL A 1 65  ? 11.272  -8.432  -6.433  1.00 15.43 ? 39  VAL A O   1 
ATOM   291  C CB  . VAL A 1 65  ? 8.605   -7.117  -7.607  1.00 13.96 ? 39  VAL A CB  1 
ATOM   292  C CG1 . VAL A 1 65  ? 8.298   -7.997  -8.810  1.00 13.11 ? 39  VAL A CG1 1 
ATOM   293  C CG2 . VAL A 1 65  ? 7.438   -6.164  -7.317  1.00 6.58  ? 39  VAL A CG2 1 
ATOM   294  N N   . GLN A 1 66  ? 9.882   -10.116 -6.965  1.00 11.07 ? 40  GLN A N   1 
ATOM   295  C CA  . GLN A 1 66  ? 10.945  -11.102 -7.061  1.00 15.02 ? 40  GLN A CA  1 
ATOM   296  C C   . GLN A 1 66  ? 11.422  -11.246 -8.502  1.00 12.36 ? 40  GLN A C   1 
ATOM   297  O O   . GLN A 1 66  ? 10.813  -10.733 -9.443  1.00 9.22  ? 40  GLN A O   1 
ATOM   298  C CB  . GLN A 1 66  ? 10.469  -12.443 -6.503  1.00 16.07 ? 40  GLN A CB  1 
ATOM   299  C CG  . GLN A 1 66  ? 10.136  -12.371 -5.020  1.00 16.90 ? 40  GLN A CG  1 
ATOM   300  C CD  . GLN A 1 66  ? 9.577   -13.668 -4.476  1.00 22.82 ? 40  GLN A CD  1 
ATOM   301  O OE1 . GLN A 1 66  ? 9.432   -14.650 -5.204  1.00 25.96 ? 40  GLN A OE1 1 
ATOM   302  N NE2 . GLN A 1 66  ? 9.262   -13.681 -3.185  1.00 30.45 ? 40  GLN A NE2 1 
ATOM   303  N N   . GLU A 1 67  ? 12.543  -11.944 -8.653  1.00 16.55 ? 41  GLU A N   1 
ATOM   304  C CA  . GLU A 1 67  ? 13.114  -12.187 -9.970  1.00 16.82 ? 41  GLU A CA  1 
ATOM   305  C C   . GLU A 1 67  ? 12.197  -13.086 -10.788 1.00 14.73 ? 41  GLU A C   1 
ATOM   306  O O   . GLU A 1 67  ? 11.667  -14.080 -10.284 1.00 16.17 ? 41  GLU A O   1 
ATOM   307  C CB  . GLU A 1 67  ? 14.498  -12.823 -9.827  1.00 16.08 ? 41  GLU A CB  1 
ATOM   308  C CG  . GLU A 1 67  ? 15.482  -11.961 -9.047  1.00 18.39 ? 41  GLU A CG  1 
ATOM   309  C CD  . GLU A 1 67  ? 16.602  -12.767 -8.413  1.00 32.91 ? 41  GLU A CD  1 
ATOM   310  O OE1 . GLU A 1 67  ? 16.475  -14.007 -8.320  1.00 33.98 ? 41  GLU A OE1 1 
ATOM   311  O OE2 . GLU A 1 67  ? 17.610  -12.155 -8.000  1.00 37.39 ? 41  GLU A OE2 1 
ATOM   312  N N   . GLY A 1 68  ? 11.999  -12.727 -12.056 1.00 14.93 ? 42  GLY A N   1 
ATOM   313  C CA  . GLY A 1 68  ? 11.177  -13.517 -12.950 1.00 15.98 ? 42  GLY A CA  1 
ATOM   314  C C   . GLY A 1 68  ? 9.687   -13.380 -12.749 1.00 18.14 ? 42  GLY A C   1 
ATOM   315  O O   . GLY A 1 68  ? 8.920   -14.150 -13.339 1.00 15.24 ? 42  GLY A O   1 
ATOM   316  N N   . GLU A 1 69  ? 9.250   -12.418 -11.947 1.00 11.42 ? 43  GLU A N   1 
ATOM   317  C CA  . GLU A 1 69  ? 7.856   -12.254 -11.580 1.00 16.60 ? 43  GLU A CA  1 
ATOM   318  C C   . GLU A 1 69  ? 7.397   -10.875 -12.030 1.00 12.14 ? 43  GLU A C   1 
ATOM   319  O O   . GLU A 1 69  ? 8.116   -9.894  -11.832 1.00 15.29 ? 43  GLU A O   1 
ATOM   320  C CB  . GLU A 1 69  ? 7.717   -12.442 -10.064 1.00 19.90 ? 43  GLU A CB  1 
ATOM   321  C CG  . GLU A 1 69  ? 6.480   -11.895 -9.412  1.00 23.07 ? 43  GLU A CG  1 
ATOM   322  C CD  . GLU A 1 69  ? 6.549   -12.019 -7.895  1.00 18.10 ? 43  GLU A CD  1 
ATOM   323  O OE1 . GLU A 1 69  ? 7.187   -11.163 -7.244  1.00 12.81 ? 43  GLU A OE1 1 
ATOM   324  O OE2 . GLU A 1 69  ? 5.967   -12.981 -7.354  1.00 18.79 ? 43  GLU A OE2 1 
ATOM   325  N N   . THR A 1 70  ? 6.220   -10.798 -12.648 1.00 15.92 ? 44  THR A N   1 
ATOM   326  C CA  . THR A 1 70  ? 5.692   -9.488  -13.007 1.00 13.52 ? 44  THR A CA  1 
ATOM   327  C C   . THR A 1 70  ? 5.286   -8.727  -11.752 1.00 13.02 ? 44  THR A C   1 
ATOM   328  O O   . THR A 1 70  ? 5.064   -9.306  -10.682 1.00 15.34 ? 44  THR A O   1 
ATOM   329  C CB  . THR A 1 70  ? 4.483   -9.599  -13.938 1.00 17.88 ? 44  THR A CB  1 
ATOM   330  O OG1 . THR A 1 70  ? 3.370   -10.149 -13.220 1.00 17.59 ? 44  THR A OG1 1 
ATOM   331  C CG2 . THR A 1 70  ? 4.801   -10.476 -15.139 1.00 18.72 ? 44  THR A CG2 1 
ATOM   332  N N   . ILE A 1 71  ? 5.175   -7.408  -11.896 1.00 10.02 ? 45  ILE A N   1 
ATOM   333  C CA  . ILE A 1 71  ? 4.763   -6.580  -10.765 1.00 12.75 ? 45  ILE A CA  1 
ATOM   334  C C   . ILE A 1 71  ? 3.396   -7.022  -10.254 1.00 10.60 ? 45  ILE A C   1 
ATOM   335  O O   . ILE A 1 71  ? 3.188   -7.182  -9.045  1.00 12.56 ? 45  ILE A O   1 
ATOM   336  C CB  . ILE A 1 71  ? 4.774   -5.094  -11.161 1.00 13.65 ? 45  ILE A CB  1 
ATOM   337  C CG1 . ILE A 1 71  ? 6.206   -4.652  -11.469 1.00 11.85 ? 45  ILE A CG1 1 
ATOM   338  C CG2 . ILE A 1 71  ? 4.173   -4.242  -10.051 1.00 16.06 ? 45  ILE A CG2 1 
ATOM   339  C CD1 . ILE A 1 71  ? 6.315   -3.221  -11.956 1.00 12.40 ? 45  ILE A CD1 1 
ATOM   340  N N   . GLU A 1 72  ? 2.450   -7.252  -11.169 1.00 11.52 ? 46  GLU A N   1 
ATOM   341  C CA  . GLU A 1 72  ? 1.105   -7.631  -10.742 1.00 14.86 ? 46  GLU A CA  1 
ATOM   342  C C   . GLU A 1 72  ? 1.096   -9.006  -10.089 1.00 15.66 ? 46  GLU A C   1 
ATOM   343  O O   . GLU A 1 72  ? 0.380   -9.223  -9.104  1.00 9.54  ? 46  GLU A O   1 
ATOM   344  C CB  . GLU A 1 72  ? 0.133   -7.597  -11.920 1.00 15.71 ? 46  GLU A CB  1 
ATOM   345  C CG  . GLU A 1 72  ? -1.304  -7.912  -11.511 1.00 23.35 ? 46  GLU A CG  1 
ATOM   346  C CD  . GLU A 1 72  ? -2.266  -7.938  -12.682 1.00 38.25 ? 46  GLU A CD  1 
ATOM   347  O OE1 . GLU A 1 72  ? -1.978  -7.283  -13.706 1.00 37.77 ? 46  GLU A OE1 1 
ATOM   348  O OE2 . GLU A 1 72  ? -3.311  -8.615  -12.574 1.00 35.12 ? 46  GLU A OE2 1 
ATOM   349  N N   . ASP A 1 73  ? 1.879   -9.952  -10.621 1.00 11.55 ? 47  ASP A N   1 
ATOM   350  C CA  . ASP A 1 73  ? 1.985   -11.253 -9.964  1.00 15.65 ? 47  ASP A CA  1 
ATOM   351  C C   . ASP A 1 73  ? 2.580   -11.115 -8.569  1.00 11.71 ? 47  ASP A C   1 
ATOM   352  O O   . ASP A 1 73  ? 2.152   -11.800 -7.632  1.00 14.81 ? 47  ASP A O   1 
ATOM   353  C CB  . ASP A 1 73  ? 2.822   -12.213 -10.811 1.00 16.84 ? 47  ASP A CB  1 
ATOM   354  C CG  . ASP A 1 73  ? 2.075   -12.714 -12.028 1.00 25.57 ? 47  ASP A CG  1 
ATOM   355  O OD1 . ASP A 1 73  ? 0.827   -12.729 -11.999 1.00 32.06 ? 47  ASP A OD1 1 
ATOM   356  O OD2 . ASP A 1 73  ? 2.734   -13.090 -13.019 1.00 29.44 ? 47  ASP A OD2 1 
ATOM   357  N N   . GLY A 1 74  ? 3.564   -10.228 -8.410  1.00 11.97 ? 48  GLY A N   1 
ATOM   358  C CA  . GLY A 1 74  ? 4.117   -9.994  -7.088  1.00 14.49 ? 48  GLY A CA  1 
ATOM   359  C C   . GLY A 1 74  ? 3.100   -9.393  -6.139  1.00 13.29 ? 48  GLY A C   1 
ATOM   360  O O   . GLY A 1 74  ? 3.061   -9.735  -4.954  1.00 10.66 ? 48  GLY A O   1 
ATOM   361  N N   . ALA A 1 75  ? 2.264   -8.487  -6.652  1.00 14.35 ? 49  ALA A N   1 
ATOM   362  C CA  . ALA A 1 75  ? 1.225   -7.877  -5.832  1.00 14.76 ? 49  ALA A CA  1 
ATOM   363  C C   . ALA A 1 75  ? 0.224   -8.917  -5.354  1.00 14.67 ? 49  ALA A C   1 
ATOM   364  O O   . ALA A 1 75  ? -0.155  -8.937  -4.175  1.00 14.37 ? 49  ALA A O   1 
ATOM   365  C CB  . ALA A 1 75  ? 0.520   -6.779  -6.628  1.00 14.93 ? 49  ALA A CB  1 
ATOM   366  N N   . ARG A 1 76  ? -0.210  -9.796  -6.258  1.00 9.35  ? 50  ARG A N   1 
ATOM   367  C CA  . ARG A 1 76  ? -1.158  -10.843 -5.895  1.00 8.59  ? 50  ARG A CA  1 
ATOM   368  C C   . ARG A 1 76  ? -0.549  -11.807 -4.888  1.00 9.08  ? 50  ARG A C   1 
ATOM   369  O O   . ARG A 1 76  ? -1.217  -12.235 -3.939  1.00 11.37 ? 50  ARG A O   1 
ATOM   370  C CB  . ARG A 1 76  ? -1.595  -11.575 -7.161  1.00 13.05 ? 50  ARG A CB  1 
ATOM   371  C CG  . ARG A 1 76  ? -2.541  -12.733 -6.949  1.00 17.35 ? 50  ARG A CG  1 
ATOM   372  C CD  . ARG A 1 76  ? -2.974  -13.306 -8.300  1.00 20.10 ? 50  ARG A CD  1 
ATOM   373  N NE  . ARG A 1 76  ? -3.640  -12.306 -9.131  1.00 21.89 ? 50  ARG A NE  1 
ATOM   374  C CZ  . ARG A 1 76  ? -3.092  -11.712 -10.185 1.00 22.76 ? 50  ARG A CZ  1 
ATOM   375  N NH1 . ARG A 1 76  ? -1.852  -12.010 -10.556 1.00 26.81 ? 50  ARG A NH1 1 
ATOM   376  N NH2 . ARG A 1 76  ? -3.789  -10.815 -10.871 1.00 26.68 ? 50  ARG A NH2 1 
ATOM   377  N N   . ARG A 1 77  ? 0.730   -12.142 -5.070  1.00 11.03 ? 51  ARG A N   1 
ATOM   378  C CA  . ARG A 1 77  ? 1.414   -13.044 -4.149  1.00 12.34 ? 51  ARG A CA  1 
ATOM   379  C C   . ARG A 1 77  ? 1.535   -12.432 -2.759  1.00 15.43 ? 51  ARG A C   1 
ATOM   380  O O   . ARG A 1 77  ? 1.331   -13.122 -1.753  1.00 13.94 ? 51  ARG A O   1 
ATOM   381  C CB  . ARG A 1 77  ? 2.799   -13.400 -4.699  1.00 13.98 ? 51  ARG A CB  1 
ATOM   382  C CG  . ARG A 1 77  ? 3.682   -14.153 -3.718  1.00 14.12 ? 51  ARG A CG  1 
ATOM   383  C CD  . ARG A 1 77  ? 5.099   -14.339 -4.250  1.00 19.79 ? 51  ARG A CD  1 
ATOM   384  N NE  . ARG A 1 77  ? 5.715   -13.070 -4.629  1.00 15.81 ? 51  ARG A NE  1 
ATOM   385  C CZ  . ARG A 1 77  ? 6.248   -12.207 -3.767  1.00 20.32 ? 51  ARG A CZ  1 
ATOM   386  N NH1 . ARG A 1 77  ? 6.245   -12.477 -2.468  1.00 16.94 ? 51  ARG A NH1 1 
ATOM   387  N NH2 . ARG A 1 77  ? 6.782   -11.073 -4.203  1.00 14.43 ? 51  ARG A NH2 1 
ATOM   388  N N   . GLU A 1 78  ? 1.871   -11.140 -2.685  1.00 16.44 ? 52  GLU A N   1 
ATOM   389  C CA  . GLU A 1 78  ? 2.050   -10.492 -1.389  1.00 17.14 ? 52  GLU A CA  1 
ATOM   390  C C   . GLU A 1 78  ? 0.732   -10.380 -0.634  1.00 15.81 ? 52  GLU A C   1 
ATOM   391  O O   . GLU A 1 78  ? 0.700   -10.515 0.595   1.00 13.83 ? 52  GLU A O   1 
ATOM   392  C CB  . GLU A 1 78  ? 2.680   -9.111  -1.576  1.00 18.38 ? 52  GLU A CB  1 
ATOM   393  C CG  . GLU A 1 78  ? 4.144   -9.141  -1.997  1.00 24.96 ? 52  GLU A CG  1 
ATOM   394  C CD  . GLU A 1 78  ? 5.081   -9.489  -0.856  1.00 26.91 ? 52  GLU A CD  1 
ATOM   395  O OE1 . GLU A 1 78  ? 6.271   -9.763  -1.126  1.00 29.64 ? 52  GLU A OE1 1 
ATOM   396  O OE2 . GLU A 1 78  ? 4.634   -9.483  0.308   1.00 24.78 ? 52  GLU A OE2 1 
ATOM   397  N N   . LEU A 1 79  ? -0.367  -10.120 -1.344  1.00 9.18  ? 53  LEU A N   1 
ATOM   398  C CA  . LEU A 1 79  ? -1.660  -10.081 -0.672  1.00 12.54 ? 53  LEU A CA  1 
ATOM   399  C C   . LEU A 1 79  ? -1.962  -11.418 -0.007  1.00 11.71 ? 53  LEU A C   1 
ATOM   400  O O   . LEU A 1 79  ? -2.408  -11.460 1.145   1.00 13.45 ? 53  LEU A O   1 
ATOM   401  C CB  . LEU A 1 79  ? -2.761  -9.708  -1.664  1.00 12.53 ? 53  LEU A CB  1 
ATOM   402  C CG  . LEU A 1 79  ? -4.155  -9.637  -1.048  1.00 12.75 ? 53  LEU A CG  1 
ATOM   403  C CD1 . LEU A 1 79  ? -4.282  -8.427  -0.114  1.00 11.05 ? 53  LEU A CD1 1 
ATOM   404  C CD2 . LEU A 1 79  ? -5.208  -9.602  -2.133  1.00 13.75 ? 53  LEU A CD2 1 
ATOM   405  N N   . GLN A 1 80  ? -1.693  -12.523 -0.707  1.00 12.85 ? 54  GLN A N   1 
ATOM   406  C CA  . GLN A 1 80  ? -1.933  -13.846 -0.136  1.00 13.38 ? 54  GLN A CA  1 
ATOM   407  C C   . GLN A 1 80  ? -1.047  -14.095 1.080   1.00 11.82 ? 54  GLN A C   1 
ATOM   408  O O   . GLN A 1 80  ? -1.533  -14.507 2.139   1.00 17.11 ? 54  GLN A O   1 
ATOM   409  C CB  . GLN A 1 80  ? -1.709  -14.917 -1.201  1.00 17.75 ? 54  GLN A CB  1 
ATOM   410  C CG  . GLN A 1 80  ? -1.410  -16.301 -0.649  1.00 23.66 ? 54  GLN A CG  1 
ATOM   411  C CD  . GLN A 1 80  ? -2.515  -16.813 0.243   1.00 27.88 ? 54  GLN A CD  1 
ATOM   412  O OE1 . GLN A 1 80  ? -3.693  -16.746 -0.112  1.00 26.29 ? 54  GLN A OE1 1 
ATOM   413  N NE2 . GLN A 1 80  ? -2.145  -17.320 1.416   1.00 26.87 ? 54  GLN A NE2 1 
ATOM   414  N N   . GLU A 1 81  ? 0.259   -13.834 0.949   1.00 14.94 ? 55  GLU A N   1 
ATOM   415  C CA  . GLU A 1 81  ? 1.190   -14.074 2.052   1.00 16.67 ? 55  GLU A CA  1 
ATOM   416  C C   . GLU A 1 81  ? 0.803   -13.297 3.305   1.00 21.97 ? 55  GLU A C   1 
ATOM   417  O O   . GLU A 1 81  ? 0.852   -13.833 4.419   1.00 18.69 ? 55  GLU A O   1 
ATOM   418  C CB  . GLU A 1 81  ? 2.612   -13.702 1.629   1.00 14.27 ? 55  GLU A CB  1 
ATOM   419  C CG  . GLU A 1 81  ? 3.196   -14.582 0.537   1.00 16.96 ? 55  GLU A CG  1 
ATOM   420  C CD  . GLU A 1 81  ? 4.623   -14.196 0.167   1.00 24.88 ? 55  GLU A CD  1 
ATOM   421  O OE1 . GLU A 1 81  ? 5.210   -13.335 0.858   1.00 30.42 ? 55  GLU A OE1 1 
ATOM   422  O OE2 . GLU A 1 81  ? 5.157   -14.748 -0.819  1.00 24.15 ? 55  GLU A OE2 1 
ATOM   423  N N   . GLU A 1 82  ? 0.413   -12.032 3.147   1.00 18.51 ? 56  GLU A N   1 
ATOM   424  C CA  . GLU A 1 82  ? 0.255   -11.142 4.291   1.00 15.69 ? 56  GLU A CA  1 
ATOM   425  C C   . GLU A 1 82  ? -1.163  -11.092 4.842   1.00 17.86 ? 56  GLU A C   1 
ATOM   426  O O   . GLU A 1 82  ? -1.339  -10.753 6.021   1.00 18.05 ? 56  GLU A O   1 
ATOM   427  C CB  . GLU A 1 82  ? 0.695   -9.726  3.910   1.00 13.72 ? 56  GLU A CB  1 
ATOM   428  C CG  . GLU A 1 82  ? 2.156   -9.621  3.528   1.00 20.64 ? 56  GLU A CG  1 
ATOM   429  C CD  . GLU A 1 82  ? 2.641   -8.194  3.539   1.00 29.57 ? 56  GLU A CD  1 
ATOM   430  O OE1 . GLU A 1 82  ? 1.796   -7.281  3.427   1.00 21.59 ? 56  GLU A OE1 1 
ATOM   431  O OE2 . GLU A 1 82  ? 3.864   -7.983  3.670   1.00 39.93 ? 56  GLU A OE2 1 
ATOM   432  N N   . SER A 1 83  ? -2.176  -11.400 4.024   1.00 15.05 ? 57  SER A N   1 
ATOM   433  C CA  . SER A 1 83  ? -3.570  -11.334 4.451   1.00 16.21 ? 57  SER A CA  1 
ATOM   434  C C   . SER A 1 83  ? -4.321  -12.651 4.325   1.00 19.44 ? 57  SER A C   1 
ATOM   435  O O   . SER A 1 83  ? -5.418  -12.768 4.884   1.00 21.17 ? 57  SER A O   1 
ATOM   436  C CB  . SER A 1 83  ? -4.328  -10.267 3.649   1.00 11.99 ? 57  SER A CB  1 
ATOM   437  O OG  . SER A 1 83  ? -4.643  -10.742 2.351   1.00 13.96 ? 57  SER A OG  1 
ATOM   438  N N   . GLY A 1 84  ? -3.775  -13.635 3.615   1.00 16.15 ? 58  GLY A N   1 
ATOM   439  C CA  . GLY A 1 84  ? -4.488  -14.871 3.353   1.00 18.90 ? 58  GLY A CA  1 
ATOM   440  C C   . GLY A 1 84  ? -5.555  -14.780 2.287   1.00 20.14 ? 58  GLY A C   1 
ATOM   441  O O   . GLY A 1 84  ? -6.278  -15.759 2.074   1.00 15.83 ? 58  GLY A O   1 
ATOM   442  N N   . LEU A 1 85  ? -5.676  -13.643 1.608   1.00 13.76 ? 59  LEU A N   1 
ATOM   443  C CA  . LEU A 1 85  ? -6.733  -13.416 0.634   1.00 16.08 ? 59  LEU A CA  1 
ATOM   444  C C   . LEU A 1 85  ? -6.254  -13.718 -0.778  1.00 17.83 ? 59  LEU A C   1 
ATOM   445  O O   . LEU A 1 85  ? -5.101  -13.462 -1.136  1.00 18.00 ? 59  LEU A O   1 
ATOM   446  C CB  . LEU A 1 85  ? -7.230  -11.971 0.692   1.00 14.42 ? 59  LEU A CB  1 
ATOM   447  C CG  . LEU A 1 85  ? -7.864  -11.490 1.996   1.00 19.38 ? 59  LEU A CG  1 
ATOM   448  C CD1 . LEU A 1 85  ? -8.372  -10.062 1.819   1.00 16.74 ? 59  LEU A CD1 1 
ATOM   449  C CD2 . LEU A 1 85  ? -8.986  -12.419 2.423   1.00 18.69 ? 59  LEU A CD2 1 
ATOM   450  N N   . THR A 1 86  ? -7.167  -14.250 -1.583  1.00 12.02 ? 60  THR A N   1 
ATOM   451  C CA  . THR A 1 86  ? -6.930  -14.499 -2.996  1.00 12.94 ? 60  THR A CA  1 
ATOM   452  C C   . THR A 1 86  ? -7.640  -13.432 -3.820  1.00 13.24 ? 60  THR A C   1 
ATOM   453  O O   . THR A 1 86  ? -8.843  -13.207 -3.651  1.00 12.21 ? 60  THR A O   1 
ATOM   454  C CB  . THR A 1 86  ? -7.428  -15.890 -3.394  1.00 17.68 ? 60  THR A CB  1 
ATOM   455  O OG1 . THR A 1 86  ? -6.710  -16.891 -2.657  1.00 17.02 ? 60  THR A OG1 1 
ATOM   456  C CG2 . THR A 1 86  ? -7.227  -16.120 -4.890  1.00 14.40 ? 60  THR A CG2 1 
ATOM   457  N N   . VAL A 1 87  ? -6.895  -12.778 -4.710  1.00 15.05 ? 61  VAL A N   1 
ATOM   458  C CA  . VAL A 1 87  ? -7.453  -11.815 -5.650  1.00 16.59 ? 61  VAL A CA  1 
ATOM   459  C C   . VAL A 1 87  ? -7.189  -12.304 -7.067  1.00 20.39 ? 61  VAL A C   1 
ATOM   460  O O   . VAL A 1 87  ? -6.144  -12.905 -7.346  1.00 25.98 ? 61  VAL A O   1 
ATOM   461  C CB  . VAL A 1 87  ? -6.862  -10.403 -5.436  1.00 15.28 ? 61  VAL A CB  1 
ATOM   462  C CG1 . VAL A 1 87  ? -5.362  -10.410 -5.652  1.00 15.75 ? 61  VAL A CG1 1 
ATOM   463  C CG2 . VAL A 1 87  ? -7.537  -9.381  -6.349  1.00 17.08 ? 61  VAL A CG2 1 
ATOM   464  N N   . ASP A 1 88  ? -8.148  -12.061 -7.959  1.00 21.66 ? 62  ASP A N   1 
ATOM   465  C CA  . ASP A 1 88  ? -7.941  -12.302 -9.381  1.00 26.94 ? 62  ASP A CA  1 
ATOM   466  C C   . ASP A 1 88  ? -7.296  -11.090 -10.030 1.00 28.52 ? 62  ASP A C   1 
ATOM   467  O O   . ASP A 1 88  ? -6.089  -10.863 -9.892  1.00 32.98 ? 62  ASP A O   1 
ATOM   468  C CB  . ASP A 1 88  ? -9.261  -12.613 -10.082 1.00 22.66 ? 62  ASP A CB  1 
ATOM   469  N N   . ALA A 1 89  ? -8.106  -10.310 -10.743 1.00 32.15 ? 63  ALA A N   1 
ATOM   470  C CA  . ALA A 1 89  ? -7.611  -9.117  -11.410 1.00 27.42 ? 63  ALA A CA  1 
ATOM   471  C C   . ALA A 1 89  ? -7.357  -8.012  -10.393 1.00 22.00 ? 63  ALA A C   1 
ATOM   472  O O   . ALA A 1 89  ? -8.204  -7.722  -9.541  1.00 19.17 ? 63  ALA A O   1 
ATOM   473  C CB  . ALA A 1 89  ? -8.609  -8.644  -12.466 1.00 34.85 ? 63  ALA A CB  1 
ATOM   474  N N   . LEU A 1 90  ? -6.174  -7.423  -10.465 1.00 26.85 ? 64  LEU A N   1 
ATOM   475  C CA  . LEU A 1 90  ? -5.861  -6.210  -9.734  1.00 19.33 ? 64  LEU A CA  1 
ATOM   476  C C   . LEU A 1 90  ? -5.934  -5.033  -10.696 1.00 22.29 ? 64  LEU A C   1 
ATOM   477  O O   . LEU A 1 90  ? -5.671  -5.177  -11.892 1.00 25.07 ? 64  LEU A O   1 
ATOM   478  C CB  . LEU A 1 90  ? -4.471  -6.295  -9.099  1.00 18.74 ? 64  LEU A CB  1 
ATOM   479  C CG  . LEU A 1 90  ? -4.358  -7.269  -7.930  1.00 16.25 ? 64  LEU A CG  1 
ATOM   480  C CD1 . LEU A 1 90  ? -2.916  -7.692  -7.695  1.00 21.26 ? 64  LEU A CD1 1 
ATOM   481  C CD2 . LEU A 1 90  ? -4.949  -6.637  -6.684  1.00 18.22 ? 64  LEU A CD2 1 
ATOM   482  N N   . HIS A 1 91  ? -6.313  -3.872  -10.173 1.00 16.04 ? 65  HIS A N   1 
ATOM   483  C CA  . HIS A 1 91  ? -6.384  -2.654  -10.966 1.00 16.06 ? 65  HIS A CA  1 
ATOM   484  C C   . HIS A 1 91  ? -5.269  -1.706  -10.547 1.00 11.74 ? 65  HIS A C   1 
ATOM   485  O O   . HIS A 1 91  ? -5.124  -1.390  -9.360  1.00 10.73 ? 65  HIS A O   1 
ATOM   486  C CB  . HIS A 1 91  ? -7.749  -1.982  -10.817 1.00 20.98 ? 65  HIS A CB  1 
ATOM   487  C CG  . HIS A 1 91  ? -8.892  -2.862  -11.221 1.00 28.33 ? 65  HIS A CG  1 
ATOM   488  N ND1 . HIS A 1 91  ? -9.155  -3.183  -12.536 1.00 25.76 ? 65  HIS A ND1 1 
ATOM   489  C CD2 . HIS A 1 91  ? -9.830  -3.504  -10.484 1.00 25.74 ? 65  HIS A CD2 1 
ATOM   490  C CE1 . HIS A 1 91  ? -10.209 -3.977  -12.591 1.00 33.85 ? 65  HIS A CE1 1 
ATOM   491  N NE2 . HIS A 1 91  ? -10.638 -4.186  -11.360 1.00 38.95 ? 65  HIS A NE2 1 
ATOM   492  N N   . LYS A 1 92  ? -4.482  -1.263  -11.521 1.00 10.76 ? 66  LYS A N   1 
ATOM   493  C CA  . LYS A 1 92  ? -3.435  -0.295  -11.236 1.00 15.60 ? 66  LYS A CA  1 
ATOM   494  C C   . LYS A 1 92  ? -4.074  1.033   -10.863 1.00 12.85 ? 66  LYS A C   1 
ATOM   495  O O   . LYS A 1 92  ? -4.917  1.552   -11.600 1.00 15.75 ? 66  LYS A O   1 
ATOM   496  C CB  . LYS A 1 92  ? -2.522  -0.121  -12.450 1.00 18.47 ? 66  LYS A CB  1 
ATOM   497  C CG  . LYS A 1 92  ? -1.777  -1.379  -12.850 1.00 20.21 ? 66  LYS A CG  1 
ATOM   498  C CD  . LYS A 1 92  ? -0.850  -1.118  -14.031 1.00 27.82 ? 66  LYS A CD  1 
ATOM   499  C CE  . LYS A 1 92  ? -1.636  -0.814  -15.293 1.00 24.72 ? 66  LYS A CE  1 
ATOM   500  N N   . VAL A 1 93  ? -3.692  1.579   -9.712  1.00 8.53  ? 67  VAL A N   1 
ATOM   501  C CA  . VAL A 1 93  ? -4.215  2.873   -9.292  1.00 8.42  ? 67  VAL A CA  1 
ATOM   502  C C   . VAL A 1 93  ? -3.135  3.915   -9.062  1.00 9.53  ? 67  VAL A C   1 
ATOM   503  O O   . VAL A 1 93  ? -3.444  5.115   -9.099  1.00 9.51  ? 67  VAL A O   1 
ATOM   504  C CB  . VAL A 1 93  ? -5.095  2.743   -8.035  1.00 12.22 ? 67  VAL A CB  1 
ATOM   505  C CG1 . VAL A 1 93  ? -6.342  1.934   -8.353  1.00 15.40 ? 67  VAL A CG1 1 
ATOM   506  C CG2 . VAL A 1 93  ? -4.313  2.132   -6.891  1.00 12.92 ? 67  VAL A CG2 1 
ATOM   507  N N   . GLY A 1 94  ? -1.887  3.533   -8.829  1.00 8.05  ? 68  GLY A N   1 
ATOM   508  C CA  . GLY A 1 94  ? -0.904  4.556   -8.528  1.00 6.53  ? 68  GLY A CA  1 
ATOM   509  C C   . GLY A 1 94  ? 0.510   4.026   -8.567  1.00 8.60  ? 68  GLY A C   1 
ATOM   510  O O   . GLY A 1 94  ? 0.757   2.818   -8.574  1.00 8.42  ? 68  GLY A O   1 
ATOM   511  N N   . GLN A 1 95  ? 1.439   4.974   -8.604  1.00 9.44  ? 69  GLN A N   1 
ATOM   512  C CA  . GLN A 1 95  ? 2.855   4.708   -8.419  1.00 7.91  ? 69  GLN A CA  1 
ATOM   513  C C   . GLN A 1 95  ? 3.396   5.801   -7.517  1.00 11.60 ? 69  GLN A C   1 
ATOM   514  O O   . GLN A 1 95  ? 3.175   6.984   -7.783  1.00 9.44  ? 69  GLN A O   1 
ATOM   515  C CB  . GLN A 1 95  ? 3.603   4.693   -9.757  1.00 11.25 ? 69  GLN A CB  1 
ATOM   516  C CG  . GLN A 1 95  ? 5.102   4.503   -9.640  1.00 15.71 ? 69  GLN A CG  1 
ATOM   517  C CD  . GLN A 1 95  ? 5.786   4.449   -11.000 1.00 27.16 ? 69  GLN A CD  1 
ATOM   518  O OE1 . GLN A 1 95  ? 5.251   4.935   -11.996 1.00 32.77 ? 69  GLN A OE1 1 
ATOM   519  N NE2 . GLN A 1 95  ? 6.973   3.857   -11.043 1.00 22.79 ? 69  GLN A NE2 1 
ATOM   520  N N   . ILE A 1 96  ? 4.063   5.410   -6.436  1.00 7.55  ? 70  ILE A N   1 
ATOM   521  C CA  . ILE A 1 96  ? 4.681   6.357   -5.517  1.00 7.73  ? 70  ILE A CA  1 
ATOM   522  C C   . ILE A 1 96  ? 6.143   5.978   -5.363  1.00 10.15 ? 70  ILE A C   1 
ATOM   523  O O   . ILE A 1 96  ? 6.458   4.826   -5.045  1.00 8.98  ? 70  ILE A O   1 
ATOM   524  C CB  . ILE A 1 96  ? 4.006   6.379   -4.134  1.00 10.00 ? 70  ILE A CB  1 
ATOM   525  C CG1 . ILE A 1 96  ? 2.484   6.399   -4.244  1.00 14.55 ? 70  ILE A CG1 1 
ATOM   526  C CG2 . ILE A 1 96  ? 4.489   7.593   -3.342  1.00 11.37 ? 70  ILE A CG2 1 
ATOM   527  C CD1 . ILE A 1 96  ? 1.802   6.136   -2.913  1.00 14.35 ? 70  ILE A CD1 1 
ATOM   528  N N   . VAL A 1 97  ? 7.032   6.942   -5.579  1.00 7.23  ? 71  VAL A N   1 
ATOM   529  C CA  . VAL A 1 97  ? 8.456   6.746   -5.352  1.00 9.02  ? 71  VAL A CA  1 
ATOM   530  C C   . VAL A 1 97  ? 8.810   7.389   -4.023  1.00 12.28 ? 71  VAL A C   1 
ATOM   531  O O   . VAL A 1 97  ? 8.487   8.558   -3.791  1.00 11.56 ? 71  VAL A O   1 
ATOM   532  C CB  . VAL A 1 97  ? 9.294   7.340   -6.495  1.00 10.43 ? 71  VAL A CB  1 
ATOM   533  C CG1 . VAL A 1 97  ? 10.774  7.303   -6.141  1.00 14.72 ? 71  VAL A CG1 1 
ATOM   534  C CG2 . VAL A 1 97  ? 9.046   6.562   -7.767  1.00 8.76  ? 71  VAL A CG2 1 
ATOM   535  N N   . PHE A 1 98  ? 9.449   6.622   -3.144  1.00 9.10  ? 72  PHE A N   1 
ATOM   536  C CA  . PHE A 1 98  ? 9.843   7.109   -1.832  1.00 7.77  ? 72  PHE A CA  1 
ATOM   537  C C   . PHE A 1 98  ? 11.353  7.251   -1.766  1.00 11.65 ? 72  PHE A C   1 
ATOM   538  O O   . PHE A 1 98  ? 12.091  6.321   -2.115  1.00 10.28 ? 72  PHE A O   1 
ATOM   539  C CB  . PHE A 1 98  ? 9.357   6.175   -0.724  1.00 8.09  ? 72  PHE A CB  1 
ATOM   540  C CG  . PHE A 1 98  ? 7.873   6.142   -0.583  1.00 9.30  ? 72  PHE A CG  1 
ATOM   541  C CD1 . PHE A 1 98  ? 7.201   7.179   0.044   1.00 8.65  ? 72  PHE A CD1 1 
ATOM   542  C CD2 . PHE A 1 98  ? 7.143   5.076   -1.087  1.00 8.31  ? 72  PHE A CD2 1 
ATOM   543  C CE1 . PHE A 1 98  ? 5.820   7.151   0.168   1.00 8.69  ? 72  PHE A CE1 1 
ATOM   544  C CE2 . PHE A 1 98  ? 5.775   5.042   -0.974  1.00 8.94  ? 72  PHE A CE2 1 
ATOM   545  C CZ  . PHE A 1 98  ? 5.108   6.077   -0.334  1.00 8.90  ? 72  PHE A CZ  1 
ATOM   546  N N   . GLU A 1 99  ? 11.802  8.415   -1.319  1.00 9.16  ? 73  GLU A N   1 
ATOM   547  C CA  . GLU A 1 99  ? 13.196  8.641   -0.987  1.00 14.95 ? 73  GLU A CA  1 
ATOM   548  C C   . GLU A 1 99  ? 13.309  8.802   0.518   1.00 11.81 ? 73  GLU A C   1 
ATOM   549  O O   . GLU A 1 99  ? 12.557  9.573   1.119   1.00 13.50 ? 73  GLU A O   1 
ATOM   550  C CB  . GLU A 1 99  ? 13.751  9.881   -1.687  1.00 11.21 ? 73  GLU A CB  1 
ATOM   551  C CG  . GLU A 1 99  ? 15.219  10.092  -1.358  1.00 15.68 ? 73  GLU A CG  1 
ATOM   552  C CD  . GLU A 1 99  ? 15.708  11.488  -1.650  1.00 19.44 ? 73  GLU A CD  1 
ATOM   553  O OE1 . GLU A 1 99  ? 15.098  12.183  -2.491  1.00 26.15 ? 73  GLU A OE1 1 
ATOM   554  O OE2 . GLU A 1 99  ? 16.715  11.884  -1.033  1.00 23.64 ? 73  GLU A OE2 1 
ATOM   555  N N   . PHE A 1 100 ? 14.230  8.061   1.125   1.00 10.17 ? 74  PHE A N   1 
ATOM   556  C CA  . PHE A 1 100 ? 14.592  8.259   2.522   1.00 11.50 ? 74  PHE A CA  1 
ATOM   557  C C   . PHE A 1 100 ? 15.997  8.835   2.547   1.00 9.71  ? 74  PHE A C   1 
ATOM   558  O O   . PHE A 1 100 ? 16.931  8.205   2.047   1.00 12.24 ? 74  PHE A O   1 
ATOM   559  C CB  . PHE A 1 100 ? 14.498  6.951   3.307   1.00 12.84 ? 74  PHE A CB  1 
ATOM   560  C CG  . PHE A 1 100 ? 13.094  6.462   3.468   1.00 8.80  ? 74  PHE A CG  1 
ATOM   561  C CD1 . PHE A 1 100 ? 12.316  6.903   4.526   1.00 12.48 ? 74  PHE A CD1 1 
ATOM   562  C CD2 . PHE A 1 100 ? 12.540  5.587   2.549   1.00 15.46 ? 74  PHE A CD2 1 
ATOM   563  C CE1 . PHE A 1 100 ? 11.011  6.468   4.673   1.00 10.92 ? 74  PHE A CE1 1 
ATOM   564  C CE2 . PHE A 1 100 ? 11.228  5.150   2.688   1.00 16.88 ? 74  PHE A CE2 1 
ATOM   565  C CZ  . PHE A 1 100 ? 10.466  5.591   3.751   1.00 13.08 ? 74  PHE A CZ  1 
ATOM   566  N N   . VAL A 1 101 ? 16.135  10.054  3.076   1.00 12.09 ? 75  VAL A N   1 
ATOM   567  C CA  . VAL A 1 101 ? 17.422  10.734  3.012   1.00 10.76 ? 75  VAL A CA  1 
ATOM   568  C C   . VAL A 1 101 ? 18.469  9.907   3.741   1.00 10.64 ? 75  VAL A C   1 
ATOM   569  O O   . VAL A 1 101 ? 18.213  9.333   4.806   1.00 18.66 ? 75  VAL A O   1 
ATOM   570  C CB  . VAL A 1 101 ? 17.327  12.163  3.577   1.00 15.88 ? 75  VAL A CB  1 
ATOM   571  C CG1 . VAL A 1 101 ? 16.463  13.022  2.679   1.00 17.01 ? 75  VAL A CG1 1 
ATOM   572  C CG2 . VAL A 1 101 ? 16.785  12.156  4.995   1.00 21.76 ? 75  VAL A CG2 1 
ATOM   573  N N   . GLY A 1 102 ? 19.653  9.818   3.146   1.00 16.67 ? 76  GLY A N   1 
ATOM   574  C CA  . GLY A 1 102 ? 20.700  8.969   3.665   1.00 17.38 ? 76  GLY A CA  1 
ATOM   575  C C   . GLY A 1 102 ? 20.639  7.527   3.213   1.00 20.38 ? 76  GLY A C   1 
ATOM   576  O O   . GLY A 1 102 ? 21.549  6.756   3.545   1.00 19.60 ? 76  GLY A O   1 
ATOM   577  N N   . GLU A 1 103 ? 19.600  7.131   2.477   1.00 12.48 ? 77  GLU A N   1 
ATOM   578  C CA  . GLU A 1 103 ? 19.496  5.780   1.938   1.00 14.14 ? 77  GLU A CA  1 
ATOM   579  C C   . GLU A 1 103 ? 19.603  5.818   0.425   1.00 16.28 ? 77  GLU A C   1 
ATOM   580  O O   . GLU A 1 103 ? 18.897  6.605   -0.222  1.00 14.80 ? 77  GLU A O   1 
ATOM   581  C CB  . GLU A 1 103 ? 18.173  5.123   2.355   1.00 11.79 ? 77  GLU A CB  1 
ATOM   582  C CG  . GLU A 1 103 ? 18.008  5.026   3.870   1.00 25.59 ? 77  GLU A CG  1 
ATOM   583  C CD  . GLU A 1 103 ? 16.792  4.222   4.292   1.00 33.97 ? 77  GLU A CD  1 
ATOM   584  O OE1 . GLU A 1 103 ? 16.131  3.624   3.416   1.00 32.65 ? 77  GLU A OE1 1 
ATOM   585  O OE2 . GLU A 1 103 ? 16.497  4.186   5.505   1.00 32.94 ? 77  GLU A OE2 1 
ATOM   586  N N   . PRO A 1 104 ? 20.469  4.999   -0.176  1.00 13.08 ? 78  PRO A N   1 
ATOM   587  C CA  . PRO A 1 104 ? 20.711  5.149   -1.621  1.00 13.17 ? 78  PRO A CA  1 
ATOM   588  C C   . PRO A 1 104 ? 19.548  4.710   -2.488  1.00 12.66 ? 78  PRO A C   1 
ATOM   589  O O   . PRO A 1 104 ? 19.304  5.319   -3.538  1.00 14.60 ? 78  PRO A O   1 
ATOM   590  C CB  . PRO A 1 104 ? 21.951  4.275   -1.860  1.00 14.02 ? 78  PRO A CB  1 
ATOM   591  C CG  . PRO A 1 104 ? 21.919  3.267   -0.763  1.00 18.66 ? 78  PRO A CG  1 
ATOM   592  C CD  . PRO A 1 104 ? 21.353  3.992   0.435   1.00 15.46 ? 78  PRO A CD  1 
ATOM   593  N N   . GLU A 1 105 ? 18.818  3.674   -2.095  1.00 11.38 ? 79  GLU A N   1 
ATOM   594  C CA  . GLU A 1 105 ? 17.837  3.071   -2.984  1.00 6.52  ? 79  GLU A CA  1 
ATOM   595  C C   . GLU A 1 105 ? 16.477  3.739   -2.820  1.00 11.26 ? 79  GLU A C   1 
ATOM   596  O O   . GLU A 1 105 ? 15.964  3.856   -1.702  1.00 13.20 ? 79  GLU A O   1 
ATOM   597  C CB  . GLU A 1 105 ? 17.729  1.570   -2.715  1.00 18.24 ? 79  GLU A CB  1 
ATOM   598  C CG  . GLU A 1 105 ? 17.176  0.763   -3.876  1.00 24.91 ? 79  GLU A CG  1 
ATOM   599  C CD  . GLU A 1 105 ? 18.137  0.666   -5.051  1.00 31.42 ? 79  GLU A CD  1 
ATOM   600  O OE1 . GLU A 1 105 ? 17.721  0.147   -6.107  1.00 37.16 ? 79  GLU A OE1 1 
ATOM   601  O OE2 . GLU A 1 105 ? 19.303  1.105   -4.925  1.00 29.28 ? 79  GLU A OE2 1 
ATOM   602  N N   . LEU A 1 106 ? 15.903  4.179   -3.935  1.00 11.68 ? 80  LEU A N   1 
ATOM   603  C CA  . LEU A 1 106 ? 14.525  4.653   -3.945  1.00 11.03 ? 80  LEU A CA  1 
ATOM   604  C C   . LEU A 1 106 ? 13.573  3.462   -3.947  1.00 13.04 ? 80  LEU A C   1 
ATOM   605  O O   . LEU A 1 106 ? 13.859  2.417   -4.534  1.00 11.35 ? 80  LEU A O   1 
ATOM   606  C CB  . LEU A 1 106 ? 14.255  5.525   -5.175  1.00 10.95 ? 80  LEU A CB  1 
ATOM   607  C CG  . LEU A 1 106 ? 15.148  6.744   -5.431  1.00 11.45 ? 80  LEU A CG  1 
ATOM   608  C CD1 . LEU A 1 106 ? 14.765  7.427   -6.736  1.00 15.34 ? 80  LEU A CD1 1 
ATOM   609  C CD2 . LEU A 1 106 ? 15.068  7.730   -4.275  1.00 11.18 ? 80  LEU A CD2 1 
ATOM   610  N N   . MET A 1 107 ? 12.431  3.624   -3.286  1.00 7.83  ? 81  MET A N   1 
ATOM   611  C CA  . MET A 1 107 ? 11.414  2.575   -3.243  1.00 10.30 ? 81  MET A CA  1 
ATOM   612  C C   . MET A 1 107 ? 10.308  2.938   -4.226  1.00 9.25  ? 81  MET A C   1 
ATOM   613  O O   . MET A 1 107 ? 9.583   3.917   -4.025  1.00 12.06 ? 81  MET A O   1 
ATOM   614  C CB  . MET A 1 107 ? 10.871  2.401   -1.827  1.00 9.98  ? 81  MET A CB  1 
ATOM   615  C CG  . MET A 1 107 ? 11.939  1.992   -0.826  1.00 18.53 ? 81  MET A CG  1 
ATOM   616  S SD  . MET A 1 107 ? 11.329  1.960   0.869   1.00 22.08 ? 81  MET A SD  1 
ATOM   617  C CE  . MET A 1 107 ? 11.055  0.219   1.143   1.00 29.38 ? 81  MET A CE  1 
ATOM   618  N N   . ASP A 1 108 ? 10.185  2.147   -5.289  1.00 6.69  ? 82  ASP A N   1 
ATOM   619  C CA  . ASP A 1 108 ? 9.244   2.401   -6.378  1.00 5.80  ? 82  ASP A CA  1 
ATOM   620  C C   . ASP A 1 108 ? 8.020   1.527   -6.140  1.00 12.79 ? 82  ASP A C   1 
ATOM   621  O O   . ASP A 1 108 ? 8.008   0.353   -6.514  1.00 10.86 ? 82  ASP A O   1 
ATOM   622  C CB  . ASP A 1 108 ? 9.908   2.098   -7.721  1.00 11.23 ? 82  ASP A CB  1 
ATOM   623  C CG  . ASP A 1 108 ? 8.976   2.288   -8.903  1.00 19.73 ? 82  ASP A CG  1 
ATOM   624  O OD1 . ASP A 1 108 ? 7.942   2.966   -8.758  1.00 20.79 ? 82  ASP A OD1 1 
ATOM   625  O OD2 . ASP A 1 108 ? 9.286   1.753   -9.991  1.00 23.13 ? 82  ASP A OD2 1 
ATOM   626  N N   . VAL A 1 109 ? 6.992   2.098   -5.520  1.00 10.52 ? 83  VAL A N   1 
ATOM   627  C CA  . VAL A 1 109 ? 5.839   1.334   -5.047  1.00 10.53 ? 83  VAL A CA  1 
ATOM   628  C C   . VAL A 1 109 ? 4.721   1.423   -6.075  1.00 7.76  ? 83  VAL A C   1 
ATOM   629  O O   . VAL A 1 109 ? 4.222   2.516   -6.374  1.00 10.42 ? 83  VAL A O   1 
ATOM   630  C CB  . VAL A 1 109 ? 5.356   1.830   -3.676  1.00 9.80  ? 83  VAL A CB  1 
ATOM   631  C CG1 . VAL A 1 109 ? 4.154   1.010   -3.212  1.00 8.92  ? 83  VAL A CG1 1 
ATOM   632  C CG2 . VAL A 1 109 ? 6.484   1.751   -2.657  1.00 7.77  ? 83  VAL A CG2 1 
ATOM   633  N N   . HIS A 1 110 ? 4.312   0.279   -6.602  1.00 5.53  ? 84  HIS A N   1 
ATOM   634  C CA  . HIS A 1 110 ? 3.185   0.195   -7.519  1.00 5.91  ? 84  HIS A CA  1 
ATOM   635  C C   . HIS A 1 110 ? 1.940   -0.192  -6.732  1.00 10.31 ? 84  HIS A C   1 
ATOM   636  O O   . HIS A 1 110 ? 1.902   -1.264  -6.120  1.00 7.18  ? 84  HIS A O   1 
ATOM   637  C CB  . HIS A 1 110 ? 3.484   -0.813  -8.627  1.00 7.45  ? 84  HIS A CB  1 
ATOM   638  C CG  . HIS A 1 110 ? 4.598   -0.379  -9.526  1.00 12.58 ? 84  HIS A CG  1 
ATOM   639  N ND1 . HIS A 1 110 ? 4.416   -0.125  -10.867 1.00 11.92 ? 84  HIS A ND1 1 
ATOM   640  C CD2 . HIS A 1 110 ? 5.902   -0.123  -9.266  1.00 10.70 ? 84  HIS A CD2 1 
ATOM   641  C CE1 . HIS A 1 110 ? 5.565   0.254   -11.399 1.00 13.68 ? 84  HIS A CE1 1 
ATOM   642  N NE2 . HIS A 1 110 ? 6.481   0.269   -10.449 1.00 12.47 ? 84  HIS A NE2 1 
ATOM   643  N N   . VAL A 1 111 ? 0.936   0.684   -6.742  1.00 8.97  ? 85  VAL A N   1 
ATOM   644  C CA  . VAL A 1 111 ? -0.249  0.548   -5.900  1.00 7.59  ? 85  VAL A CA  1 
ATOM   645  C C   . VAL A 1 111 ? -1.384  -0.035  -6.728  1.00 7.96  ? 85  VAL A C   1 
ATOM   646  O O   . VAL A 1 111 ? -1.637  0.415   -7.853  1.00 8.32  ? 85  VAL A O   1 
ATOM   647  C CB  . VAL A 1 111 ? -0.657  1.898   -5.286  1.00 4.49  ? 85  VAL A CB  1 
ATOM   648  C CG1 . VAL A 1 111 ? -1.793  1.709   -4.292  1.00 8.19  ? 85  VAL A CG1 1 
ATOM   649  C CG2 . VAL A 1 111 ? 0.531   2.551   -4.629  1.00 5.05  ? 85  VAL A CG2 1 
ATOM   650  N N   . PHE A 1 112 ? -2.071  -1.023  -6.162  1.00 5.31  ? 86  PHE A N   1 
ATOM   651  C CA  . PHE A 1 112 ? -3.174  -1.711  -6.816  1.00 8.71  ? 86  PHE A CA  1 
ATOM   652  C C   . PHE A 1 112 ? -4.391  -1.706  -5.904  1.00 6.93  ? 86  PHE A C   1 
ATOM   653  O O   . PHE A 1 112 ? -4.264  -1.682  -4.676  1.00 8.14  ? 86  PHE A O   1 
ATOM   654  C CB  . PHE A 1 112 ? -2.822  -3.168  -7.149  1.00 9.11  ? 86  PHE A CB  1 
ATOM   655  C CG  . PHE A 1 112 ? -1.674  -3.328  -8.099  1.00 10.35 ? 86  PHE A CG  1 
ATOM   656  C CD1 . PHE A 1 112 ? -0.368  -3.307  -7.643  1.00 7.40  ? 86  PHE A CD1 1 
ATOM   657  C CD2 . PHE A 1 112 ? -1.904  -3.540  -9.452  1.00 13.20 ? 86  PHE A CD2 1 
ATOM   658  C CE1 . PHE A 1 112 ? 0.692   -3.475  -8.521  1.00 14.14 ? 86  PHE A CE1 1 
ATOM   659  C CE2 . PHE A 1 112 ? -0.851  -3.706  -10.332 1.00 12.71 ? 86  PHE A CE2 1 
ATOM   660  C CZ  . PHE A 1 112 ? 0.449   -3.674  -9.866  1.00 11.66 ? 86  PHE A CZ  1 
ATOM   661  N N   . CYS A 1 113 ? -5.577  -1.761  -6.515  1.00 8.42  ? 87  CYS A N   1 
ATOM   662  C CA  A CYS A 1 113 ? -6.844  -1.859  -5.800  0.55 9.03  ? 87  CYS A CA  1 
ATOM   663  C CA  B CYS A 1 113 ? -6.815  -1.892  -5.765  0.45 9.11  ? 87  CYS A CA  1 
ATOM   664  C C   . CYS A 1 113 ? -7.643  -3.050  -6.307  1.00 11.75 ? 87  CYS A C   1 
ATOM   665  O O   . CYS A 1 113 ? -7.535  -3.433  -7.475  1.00 12.04 ? 87  CYS A O   1 
ATOM   666  C CB  A CYS A 1 113 ? -7.693  -0.596  -5.971  0.55 12.40 ? 87  CYS A CB  1 
ATOM   667  C CB  B CYS A 1 113 ? -7.641  -0.600  -5.802  0.45 12.48 ? 87  CYS A CB  1 
ATOM   668  S SG  A CYS A 1 113 ? -7.250  0.736   -4.862  0.55 10.12 ? 87  CYS A SG  1 
ATOM   669  S SG  B CYS A 1 113 ? -8.688  -0.435  -7.250  0.45 20.70 ? 87  CYS A SG  1 
ATOM   670  N N   . THR A 1 114 ? -8.460  -3.616  -5.423  1.00 10.97 ? 88  THR A N   1 
ATOM   671  C CA  . THR A 1 114 ? -9.435  -4.630  -5.794  1.00 15.58 ? 88  THR A CA  1 
ATOM   672  C C   . THR A 1 114 ? -10.633 -4.466  -4.875  1.00 14.17 ? 88  THR A C   1 
ATOM   673  O O   . THR A 1 114 ? -10.495 -4.003  -3.739  1.00 14.91 ? 88  THR A O   1 
ATOM   674  C CB  . THR A 1 114 ? -8.880  -6.060  -5.693  1.00 18.92 ? 88  THR A CB  1 
ATOM   675  O OG1 . THR A 1 114 ? -9.873  -6.992  -6.145  1.00 19.66 ? 88  THR A OG1 1 
ATOM   676  C CG2 . THR A 1 114 ? -8.507  -6.400  -4.252  1.00 15.63 ? 88  THR A CG2 1 
ATOM   677  N N   . ASP A 1 115 ? -11.814 -4.820  -5.383  1.00 13.72 ? 89  ASP A N   1 
ATOM   678  C CA  . ASP A 1 115 ? -13.015 -4.879  -4.562  1.00 19.57 ? 89  ASP A CA  1 
ATOM   679  C C   . ASP A 1 115 ? -13.542 -6.297  -4.391  1.00 22.99 ? 89  ASP A C   1 
ATOM   680  O O   . ASP A 1 115 ? -14.542 -6.490  -3.696  1.00 24.60 ? 89  ASP A O   1 
ATOM   681  C CB  . ASP A 1 115 ? -14.117 -3.981  -5.147  1.00 19.56 ? 89  ASP A CB  1 
ATOM   682  C CG  . ASP A 1 115 ? -14.575 -4.417  -6.530  1.00 32.98 ? 89  ASP A CG  1 
ATOM   683  O OD1 . ASP A 1 115 ? -13.989 -5.362  -7.102  1.00 30.32 ? 89  ASP A OD1 1 
ATOM   684  O OD2 . ASP A 1 115 ? -15.535 -3.804  -7.046  1.00 30.92 ? 89  ASP A OD2 1 
ATOM   685  N N   . SER A 1 116 ? -12.895 -7.289  -4.998  1.00 23.92 ? 90  SER A N   1 
ATOM   686  C CA  . SER A 1 116 ? -13.361 -8.669  -4.970  1.00 26.79 ? 90  SER A CA  1 
ATOM   687  C C   . SER A 1 116 ? -12.218 -9.567  -4.526  1.00 18.52 ? 90  SER A C   1 
ATOM   688  O O   . SER A 1 116 ? -11.184 -9.637  -5.200  1.00 26.29 ? 90  SER A O   1 
ATOM   689  C CB  . SER A 1 116 ? -13.882 -9.105  -6.341  1.00 37.38 ? 90  SER A CB  1 
ATOM   690  O OG  . SER A 1 116 ? -13.066 -8.585  -7.374  1.00 45.90 ? 90  SER A OG  1 
ATOM   691  N N   . ILE A 1 117 ? -12.406 -10.244 -3.395  1.00 19.39 ? 91  ILE A N   1 
ATOM   692  C CA  . ILE A 1 117 ? -11.419 -11.157 -2.841  1.00 20.38 ? 91  ILE A CA  1 
ATOM   693  C C   . ILE A 1 117 ? -12.123 -12.446 -2.435  1.00 18.74 ? 91  ILE A C   1 
ATOM   694  O O   . ILE A 1 117 ? -13.350 -12.508 -2.335  1.00 23.01 ? 91  ILE A O   1 
ATOM   695  C CB  . ILE A 1 117 ? -10.648 -10.539 -1.648  1.00 18.67 ? 91  ILE A CB  1 
ATOM   696  C CG1 . ILE A 1 117 ? -11.559 -9.717  -0.722  1.00 25.44 ? 91  ILE A CG1 1 
ATOM   697  C CG2 . ILE A 1 117 ? -9.484  -9.678  -2.137  1.00 21.46 ? 91  ILE A CG2 1 
ATOM   698  C CD1 . ILE A 1 117 ? -12.619 -10.496 0.033   1.00 30.27 ? 91  ILE A CD1 1 
ATOM   699  N N   . GLN A 1 118 ? -11.327 -13.488 -2.217  1.00 13.17 ? 92  GLN A N   1 
ATOM   700  C CA  . GLN A 1 118 ? -11.813 -14.734 -1.645  1.00 17.13 ? 92  GLN A CA  1 
ATOM   701  C C   . GLN A 1 118 ? -11.000 -15.051 -0.403  1.00 17.77 ? 92  GLN A C   1 
ATOM   702  O O   . GLN A 1 118 ? -9.812  -14.729 -0.324  1.00 15.93 ? 92  GLN A O   1 
ATOM   703  C CB  . GLN A 1 118 ? -11.720 -15.896 -2.636  1.00 17.18 ? 92  GLN A CB  1 
ATOM   704  C CG  . GLN A 1 118 ? -12.674 -15.773 -3.798  1.00 17.94 ? 92  GLN A CG  1 
ATOM   705  C CD  . GLN A 1 118 ? -12.425 -16.826 -4.849  1.00 27.63 ? 92  GLN A CD  1 
ATOM   706  O OE1 . GLN A 1 118 ? -13.147 -17.816 -4.938  1.00 24.30 ? 92  GLN A OE1 1 
ATOM   707  N NE2 . GLN A 1 118 ? -11.387 -16.623 -5.646  1.00 17.24 ? 92  GLN A NE2 1 
ATOM   708  N N   . GLY A 1 119 ? -11.648 -15.684 0.566   1.00 19.79 ? 93  GLY A N   1 
ATOM   709  C CA  . GLY A 1 119 ? -11.028 -15.976 1.839   1.00 14.41 ? 93  GLY A CA  1 
ATOM   710  C C   . GLY A 1 119 ? -11.375 -14.940 2.894   1.00 15.26 ? 93  GLY A C   1 
ATOM   711  O O   . GLY A 1 119 ? -11.966 -13.892 2.624   1.00 24.37 ? 93  GLY A O   1 
ATOM   712  N N   . THR A 1 120 ? -11.022 -15.272 4.126   1.00 19.43 ? 94  THR A N   1 
ATOM   713  C CA  . THR A 1 120 ? -11.200 -14.408 5.280   1.00 16.31 ? 94  THR A CA  1 
ATOM   714  C C   . THR A 1 120 ? -9.849  -13.862 5.714   1.00 14.39 ? 94  THR A C   1 
ATOM   715  O O   . THR A 1 120 ? -8.875  -14.622 5.769   1.00 19.75 ? 94  THR A O   1 
ATOM   716  C CB  . THR A 1 120 ? -11.836 -15.170 6.452   1.00 18.04 ? 94  THR A CB  1 
ATOM   717  O OG1 . THR A 1 120 ? -13.026 -15.829 6.003   1.00 29.35 ? 94  THR A OG1 1 
ATOM   718  C CG2 . THR A 1 120 ? -12.199 -14.221 7.597   1.00 16.70 ? 94  THR A CG2 1 
ATOM   719  N N   . PRO A 1 121 ? -9.745  -12.566 6.007   1.00 13.12 ? 95  PRO A N   1 
ATOM   720  C CA  . PRO A 1 121 ? -8.471  -12.025 6.500   1.00 16.14 ? 95  PRO A CA  1 
ATOM   721  C C   . PRO A 1 121 ? -8.011  -12.788 7.733   1.00 17.45 ? 95  PRO A C   1 
ATOM   722  O O   . PRO A 1 121 ? -8.793  -13.065 8.642   1.00 20.24 ? 95  PRO A O   1 
ATOM   723  C CB  . PRO A 1 121 ? -8.807  -10.565 6.822   1.00 14.50 ? 95  PRO A CB  1 
ATOM   724  C CG  . PRO A 1 121 ? -9.969  -10.245 5.924   1.00 13.92 ? 95  PRO A CG  1 
ATOM   725  C CD  . PRO A 1 121 ? -10.761 -11.513 5.817   1.00 16.65 ? 95  PRO A CD  1 
ATOM   726  N N   . VAL A 1 122 ? -6.735  -13.153 7.746   1.00 23.48 ? 96  VAL A N   1 
ATOM   727  C CA  . VAL A 1 122 ? -6.176  -13.976 8.808   1.00 24.34 ? 96  VAL A CA  1 
ATOM   728  C C   . VAL A 1 122 ? -5.097  -13.177 9.525   1.00 17.76 ? 96  VAL A C   1 
ATOM   729  O O   . VAL A 1 122 ? -4.278  -12.512 8.882   1.00 17.31 ? 96  VAL A O   1 
ATOM   730  C CB  . VAL A 1 122 ? -5.626  -15.306 8.256   1.00 34.95 ? 96  VAL A CB  1 
ATOM   731  C CG1 . VAL A 1 122 ? -4.515  -15.067 7.248   1.00 24.52 ? 96  VAL A CG1 1 
ATOM   732  C CG2 . VAL A 1 122 ? -5.154  -16.189 9.383   1.00 31.69 ? 96  VAL A CG2 1 
ATOM   733  N N   . GLU A 1 123 ? -5.121  -13.208 10.854  1.00 12.81 ? 97  GLU A N   1 
ATOM   734  C CA  . GLU A 1 123 ? -4.056  -12.593 11.632  1.00 18.21 ? 97  GLU A CA  1 
ATOM   735  C C   . GLU A 1 123 ? -2.920  -13.587 11.808  1.00 22.76 ? 97  GLU A C   1 
ATOM   736  O O   . GLU A 1 123 ? -3.142  -14.764 12.108  1.00 16.31 ? 97  GLU A O   1 
ATOM   737  C CB  . GLU A 1 123 ? -4.540  -12.118 13.001  1.00 23.32 ? 97  GLU A CB  1 
ATOM   738  C CG  . GLU A 1 123 ? -3.400  -11.577 13.870  1.00 20.87 ? 97  GLU A CG  1 
ATOM   739  C CD  . GLU A 1 123 ? -3.875  -10.926 15.149  1.00 26.36 ? 97  GLU A CD  1 
ATOM   740  O OE1 . GLU A 1 123 ? -5.083  -11.001 15.437  1.00 25.14 ? 97  GLU A OE1 1 
ATOM   741  O OE2 . GLU A 1 123 ? -3.036  -10.348 15.872  1.00 23.06 ? 97  GLU A OE2 1 
ATOM   742  N N   . SER A 1 124 ? -1.699  -13.100 11.625  1.00 14.79 ? 98  SER A N   1 
ATOM   743  C CA  . SER A 1 124 ? -0.505  -13.919 11.739  1.00 15.00 ? 98  SER A CA  1 
ATOM   744  C C   . SER A 1 124 ? 0.487   -13.226 12.661  1.00 17.82 ? 98  SER A C   1 
ATOM   745  O O   . SER A 1 124 ? 0.233   -12.131 13.178  1.00 17.29 ? 98  SER A O   1 
ATOM   746  C CB  . SER A 1 124 ? 0.113   -14.158 10.360  1.00 10.01 ? 98  SER A CB  1 
ATOM   747  O OG  . SER A 1 124 ? 0.577   -12.930 9.817   1.00 16.84 ? 98  SER A OG  1 
ATOM   748  N N   . ASP A 1 125 ? 1.643   -13.868 12.856  1.00 17.15 ? 99  ASP A N   1 
ATOM   749  C CA  . ASP A 1 125 ? 2.716   -13.243 13.618  1.00 15.22 ? 99  ASP A CA  1 
ATOM   750  C C   . ASP A 1 125 ? 3.232   -11.983 12.940  1.00 17.16 ? 99  ASP A C   1 
ATOM   751  O O   . ASP A 1 125 ? 3.891   -11.167 13.591  1.00 25.31 ? 99  ASP A O   1 
ATOM   752  C CB  . ASP A 1 125 ? 3.873   -14.232 13.824  1.00 16.06 ? 99  ASP A CB  1 
ATOM   753  C CG  . ASP A 1 125 ? 4.607   -14.577 12.520  1.00 29.91 ? 99  ASP A CG  1 
ATOM   754  O OD1 . ASP A 1 125 ? 3.980   -14.570 11.436  1.00 22.20 ? 99  ASP A OD1 1 
ATOM   755  O OD2 . ASP A 1 125 ? 5.826   -14.867 12.581  1.00 28.11 ? 99  ASP A OD2 1 
ATOM   756  N N   . GLU A 1 126 ? 2.949   -11.803 11.651  1.00 11.63 ? 100 GLU A N   1 
ATOM   757  C CA  . GLU A 1 126 ? 3.475   -10.660 10.918  1.00 17.57 ? 100 GLU A CA  1 
ATOM   758  C C   . GLU A 1 126 ? 2.462   -9.545  10.718  1.00 15.82 ? 100 GLU A C   1 
ATOM   759  O O   . GLU A 1 126 ? 2.869   -8.400  10.495  1.00 13.45 ? 100 GLU A O   1 
ATOM   760  C CB  . GLU A 1 126 ? 3.991   -11.101 9.544   1.00 16.38 ? 100 GLU A CB  1 
ATOM   761  N N   . MET A 1 127 ? 1.165   -9.839  10.798  1.00 11.33 ? 101 MET A N   1 
ATOM   762  C CA  . MET A 1 127 ? 0.175   -8.893  10.307  1.00 14.17 ? 101 MET A CA  1 
ATOM   763  C C   . MET A 1 127 ? -1.158  -9.091  11.015  1.00 17.98 ? 101 MET A C   1 
ATOM   764  O O   . MET A 1 127 ? -1.598  -10.226 11.215  1.00 14.28 ? 101 MET A O   1 
ATOM   765  C CB  . MET A 1 127 ? 0.000   -9.054  8.792   1.00 13.82 ? 101 MET A CB  1 
ATOM   766  C CG  . MET A 1 127 ? -0.811  -7.956  8.153   1.00 14.11 ? 101 MET A CG  1 
ATOM   767  S SD  . MET A 1 127 ? 0.100   -6.408  8.107   1.00 19.52 ? 101 MET A SD  1 
ATOM   768  C CE  . MET A 1 127 ? 1.401   -6.819  6.932   1.00 18.34 ? 101 MET A CE  1 
ATOM   769  N N   . ARG A 1 128 ? -1.799  -7.975  11.369  1.00 13.04 ? 102 ARG A N   1 
ATOM   770  C CA  . ARG A 1 128 ? -3.125  -7.965  11.990  1.00 13.20 ? 102 ARG A CA  1 
ATOM   771  C C   . ARG A 1 128 ? -4.094  -7.191  11.103  1.00 11.84 ? 102 ARG A C   1 
ATOM   772  O O   . ARG A 1 128 ? -4.100  -5.948  11.125  1.00 11.85 ? 102 ARG A O   1 
ATOM   773  C CB  . ARG A 1 128 ? -3.054  -7.339  13.383  1.00 14.10 ? 102 ARG A CB  1 
ATOM   774  C CG  . ARG A 1 128 ? -4.396  -7.159  14.081  1.00 16.39 ? 102 ARG A CG  1 
ATOM   775  C CD  . ARG A 1 128 ? -4.213  -6.821  15.561  1.00 13.86 ? 102 ARG A CD  1 
ATOM   776  N NE  . ARG A 1 128 ? -3.562  -5.531  15.796  1.00 17.08 ? 102 ARG A NE  1 
ATOM   777  C CZ  . ARG A 1 128 ? -4.211  -4.401  16.068  1.00 15.24 ? 102 ARG A CZ  1 
ATOM   778  N NH1 . ARG A 1 128 ? -5.534  -4.397  16.127  1.00 18.49 ? 102 ARG A NH1 1 
ATOM   779  N NH2 . ARG A 1 128 ? -3.541  -3.276  16.274  1.00 24.31 ? 102 ARG A NH2 1 
ATOM   780  N N   A PRO A 1 129 ? -4.918  -7.865  10.308  0.79 16.53 ? 103 PRO A N   1 
ATOM   781  N N   B PRO A 1 129 ? -4.926  -7.866  10.317  0.21 16.45 ? 103 PRO A N   1 
ATOM   782  C CA  A PRO A 1 129 ? -5.819  -7.147  9.402   0.79 14.65 ? 103 PRO A CA  1 
ATOM   783  C CA  B PRO A 1 129 ? -5.847  -7.154  9.427   0.21 14.66 ? 103 PRO A CA  1 
ATOM   784  C C   A PRO A 1 129 ? -7.103  -6.720  10.093  0.79 14.85 ? 103 PRO A C   1 
ATOM   785  C C   B PRO A 1 129 ? -7.096  -6.672  10.154  0.21 14.77 ? 103 PRO A C   1 
ATOM   786  O O   A PRO A 1 129 ? -7.569  -7.348  11.046  0.79 14.40 ? 103 PRO A O   1 
ATOM   787  O O   B PRO A 1 129 ? -7.509  -7.217  11.178  0.21 14.52 ? 103 PRO A O   1 
ATOM   788  C CB  A PRO A 1 129 ? -6.100  -8.181  8.305   0.79 16.56 ? 103 PRO A CB  1 
ATOM   789  C CB  B PRO A 1 129 ? -6.198  -8.210  8.372   0.21 16.53 ? 103 PRO A CB  1 
ATOM   790  C CG  A PRO A 1 129 ? -6.033  -9.491  9.032   0.79 23.34 ? 103 PRO A CG  1 
ATOM   791  C CG  B PRO A 1 129 ? -6.099  -9.501  9.116   0.21 22.86 ? 103 PRO A CG  1 
ATOM   792  C CD  A PRO A 1 129 ? -4.998  -9.326  10.128  0.79 19.39 ? 103 PRO A CD  1 
ATOM   793  C CD  B PRO A 1 129 ? -4.993  -9.327  10.131  0.21 19.25 ? 103 PRO A CD  1 
ATOM   794  N N   A CYS A 1 130 ? -7.677  -5.628  9.594   0.79 11.16 ? 104 CYS A N   1 
ATOM   795  N N   B CYS A 1 130 ? -7.698  -5.626  9.589   0.21 11.36 ? 104 CYS A N   1 
ATOM   796  C CA  A CYS A 1 130 ? -8.933  -5.130  10.133  0.79 10.63 ? 104 CYS A CA  1 
ATOM   797  C CA  B CYS A 1 130 ? -8.902  -5.028  10.148  0.21 10.75 ? 104 CYS A CA  1 
ATOM   798  C C   A CYS A 1 130 ? -9.622  -4.281  9.076   0.79 10.70 ? 104 CYS A C   1 
ATOM   799  C C   B CYS A 1 130 ? -9.624  -4.264  9.050   0.21 10.73 ? 104 CYS A C   1 
ATOM   800  O O   A CYS A 1 130 ? -8.960  -3.535  8.353   0.79 8.94  ? 104 CYS A O   1 
ATOM   801  O O   B CYS A 1 130 ? -8.987  -3.558  8.264   0.21 9.07  ? 104 CYS A O   1 
ATOM   802  C CB  A CYS A 1 130 ? -8.716  -4.308  11.406  0.79 13.46 ? 104 CYS A CB  1 
ATOM   803  C CB  B CYS A 1 130 ? -8.575  -4.084  11.312  0.21 12.93 ? 104 CYS A CB  1 
ATOM   804  S SG  A CYS A 1 130 ? -10.230 -3.979  12.329  0.79 20.60 ? 104 CYS A SG  1 
ATOM   805  S SG  B CYS A 1 130 ? -8.741  -4.804  12.961  0.21 12.34 ? 104 CYS A SG  1 
ATOM   806  N N   . TRP A 1 131 ? -10.947 -4.407  8.999   1.00 11.40 ? 105 TRP A N   1 
ATOM   807  C CA  . TRP A 1 131 ? -11.753 -3.600  8.093   1.00 10.95 ? 105 TRP A CA  1 
ATOM   808  C C   . TRP A 1 131 ? -12.026 -2.236  8.715   1.00 15.05 ? 105 TRP A C   1 
ATOM   809  O O   . TRP A 1 131 ? -12.264 -2.127  9.923   1.00 14.71 ? 105 TRP A O   1 
ATOM   810  C CB  . TRP A 1 131 ? -13.081 -4.288  7.782   1.00 10.72 ? 105 TRP A CB  1 
ATOM   811  C CG  . TRP A 1 131 ? -12.988 -5.497  6.893   1.00 12.04 ? 105 TRP A CG  1 
ATOM   812  C CD1 . TRP A 1 131 ? -13.085 -6.804  7.275   1.00 14.09 ? 105 TRP A CD1 1 
ATOM   813  C CD2 . TRP A 1 131 ? -12.810 -5.506  5.471   1.00 12.27 ? 105 TRP A CD2 1 
ATOM   814  N NE1 . TRP A 1 131 ? -12.967 -7.627  6.180   1.00 15.96 ? 105 TRP A NE1 1 
ATOM   815  C CE2 . TRP A 1 131 ? -12.796 -6.853  5.061   1.00 16.78 ? 105 TRP A CE2 1 
ATOM   816  C CE3 . TRP A 1 131 ? -12.649 -4.502  4.506   1.00 10.00 ? 105 TRP A CE3 1 
ATOM   817  C CZ2 . TRP A 1 131 ? -12.636 -7.224  3.729   1.00 15.89 ? 105 TRP A CZ2 1 
ATOM   818  C CZ3 . TRP A 1 131 ? -12.494 -4.873  3.184   1.00 13.39 ? 105 TRP A CZ3 1 
ATOM   819  C CH2 . TRP A 1 131 ? -12.485 -6.222  2.807   1.00 11.19 ? 105 TRP A CH2 1 
ATOM   820  N N   . PHE A 1 132 ? -11.996 -1.192  7.886   1.00 9.47  ? 106 PHE A N   1 
ATOM   821  C CA  . PHE A 1 132 ? -12.294 0.167   8.328   1.00 8.97  ? 106 PHE A CA  1 
ATOM   822  C C   . PHE A 1 132 ? -13.388 0.765   7.457   1.00 12.22 ? 106 PHE A C   1 
ATOM   823  O O   . PHE A 1 132 ? -13.332 0.664   6.228   1.00 11.77 ? 106 PHE A O   1 
ATOM   824  C CB  . PHE A 1 132 ? -11.046 1.058   8.265   1.00 9.57  ? 106 PHE A CB  1 
ATOM   825  C CG  . PHE A 1 132 ? -9.998  0.696   9.269   1.00 14.43 ? 106 PHE A CG  1 
ATOM   826  C CD1 . PHE A 1 132 ? -9.059  -0.285  8.986   1.00 12.11 ? 106 PHE A CD1 1 
ATOM   827  C CD2 . PHE A 1 132 ? -9.951  1.329   10.500  1.00 15.05 ? 106 PHE A CD2 1 
ATOM   828  C CE1 . PHE A 1 132 ? -8.094  -0.624  9.910   1.00 11.57 ? 106 PHE A CE1 1 
ATOM   829  C CE2 . PHE A 1 132 ? -8.986  0.989   11.428  1.00 11.86 ? 106 PHE A CE2 1 
ATOM   830  C CZ  . PHE A 1 132 ? -8.060  0.009   11.136  1.00 10.87 ? 106 PHE A CZ  1 
ATOM   831  N N   . GLN A 1 133 ? -14.378 1.388   8.090   1.00 9.67  ? 107 GLN A N   1 
ATOM   832  C CA  . GLN A 1 133 ? -15.300 2.238   7.350   1.00 16.73 ? 107 GLN A CA  1 
ATOM   833  C C   . GLN A 1 133 ? -14.543 3.423   6.767   1.00 11.66 ? 107 GLN A C   1 
ATOM   834  O O   . GLN A 1 133 ? -13.587 3.927   7.361   1.00 13.20 ? 107 GLN A O   1 
ATOM   835  C CB  . GLN A 1 133 ? -16.426 2.729   8.260   1.00 13.51 ? 107 GLN A CB  1 
ATOM   836  C CG  . GLN A 1 133 ? -17.280 1.611   8.830   1.00 22.69 ? 107 GLN A CG  1 
ATOM   837  C CD  . GLN A 1 133 ? -18.066 0.882   7.759   1.00 27.90 ? 107 GLN A CD  1 
ATOM   838  O OE1 . GLN A 1 133 ? -18.919 1.471   7.092   1.00 35.26 ? 107 GLN A OE1 1 
ATOM   839  N NE2 . GLN A 1 133 ? -17.783 -0.404  7.585   1.00 20.86 ? 107 GLN A NE2 1 
ATOM   840  N N   . LEU A 1 134 ? -14.982 3.873   5.588   1.00 17.99 ? 108 LEU A N   1 
ATOM   841  C CA  . LEU A 1 134 ? -14.226 4.895   4.869   1.00 16.57 ? 108 LEU A CA  1 
ATOM   842  C C   . LEU A 1 134 ? -14.102 6.178   5.678   1.00 19.56 ? 108 LEU A C   1 
ATOM   843  O O   . LEU A 1 134 ? -13.110 6.903   5.535   1.00 28.02 ? 108 LEU A O   1 
ATOM   844  C CB  . LEU A 1 134 ? -14.871 5.177   3.515   1.00 23.92 ? 108 LEU A CB  1 
ATOM   845  C CG  . LEU A 1 134 ? -15.008 3.966   2.595   1.00 21.63 ? 108 LEU A CG  1 
ATOM   846  C CD1 . LEU A 1 134 ? -15.338 4.408   1.187   1.00 21.83 ? 108 LEU A CD1 1 
ATOM   847  C CD2 . LEU A 1 134 ? -13.740 3.126   2.618   1.00 19.54 ? 108 LEU A CD2 1 
ATOM   848  N N   . ASP A 1 135 ? -15.076 6.459   6.544   1.00 17.67 ? 109 ASP A N   1 
ATOM   849  C CA  . ASP A 1 135 ? -15.032 7.631   7.408   1.00 27.99 ? 109 ASP A CA  1 
ATOM   850  C C   . ASP A 1 135 ? -14.095 7.471   8.598   1.00 23.07 ? 109 ASP A C   1 
ATOM   851  O O   . ASP A 1 135 ? -13.873 8.449   9.319   1.00 24.60 ? 109 ASP A O   1 
ATOM   852  C CB  . ASP A 1 135 ? -16.437 7.950   7.927   1.00 34.50 ? 109 ASP A CB  1 
ATOM   853  N N   . GLN A 1 136 ? -13.550 6.276   8.829   1.00 16.30 ? 110 GLN A N   1 
ATOM   854  C CA  . GLN A 1 136 ? -12.750 6.005   10.017  1.00 14.47 ? 110 GLN A CA  1 
ATOM   855  C C   . GLN A 1 136 ? -11.361 5.482   9.663   1.00 12.93 ? 110 GLN A C   1 
ATOM   856  O O   . GLN A 1 136 ? -10.739 4.768   10.449  1.00 14.87 ? 110 GLN A O   1 
ATOM   857  C CB  . GLN A 1 136 ? -13.475 5.025   10.941  1.00 19.34 ? 110 GLN A CB  1 
ATOM   858  C CG  . GLN A 1 136 ? -14.755 5.584   11.561  1.00 27.63 ? 110 GLN A CG  1 
ATOM   859  C CD  . GLN A 1 136 ? -15.674 4.494   12.094  1.00 51.31 ? 110 GLN A CD  1 
ATOM   860  O OE1 . GLN A 1 136 ? -16.154 3.643   11.343  1.00 45.78 ? 110 GLN A OE1 1 
ATOM   861  N NE2 . GLN A 1 136 ? -15.919 4.515   13.400  1.00 48.98 ? 110 GLN A NE2 1 
ATOM   862  N N   . ILE A 1 137 ? -10.863 5.829   8.481   1.00 12.81 ? 111 ILE A N   1 
ATOM   863  C CA  . ILE A 1 137 ? -9.512  5.401   8.109   1.00 10.47 ? 111 ILE A CA  1 
ATOM   864  C C   . ILE A 1 137 ? -8.512  6.009   9.084   1.00 9.74  ? 111 ILE A C   1 
ATOM   865  O O   . ILE A 1 137 ? -8.555  7.230   9.339   1.00 11.13 ? 111 ILE A O   1 
ATOM   866  C CB  . ILE A 1 137 ? -9.210  5.801   6.657   1.00 12.58 ? 111 ILE A CB  1 
ATOM   867  C CG1 . ILE A 1 137 ? -10.102 4.971   5.726   1.00 15.13 ? 111 ILE A CG1 1 
ATOM   868  C CG2 . ILE A 1 137 ? -7.735  5.602   6.337   1.00 8.84  ? 111 ILE A CG2 1 
ATOM   869  C CD1 . ILE A 1 137 ? -9.961  5.291   4.274   1.00 17.64 ? 111 ILE A CD1 1 
ATOM   870  N N   . PRO A 1 138 ? -7.628  5.212   9.692   1.00 10.75 ? 112 PRO A N   1 
ATOM   871  C CA  . PRO A 1 138 ? -6.814  5.677   10.835  1.00 10.58 ? 112 PRO A CA  1 
ATOM   872  C C   . PRO A 1 138 ? -5.538  6.396   10.408  1.00 10.30 ? 112 PRO A C   1 
ATOM   873  O O   . PRO A 1 138 ? -4.415  5.944   10.663  1.00 10.62 ? 112 PRO A O   1 
ATOM   874  C CB  . PRO A 1 138 ? -6.522  4.369   11.572  1.00 11.34 ? 112 PRO A CB  1 
ATOM   875  C CG  . PRO A 1 138 ? -6.398  3.362   10.456  1.00 13.26 ? 112 PRO A CG  1 
ATOM   876  C CD  . PRO A 1 138 ? -7.398  3.784   9.399   1.00 13.43 ? 112 PRO A CD  1 
ATOM   877  N N   . PHE A 1 139 ? -5.708  7.568   9.791   1.00 9.88  ? 113 PHE A N   1 
ATOM   878  C CA  . PHE A 1 139 ? -4.573  8.270   9.190   1.00 15.52 ? 113 PHE A CA  1 
ATOM   879  C C   . PHE A 1 139 ? -3.479  8.591   10.203  1.00 11.43 ? 113 PHE A C   1 
ATOM   880  O O   . PHE A 1 139 ? -2.295  8.614   9.848   1.00 12.08 ? 113 PHE A O   1 
ATOM   881  C CB  . PHE A 1 139 ? -5.051  9.550   8.504   1.00 16.78 ? 113 PHE A CB  1 
ATOM   882  C CG  . PHE A 1 139 ? -5.751  9.309   7.200   1.00 10.28 ? 113 PHE A CG  1 
ATOM   883  C CD1 . PHE A 1 139 ? -5.054  8.817   6.103   1.00 10.79 ? 113 PHE A CD1 1 
ATOM   884  C CD2 . PHE A 1 139 ? -7.106  9.574   7.069   1.00 14.84 ? 113 PHE A CD2 1 
ATOM   885  C CE1 . PHE A 1 139 ? -5.702  8.591   4.900   1.00 13.12 ? 113 PHE A CE1 1 
ATOM   886  C CE2 . PHE A 1 139 ? -7.761  9.350   5.866   1.00 16.34 ? 113 PHE A CE2 1 
ATOM   887  C CZ  . PHE A 1 139 ? -7.059  8.861   4.783   1.00 13.73 ? 113 PHE A CZ  1 
ATOM   888  N N   . LYS A 1 140 ? -3.845  8.833   11.464  1.00 13.98 ? 114 LYS A N   1 
ATOM   889  C CA  . LYS A 1 140 ? -2.833  9.140   12.472  1.00 15.68 ? 114 LYS A CA  1 
ATOM   890  C C   . LYS A 1 140 ? -1.918  7.948   12.743  1.00 13.77 ? 114 LYS A C   1 
ATOM   891  O O   . LYS A 1 140 ? -0.774  8.136   13.175  1.00 16.24 ? 114 LYS A O   1 
ATOM   892  C CB  . LYS A 1 140 ? -3.505  9.599   13.767  1.00 22.43 ? 114 LYS A CB  1 
ATOM   893  N N   . ASP A 1 141 ? -2.395  6.727   12.500  1.00 12.84 ? 115 ASP A N   1 
ATOM   894  C CA  . ASP A 1 141 ? -1.618  5.507   12.701  1.00 15.13 ? 115 ASP A CA  1 
ATOM   895  C C   . ASP A 1 141 ? -1.175  4.890   11.374  1.00 10.61 ? 115 ASP A C   1 
ATOM   896  O O   . ASP A 1 141 ? -1.007  3.672   11.272  1.00 10.05 ? 115 ASP A O   1 
ATOM   897  C CB  . ASP A 1 141 ? -2.415  4.489   13.518  1.00 12.71 ? 115 ASP A CB  1 
ATOM   898  C CG  . ASP A 1 141 ? -2.649  4.941   14.947  1.00 25.31 ? 115 ASP A CG  1 
ATOM   899  O OD1 . ASP A 1 141 ? -1.699  5.461   15.567  1.00 27.45 ? 115 ASP A OD1 1 
ATOM   900  O OD2 . ASP A 1 141 ? -3.782  4.774   15.452  1.00 21.18 ? 115 ASP A OD2 1 
ATOM   901  N N   . MET A 1 142 ? -0.999  5.722   10.351  1.00 9.95  ? 116 MET A N   1 
ATOM   902  C CA  . MET A 1 142 ? -0.515  5.302   9.043   1.00 10.87 ? 116 MET A CA  1 
ATOM   903  C C   . MET A 1 142 ? 0.694   6.150   8.668   1.00 10.22 ? 116 MET A C   1 
ATOM   904  O O   . MET A 1 142 ? 0.987   7.168   9.302   1.00 10.12 ? 116 MET A O   1 
ATOM   905  C CB  . MET A 1 142 ? -1.617  5.427   7.971   1.00 8.19  ? 116 MET A CB  1 
ATOM   906  C CG  . MET A 1 142 ? -2.838  4.538   8.217   1.00 9.18  ? 116 MET A CG  1 
ATOM   907  S SD  . MET A 1 142 ? -4.333  5.008   7.301   1.00 10.27 ? 116 MET A SD  1 
ATOM   908  C CE  . MET A 1 142 ? -3.906  4.485   5.638   1.00 9.29  ? 116 MET A CE  1 
ATOM   909  N N   . TRP A 1 143 ? 1.415   5.714   7.640   1.00 7.33  ? 117 TRP A N   1 
ATOM   910  C CA  . TRP A 1 143 ? 2.443   6.564   7.062   1.00 7.93  ? 117 TRP A CA  1 
ATOM   911  C C   . TRP A 1 143 ? 1.850   7.935   6.745   1.00 10.37 ? 117 TRP A C   1 
ATOM   912  O O   . TRP A 1 143 ? 0.716   8.019   6.255   1.00 9.35  ? 117 TRP A O   1 
ATOM   913  C CB  . TRP A 1 143 ? 3.007   5.938   5.784   1.00 9.86  ? 117 TRP A CB  1 
ATOM   914  C CG  . TRP A 1 143 ? 3.964   4.807   6.006   1.00 8.31  ? 117 TRP A CG  1 
ATOM   915  C CD1 . TRP A 1 143 ? 3.663   3.475   6.062   1.00 15.07 ? 117 TRP A CD1 1 
ATOM   916  C CD2 . TRP A 1 143 ? 5.386   4.904   6.171   1.00 10.86 ? 117 TRP A CD2 1 
ATOM   917  N NE1 . TRP A 1 143 ? 4.807   2.740   6.258   1.00 11.08 ? 117 TRP A NE1 1 
ATOM   918  C CE2 . TRP A 1 143 ? 5.876   3.591   6.335   1.00 11.08 ? 117 TRP A CE2 1 
ATOM   919  C CE3 . TRP A 1 143 ? 6.290   5.972   6.198   1.00 13.91 ? 117 TRP A CE3 1 
ATOM   920  C CZ2 . TRP A 1 143 ? 7.231   3.316   6.520   1.00 12.24 ? 117 TRP A CZ2 1 
ATOM   921  C CZ3 . TRP A 1 143 ? 7.637   5.698   6.383   1.00 14.57 ? 117 TRP A CZ3 1 
ATOM   922  C CH2 . TRP A 1 143 ? 8.092   4.382   6.548   1.00 16.57 ? 117 TRP A CH2 1 
ATOM   923  N N   . PRO A 1 144 ? 2.576   9.023   7.011   1.00 9.53  ? 118 PRO A N   1 
ATOM   924  C CA  . PRO A 1 144 ? 1.984   10.360  6.836   1.00 9.15  ? 118 PRO A CA  1 
ATOM   925  C C   . PRO A 1 144 ? 1.625   10.703  5.401   1.00 9.67  ? 118 PRO A C   1 
ATOM   926  O O   . PRO A 1 144 ? 0.689   11.484  5.189   1.00 10.28 ? 118 PRO A O   1 
ATOM   927  C CB  . PRO A 1 144 ? 3.071   11.298  7.384   1.00 13.01 ? 118 PRO A CB  1 
ATOM   928  C CG  . PRO A 1 144 ? 4.325   10.502  7.383   1.00 13.44 ? 118 PRO A CG  1 
ATOM   929  C CD  . PRO A 1 144 ? 3.916   9.081   7.620   1.00 15.28 ? 118 PRO A CD  1 
ATOM   930  N N   . ASP A 1 145 ? 2.338   10.158  4.407   1.00 9.65  ? 119 ASP A N   1 
ATOM   931  C CA  . ASP A 1 145 ? 1.997   10.439  3.015   1.00 5.82  ? 119 ASP A CA  1 
ATOM   932  C C   . ASP A 1 145 ? 0.616   9.919   2.638   1.00 9.62  ? 119 ASP A C   1 
ATOM   933  O O   . ASP A 1 145 ? 0.006   10.438  1.696   1.00 10.60 ? 119 ASP A O   1 
ATOM   934  C CB  . ASP A 1 145 ? 3.038   9.830   2.072   1.00 8.30  ? 119 ASP A CB  1 
ATOM   935  C CG  . ASP A 1 145 ? 3.200   8.346   2.282   1.00 10.46 ? 119 ASP A CG  1 
ATOM   936  O OD1 . ASP A 1 145 ? 3.724   7.966   3.345   1.00 7.64  ? 119 ASP A OD1 1 
ATOM   937  O OD2 . ASP A 1 145 ? 2.782   7.564   1.400   1.00 9.34  ? 119 ASP A OD2 1 
ATOM   938  N N   . ASP A 1 146 ? 0.112   8.898   3.343   1.00 7.70  ? 120 ASP A N   1 
ATOM   939  C CA  . ASP A 1 146 ? -1.182  8.321   2.996   1.00 6.14  ? 120 ASP A CA  1 
ATOM   940  C C   . ASP A 1 146 ? -2.293  9.358   3.045   1.00 10.02 ? 120 ASP A C   1 
ATOM   941  O O   . ASP A 1 146 ? -3.263  9.260   2.290   1.00 8.56  ? 120 ASP A O   1 
ATOM   942  C CB  . ASP A 1 146 ? -1.515  7.154   3.932   1.00 10.48 ? 120 ASP A CB  1 
ATOM   943  C CG  . ASP A 1 146 ? -0.524  6.009   3.812   1.00 14.09 ? 120 ASP A CG  1 
ATOM   944  O OD1 . ASP A 1 146 ? 0.625   6.264   3.407   1.00 12.84 ? 120 ASP A OD1 1 
ATOM   945  O OD2 . ASP A 1 146 ? -0.891  4.857   4.124   1.00 13.70 ? 120 ASP A OD2 1 
ATOM   946  N N   . SER A 1 147 ? -2.174  10.348  3.933   1.00 10.42 ? 121 SER A N   1 
ATOM   947  C CA  . SER A 1 147 ? -3.185  11.400  4.016   1.00 13.86 ? 121 SER A CA  1 
ATOM   948  C C   . SER A 1 147 ? -3.309  12.179  2.714   1.00 10.65 ? 121 SER A C   1 
ATOM   949  O O   . SER A 1 147 ? -4.356  12.787  2.465   1.00 12.32 ? 121 SER A O   1 
ATOM   950  C CB  . SER A 1 147 ? -2.853  12.348  5.172   1.00 9.32  ? 121 SER A CB  1 
ATOM   951  O OG  . SER A 1 147 ? -2.862  11.654  6.414   1.00 16.74 ? 121 SER A OG  1 
ATOM   952  N N   . TYR A 1 148 ? -2.268  12.160  1.879   1.00 8.54  ? 122 TYR A N   1 
ATOM   953  C CA  . TYR A 1 148 ? -2.275  12.896  0.619   1.00 9.20  ? 122 TYR A CA  1 
ATOM   954  C C   . TYR A 1 148 ? -2.962  12.115  -0.497  1.00 9.91  ? 122 TYR A C   1 
ATOM   955  O O   . TYR A 1 148 ? -3.804  12.660  -1.217  1.00 11.52 ? 122 TYR A O   1 
ATOM   956  C CB  . TYR A 1 148 ? -0.840  13.239  0.211   1.00 7.01  ? 122 TYR A CB  1 
ATOM   957  C CG  . TYR A 1 148 ? -0.200  14.314  1.056   1.00 10.52 ? 122 TYR A CG  1 
ATOM   958  C CD1 . TYR A 1 148 ? -0.367  15.656  0.742   1.00 20.29 ? 122 TYR A CD1 1 
ATOM   959  C CD2 . TYR A 1 148 ? 0.571   13.990  2.167   1.00 15.20 ? 122 TYR A CD2 1 
ATOM   960  C CE1 . TYR A 1 148 ? 0.210   16.645  1.505   1.00 27.00 ? 122 TYR A CE1 1 
ATOM   961  C CE2 . TYR A 1 148 ? 1.154   14.985  2.945   1.00 17.16 ? 122 TYR A CE2 1 
ATOM   962  C CZ  . TYR A 1 148 ? 0.969   16.308  2.603   1.00 30.43 ? 122 TYR A CZ  1 
ATOM   963  O OH  . TYR A 1 148 ? 1.539   17.307  3.355   1.00 28.62 ? 122 TYR A OH  1 
ATOM   964  N N   . TRP A 1 149 ? -2.614  10.836  -0.667  1.00 10.00 ? 123 TRP A N   1 
ATOM   965  C CA  . TRP A 1 149 ? -3.072  10.099  -1.839  1.00 9.50  ? 123 TRP A CA  1 
ATOM   966  C C   . TRP A 1 149 ? -4.221  9.139   -1.557  1.00 11.40 ? 123 TRP A C   1 
ATOM   967  O O   . TRP A 1 149 ? -4.952  8.787   -2.491  1.00 10.00 ? 123 TRP A O   1 
ATOM   968  C CB  . TRP A 1 149 ? -1.904  9.327   -2.486  1.00 8.91  ? 123 TRP A CB  1 
ATOM   969  C CG  . TRP A 1 149 ? -1.151  8.397   -1.561  1.00 8.26  ? 123 TRP A CG  1 
ATOM   970  C CD1 . TRP A 1 149 ? 0.015   8.664   -0.892  1.00 9.72  ? 123 TRP A CD1 1 
ATOM   971  C CD2 . TRP A 1 149 ? -1.505  7.051   -1.223  1.00 8.70  ? 123 TRP A CD2 1 
ATOM   972  N NE1 . TRP A 1 149 ? 0.394   7.570   -0.149  1.00 9.75  ? 123 TRP A NE1 1 
ATOM   973  C CE2 . TRP A 1 149 ? -0.521  6.568   -0.335  1.00 9.53  ? 123 TRP A CE2 1 
ATOM   974  C CE3 . TRP A 1 149 ? -2.565  6.209   -1.580  1.00 7.27  ? 123 TRP A CE3 1 
ATOM   975  C CZ2 . TRP A 1 149 ? -0.562  5.277   0.198   1.00 12.76 ? 123 TRP A CZ2 1 
ATOM   976  C CZ3 . TRP A 1 149 ? -2.605  4.924   -1.046  1.00 12.42 ? 123 TRP A CZ3 1 
ATOM   977  C CH2 . TRP A 1 149 ? -1.610  4.475   -0.168  1.00 12.51 ? 123 TRP A CH2 1 
ATOM   978  N N   . PHE A 1 150 ? -4.406  8.697   -0.312  1.00 9.68  ? 124 PHE A N   1 
ATOM   979  C CA  . PHE A 1 150 ? -5.539  7.820   -0.031  1.00 12.80 ? 124 PHE A CA  1 
ATOM   980  C C   . PHE A 1 150 ? -6.869  8.460   -0.418  1.00 13.17 ? 124 PHE A C   1 
ATOM   981  O O   . PHE A 1 150 ? -7.714  7.748   -0.993  1.00 11.14 ? 124 PHE A O   1 
ATOM   982  C CB  . PHE A 1 150 ? -5.521  7.396   1.445   1.00 13.96 ? 124 PHE A CB  1 
ATOM   983  C CG  . PHE A 1 150 ? -5.891  5.957   1.676   1.00 17.11 ? 124 PHE A CG  1 
ATOM   984  C CD1 . PHE A 1 150 ? -7.221  5.570   1.719   1.00 17.32 ? 124 PHE A CD1 1 
ATOM   985  C CD2 . PHE A 1 150 ? -4.913  4.993   1.854   1.00 16.31 ? 124 PHE A CD2 1 
ATOM   986  C CE1 . PHE A 1 150 ? -7.568  4.251   1.931   1.00 21.80 ? 124 PHE A CE1 1 
ATOM   987  C CE2 . PHE A 1 150 ? -5.251  3.676   2.072   1.00 18.43 ? 124 PHE A CE2 1 
ATOM   988  C CZ  . PHE A 1 150 ? -6.584  3.302   2.109   1.00 17.18 ? 124 PHE A CZ  1 
ATOM   989  N N   . PRO A 1 151 ? -7.119  9.753   -0.164  1.00 13.42 ? 125 PRO A N   1 
ATOM   990  C CA  . PRO A 1 151 ? -8.377  10.363  -0.635  1.00 16.55 ? 125 PRO A CA  1 
ATOM   991  C C   . PRO A 1 151 ? -8.583  10.295  -2.136  1.00 18.71 ? 125 PRO A C   1 
ATOM   992  O O   . PRO A 1 151 ? -9.730  10.180  -2.587  1.00 16.20 ? 125 PRO A O   1 
ATOM   993  C CB  . PRO A 1 151 ? -8.255  11.815  -0.153  1.00 17.50 ? 125 PRO A CB  1 
ATOM   994  C CG  . PRO A 1 151 ? -7.425  11.713  1.068   1.00 14.12 ? 125 PRO A CG  1 
ATOM   995  C CD  . PRO A 1 151 ? -6.406  10.654  0.761   1.00 13.90 ? 125 PRO A CD  1 
ATOM   996  N N   . LEU A 1 152 ? -7.514  10.383  -2.929  1.00 10.06 ? 126 LEU A N   1 
ATOM   997  C CA  . LEU A 1 152 ? -7.647  10.176  -4.366  1.00 9.73  ? 126 LEU A CA  1 
ATOM   998  C C   . LEU A 1 152 ? -8.114  8.757   -4.669  1.00 10.18 ? 126 LEU A C   1 
ATOM   999  O O   . LEU A 1 152 ? -8.986  8.548   -5.521  1.00 11.37 ? 126 LEU A O   1 
ATOM   1000 C CB  . LEU A 1 152 ? -6.316  10.463  -5.060  1.00 8.01  ? 126 LEU A CB  1 
ATOM   1001 C CG  . LEU A 1 152 ? -5.632  11.796  -4.745  1.00 10.25 ? 126 LEU A CG  1 
ATOM   1002 C CD1 . LEU A 1 152 ? -4.313  11.932  -5.511  1.00 13.38 ? 126 LEU A CD1 1 
ATOM   1003 C CD2 . LEU A 1 152 ? -6.552  12.962  -5.059  1.00 18.04 ? 126 LEU A CD2 1 
ATOM   1004 N N   . LEU A 1 153 ? -7.552  7.769   -3.969  1.00 12.46 ? 127 LEU A N   1 
ATOM   1005 C CA  . LEU A 1 153 ? -7.980  6.387   -4.156  1.00 17.33 ? 127 LEU A CA  1 
ATOM   1006 C C   . LEU A 1 153 ? -9.458  6.218   -3.843  1.00 13.75 ? 127 LEU A C   1 
ATOM   1007 O O   . LEU A 1 153 ? -10.169 5.491   -4.546  1.00 17.37 ? 127 LEU A O   1 
ATOM   1008 C CB  . LEU A 1 153 ? -7.148  5.452   -3.279  1.00 15.52 ? 127 LEU A CB  1 
ATOM   1009 C CG  . LEU A 1 153 ? -5.824  4.979   -3.856  1.00 23.80 ? 127 LEU A CG  1 
ATOM   1010 C CD1 . LEU A 1 153 ? -5.398  3.670   -3.201  1.00 16.96 ? 127 LEU A CD1 1 
ATOM   1011 C CD2 . LEU A 1 153 ? -5.975  4.814   -5.351  1.00 20.78 ? 127 LEU A CD2 1 
ATOM   1012 N N   . LEU A 1 154 ? -9.940  6.886   -2.791  1.00 14.44 ? 128 LEU A N   1 
ATOM   1013 C CA  . LEU A 1 154 ? -11.335 6.739   -2.391  1.00 11.18 ? 128 LEU A CA  1 
ATOM   1014 C C   . LEU A 1 154 ? -12.292 7.296   -3.440  1.00 17.59 ? 128 LEU A C   1 
ATOM   1015 O O   . LEU A 1 154 ? -13.421 6.807   -3.564  1.00 17.89 ? 128 LEU A O   1 
ATOM   1016 C CB  . LEU A 1 154 ? -11.567 7.420   -1.043  1.00 16.87 ? 128 LEU A CB  1 
ATOM   1017 C CG  . LEU A 1 154 ? -10.758 6.856   0.127   1.00 14.36 ? 128 LEU A CG  1 
ATOM   1018 C CD1 . LEU A 1 154 ? -11.089 7.598   1.408   1.00 21.18 ? 128 LEU A CD1 1 
ATOM   1019 C CD2 . LEU A 1 154 ? -11.026 5.372   0.274   1.00 13.21 ? 128 LEU A CD2 1 
ATOM   1020 N N   . GLN A 1 155 ? -11.874 8.316   -4.194  1.00 10.60 ? 129 GLN A N   1 
ATOM   1021 C CA  . GLN A 1 155 ? -12.681 8.881   -5.267  1.00 13.45 ? 129 GLN A CA  1 
ATOM   1022 C C   . GLN A 1 155 ? -12.316 8.299   -6.631  1.00 11.13 ? 129 GLN A C   1 
ATOM   1023 O O   . GLN A 1 155 ? -12.658 8.886   -7.663  1.00 12.83 ? 129 GLN A O   1 
ATOM   1024 C CB  . GLN A 1 155 ? -12.557 10.409  -5.268  1.00 14.79 ? 129 GLN A CB  1 
ATOM   1025 C CG  . GLN A 1 155 ? -13.138 11.039  -3.998  1.00 14.02 ? 129 GLN A CG  1 
ATOM   1026 C CD  . GLN A 1 155 ? -13.164 12.556  -4.030  1.00 18.09 ? 129 GLN A CD  1 
ATOM   1027 O OE1 . GLN A 1 155 ? -12.435 13.190  -4.794  1.00 17.50 ? 129 GLN A OE1 1 
ATOM   1028 N NE2 . GLN A 1 155 ? -14.016 13.148  -3.195  1.00 20.05 ? 129 GLN A NE2 1 
ATOM   1029 N N   . LYS A 1 156 ? -11.620 7.158   -6.647  1.00 11.14 ? 130 LYS A N   1 
ATOM   1030 C CA  . LYS A 1 156 ? -11.327 6.409   -7.872  1.00 13.67 ? 130 LYS A CA  1 
ATOM   1031 C C   . LYS A 1 156 ? -10.467 7.215   -8.845  1.00 17.81 ? 130 LYS A C   1 
ATOM   1032 O O   . LYS A 1 156 ? -10.644 7.145   -10.063 1.00 15.39 ? 130 LYS A O   1 
ATOM   1033 C CB  . LYS A 1 156 ? -12.615 5.936   -8.550  1.00 12.70 ? 130 LYS A CB  1 
ATOM   1034 C CG  . LYS A 1 156 ? -13.429 4.958   -7.710  1.00 20.97 ? 130 LYS A CG  1 
ATOM   1035 N N   . LYS A 1 157 ? -9.524  7.980   -8.309  1.00 13.70 ? 131 LYS A N   1 
ATOM   1036 C CA  . LYS A 1 157 ? -8.546  8.684   -9.121  1.00 11.79 ? 131 LYS A CA  1 
ATOM   1037 C C   . LYS A 1 157 ? -7.234  7.908   -9.127  1.00 12.80 ? 131 LYS A C   1 
ATOM   1038 O O   . LYS A 1 157 ? -6.935  7.156   -8.198  1.00 18.29 ? 131 LYS A O   1 
ATOM   1039 C CB  . LYS A 1 157 ? -8.313  10.101  -8.596  1.00 14.47 ? 131 LYS A CB  1 
ATOM   1040 C CG  . LYS A 1 157 ? -9.572  10.949  -8.510  1.00 17.91 ? 131 LYS A CG  1 
ATOM   1041 C CD  . LYS A 1 157 ? -10.293 10.967  -9.843  1.00 18.57 ? 131 LYS A CD  1 
ATOM   1042 C CE  . LYS A 1 157 ? -11.268 12.124  -9.914  1.00 28.55 ? 131 LYS A CE  1 
ATOM   1043 N NZ  . LYS A 1 157 ? -12.034 12.144  -11.189 1.00 28.59 ? 131 LYS A NZ  1 
ATOM   1044 N N   . LYS A 1 158 ? -6.461  8.071   -10.195 1.00 14.70 ? 132 LYS A N   1 
ATOM   1045 C CA  . LYS A 1 158 ? -5.145  7.458   -10.307 1.00 12.12 ? 132 LYS A CA  1 
ATOM   1046 C C   . LYS A 1 158 ? -4.076  8.533   -10.176 1.00 12.10 ? 132 LYS A C   1 
ATOM   1047 O O   . LYS A 1 158 ? -4.323  9.701   -10.485 1.00 13.69 ? 132 LYS A O   1 
ATOM   1048 C CB  . LYS A 1 158 ? -4.994  6.709   -11.635 1.00 10.18 ? 132 LYS A CB  1 
ATOM   1049 C CG  . LYS A 1 158 ? -6.138  5.747   -11.908 1.00 16.25 ? 132 LYS A CG  1 
ATOM   1050 C CD  . LYS A 1 158 ? -5.971  4.993   -13.213 1.00 22.60 ? 132 LYS A CD  1 
ATOM   1051 C CE  . LYS A 1 158 ? -7.332  4.639   -13.799 1.00 36.83 ? 132 LYS A CE  1 
ATOM   1052 N NZ  . LYS A 1 158 ? -7.261  3.571   -14.834 1.00 42.71 ? 132 LYS A NZ  1 
ATOM   1053 N N   . PHE A 1 159 ? -2.884  8.146   -9.716  1.00 11.99 ? 133 PHE A N   1 
ATOM   1054 C CA  . PHE A 1 159 ? -1.910  9.167   -9.355  1.00 10.09 ? 133 PHE A CA  1 
ATOM   1055 C C   . PHE A 1 159 ? -0.479  8.681   -9.534  1.00 10.61 ? 133 PHE A C   1 
ATOM   1056 O O   . PHE A 1 159 ? -0.195  7.480   -9.579  1.00 9.33  ? 133 PHE A O   1 
ATOM   1057 C CB  . PHE A 1 159 ? -2.108  9.627   -7.911  1.00 8.61  ? 133 PHE A CB  1 
ATOM   1058 C CG  . PHE A 1 159 ? -2.070  8.508   -6.920  1.00 8.46  ? 133 PHE A CG  1 
ATOM   1059 C CD1 . PHE A 1 159 ? -0.861  8.073   -6.396  1.00 10.06 ? 133 PHE A CD1 1 
ATOM   1060 C CD2 . PHE A 1 159 ? -3.236  7.876   -6.522  1.00 13.63 ? 133 PHE A CD2 1 
ATOM   1061 C CE1 . PHE A 1 159 ? -0.818  7.035   -5.489  1.00 15.99 ? 133 PHE A CE1 1 
ATOM   1062 C CE2 . PHE A 1 159 ? -3.196  6.837   -5.615  1.00 14.71 ? 133 PHE A CE2 1 
ATOM   1063 C CZ  . PHE A 1 159 ? -1.985  6.415   -5.101  1.00 13.18 ? 133 PHE A CZ  1 
ATOM   1064 N N   . HIS A 1 160 ? 0.416   9.660   -9.646  1.00 8.61  ? 134 HIS A N   1 
ATOM   1065 C CA  . HIS A 1 160 ? 1.861   9.474   -9.573  1.00 12.34 ? 134 HIS A CA  1 
ATOM   1066 C C   . HIS A 1 160 ? 2.381   10.371  -8.464  1.00 10.17 ? 134 HIS A C   1 
ATOM   1067 O O   . HIS A 1 160 ? 2.125   11.580  -8.474  1.00 10.57 ? 134 HIS A O   1 
ATOM   1068 C CB  . HIS A 1 160 ? 2.555   9.845   -10.887 1.00 8.53  ? 134 HIS A CB  1 
ATOM   1069 C CG  . HIS A 1 160 ? 2.465   8.794   -11.947 1.00 13.70 ? 134 HIS A CG  1 
ATOM   1070 N ND1 . HIS A 1 160 ? 3.045   8.947   -13.189 1.00 15.79 ? 134 HIS A ND1 1 
ATOM   1071 C CD2 . HIS A 1 160 ? 1.866   7.580   -11.960 1.00 12.27 ? 134 HIS A CD2 1 
ATOM   1072 C CE1 . HIS A 1 160 ? 2.808   7.874   -13.919 1.00 18.24 ? 134 HIS A CE1 1 
ATOM   1073 N NE2 . HIS A 1 160 ? 2.096   7.027   -13.196 1.00 16.71 ? 134 HIS A NE2 1 
ATOM   1074 N N   . GLY A 1 161 ? 3.125   9.796   -7.518  1.00 10.55 ? 135 GLY A N   1 
ATOM   1075 C CA  . GLY A 1 161 ? 3.593   10.546  -6.376  1.00 12.53 ? 135 GLY A CA  1 
ATOM   1076 C C   . GLY A 1 161 ? 5.072   10.329  -6.123  1.00 14.59 ? 135 GLY A C   1 
ATOM   1077 O O   . GLY A 1 161 ? 5.664   9.333   -6.538  1.00 9.17  ? 135 GLY A O   1 
ATOM   1078 N N   . TYR A 1 162 ? 5.662   11.298  -5.426  1.00 9.99  ? 136 TYR A N   1 
ATOM   1079 C CA  . TYR A 1 162 ? 7.038   11.212  -4.961  1.00 10.23 ? 136 TYR A CA  1 
ATOM   1080 C C   . TYR A 1 162 ? 7.106   11.861  -3.592  1.00 13.79 ? 136 TYR A C   1 
ATOM   1081 O O   . TYR A 1 162 ? 6.658   12.997  -3.426  1.00 12.80 ? 136 TYR A O   1 
ATOM   1082 C CB  . TYR A 1 162 ? 8.013   11.914  -5.914  1.00 11.28 ? 136 TYR A CB  1 
ATOM   1083 C CG  . TYR A 1 162 ? 9.323   12.271  -5.249  1.00 15.63 ? 136 TYR A CG  1 
ATOM   1084 C CD1 . TYR A 1 162 ? 10.305  11.317  -5.059  1.00 18.23 ? 136 TYR A CD1 1 
ATOM   1085 C CD2 . TYR A 1 162 ? 9.571   13.567  -4.803  1.00 25.61 ? 136 TYR A CD2 1 
ATOM   1086 C CE1 . TYR A 1 162 ? 11.499  11.633  -4.446  1.00 18.89 ? 136 TYR A CE1 1 
ATOM   1087 C CE2 . TYR A 1 162 ? 10.762  13.893  -4.191  1.00 31.76 ? 136 TYR A CE2 1 
ATOM   1088 C CZ  . TYR A 1 162 ? 11.724  12.922  -4.016  1.00 25.10 ? 136 TYR A CZ  1 
ATOM   1089 O OH  . TYR A 1 162 ? 12.917  13.242  -3.407  1.00 30.09 ? 136 TYR A OH  1 
ATOM   1090 N N   . PHE A 1 163 ? 7.668   11.152  -2.617  1.00 7.50  ? 137 PHE A N   1 
ATOM   1091 C CA  . PHE A 1 163 ? 7.756   11.666  -1.258  1.00 7.74  ? 137 PHE A CA  1 
ATOM   1092 C C   . PHE A 1 163 ? 9.177   11.508  -0.748  1.00 10.44 ? 137 PHE A C   1 
ATOM   1093 O O   . PHE A 1 163 ? 9.729   10.405  -0.770  1.00 7.99  ? 137 PHE A O   1 
ATOM   1094 C CB  . PHE A 1 163 ? 6.773   10.951  -0.320  1.00 10.40 ? 137 PHE A CB  1 
ATOM   1095 C CG  . PHE A 1 163 ? 5.339   11.290  -0.586  1.00 11.32 ? 137 PHE A CG  1 
ATOM   1096 C CD1 . PHE A 1 163 ? 4.627   10.622  -1.572  1.00 8.32  ? 137 PHE A CD1 1 
ATOM   1097 C CD2 . PHE A 1 163 ? 4.700   12.284  0.144   1.00 10.34 ? 137 PHE A CD2 1 
ATOM   1098 C CE1 . PHE A 1 163 ? 3.308   10.943  -1.829  1.00 9.73  ? 137 PHE A CE1 1 
ATOM   1099 C CE2 . PHE A 1 163 ? 3.380   12.610  -0.109  1.00 9.78  ? 137 PHE A CE2 1 
ATOM   1100 C CZ  . PHE A 1 163 ? 2.683   11.939  -1.092  1.00 10.98 ? 137 PHE A CZ  1 
ATOM   1101 N N   . LYS A 1 164 ? 9.753   12.610  -0.283  1.00 10.83 ? 138 LYS A N   1 
ATOM   1102 C CA  . LYS A 1 164 ? 11.083  12.635  0.308   1.00 8.90  ? 138 LYS A CA  1 
ATOM   1103 C C   . LYS A 1 164 ? 10.932  12.680  1.822   1.00 9.66  ? 138 LYS A C   1 
ATOM   1104 O O   . LYS A 1 164 ? 10.360  13.632  2.364   1.00 10.85 ? 138 LYS A O   1 
ATOM   1105 C CB  . LYS A 1 164 ? 11.875  13.844  -0.198  1.00 13.18 ? 138 LYS A CB  1 
ATOM   1106 C CG  . LYS A 1 164 ? 13.292  13.962  0.364   1.00 14.71 ? 138 LYS A CG  1 
ATOM   1107 C CD  . LYS A 1 164 ? 14.027  15.109  -0.325  1.00 14.12 ? 138 LYS A CD  1 
ATOM   1108 C CE  . LYS A 1 164 ? 15.193  15.629  0.489   1.00 34.91 ? 138 LYS A CE  1 
ATOM   1109 N NZ  . LYS A 1 164 ? 15.661  16.940  -0.046  1.00 26.57 ? 138 LYS A NZ  1 
ATOM   1110 N N   . PHE A 1 165 ? 11.433  11.648  2.494   1.00 9.06  ? 139 PHE A N   1 
ATOM   1111 C CA  . PHE A 1 165 ? 11.305  11.486  3.935   1.00 9.62  ? 139 PHE A CA  1 
ATOM   1112 C C   . PHE A 1 165 ? 12.631  11.758  4.631   1.00 9.35  ? 139 PHE A C   1 
ATOM   1113 O O   . PHE A 1 165 ? 13.695  11.399  4.119   1.00 11.45 ? 139 PHE A O   1 
ATOM   1114 C CB  . PHE A 1 165 ? 10.877  10.063  4.287   1.00 11.02 ? 139 PHE A CB  1 
ATOM   1115 C CG  . PHE A 1 165 ? 9.399   9.861   4.348   1.00 9.03  ? 139 PHE A CG  1 
ATOM   1116 C CD1 . PHE A 1 165 ? 8.682   9.596   3.193   1.00 7.31  ? 139 PHE A CD1 1 
ATOM   1117 C CD2 . PHE A 1 165 ? 8.730   9.905   5.561   1.00 9.20  ? 139 PHE A CD2 1 
ATOM   1118 C CE1 . PHE A 1 165 ? 7.317   9.379   3.242   1.00 9.63  ? 139 PHE A CE1 1 
ATOM   1119 C CE2 . PHE A 1 165 ? 7.365   9.696   5.616   1.00 12.27 ? 139 PHE A CE2 1 
ATOM   1120 C CZ  . PHE A 1 165 ? 6.659   9.433   4.449   1.00 10.76 ? 139 PHE A CZ  1 
ATOM   1121 N N   . GLN A 1 166 ? 12.554  12.338  5.824   1.00 11.09 ? 140 GLN A N   1 
ATOM   1122 C CA  . GLN A 1 166 ? 13.647  12.309  6.788   1.00 13.74 ? 140 GLN A CA  1 
ATOM   1123 C C   . GLN A 1 166 ? 13.203  11.383  7.913   1.00 15.64 ? 140 GLN A C   1 
ATOM   1124 O O   . GLN A 1 166 ? 12.250  11.691  8.633   1.00 14.31 ? 140 GLN A O   1 
ATOM   1125 C CB  . GLN A 1 166 ? 13.976  13.706  7.304   1.00 18.99 ? 140 GLN A CB  1 
ATOM   1126 C CG  . GLN A 1 166 ? 15.133  13.742  8.291   1.00 25.53 ? 140 GLN A CG  1 
ATOM   1127 C CD  . GLN A 1 166 ? 15.517  15.156  8.662   1.00 39.93 ? 140 GLN A CD  1 
ATOM   1128 O OE1 . GLN A 1 166 ? 15.054  15.694  9.670   1.00 44.13 ? 140 GLN A OE1 1 
ATOM   1129 N NE2 . GLN A 1 166 ? 16.358  15.775  7.842   1.00 44.91 ? 140 GLN A NE2 1 
ATOM   1130 N N   . GLY A 1 167 ? 13.870  10.238  8.046   1.00 15.57 ? 141 GLY A N   1 
ATOM   1131 C CA  . GLY A 1 167 ? 13.355  9.248   8.967   1.00 16.15 ? 141 GLY A CA  1 
ATOM   1132 C C   . GLY A 1 167 ? 12.027  8.707   8.465   1.00 17.66 ? 141 GLY A C   1 
ATOM   1133 O O   . GLY A 1 167 ? 11.750  8.676   7.263   1.00 20.52 ? 141 GLY A O   1 
ATOM   1134 N N   . GLN A 1 168 ? 11.177  8.294   9.399   1.00 16.57 ? 142 GLN A N   1 
ATOM   1135 C CA  . GLN A 1 168 ? 9.905   7.687   9.036   1.00 17.82 ? 142 GLN A CA  1 
ATOM   1136 C C   . GLN A 1 168 ? 8.699   8.569   9.320   1.00 18.73 ? 142 GLN A C   1 
ATOM   1137 O O   . GLN A 1 168 ? 7.568   8.137   9.070   1.00 15.22 ? 142 GLN A O   1 
ATOM   1138 C CB  . GLN A 1 168 ? 9.746   6.344   9.756   1.00 22.36 ? 142 GLN A CB  1 
ATOM   1139 C CG  . GLN A 1 168 ? 10.855  5.354   9.412   1.00 28.88 ? 142 GLN A CG  1 
ATOM   1140 C CD  . GLN A 1 168 ? 10.472  3.921   9.709   1.00 37.85 ? 142 GLN A CD  1 
ATOM   1141 O OE1 . GLN A 1 168 ? 9.464   3.657   10.365  1.00 37.30 ? 142 GLN A OE1 1 
ATOM   1142 N NE2 . GLN A 1 168 ? 11.273  2.982   9.217   1.00 47.94 ? 142 GLN A NE2 1 
ATOM   1143 N N   . ASP A 1 169 ? 8.897   9.795   9.820   1.00 11.25 ? 143 ASP A N   1 
ATOM   1144 C CA  . ASP A 1 169 ? 7.781   10.641  10.222  1.00 12.39 ? 143 ASP A CA  1 
ATOM   1145 C C   . ASP A 1 169 ? 7.700   11.983  9.510   1.00 16.31 ? 143 ASP A C   1 
ATOM   1146 O O   . ASP A 1 169 ? 6.635   12.606  9.543   1.00 21.01 ? 143 ASP A O   1 
ATOM   1147 C CB  . ASP A 1 169 ? 7.835   10.925  11.731  1.00 23.58 ? 143 ASP A CB  1 
ATOM   1148 C CG  . ASP A 1 169 ? 7.856   9.666   12.563  1.00 32.11 ? 143 ASP A CG  1 
ATOM   1149 O OD1 . ASP A 1 169 ? 7.189   8.684   12.179  1.00 20.98 ? 143 ASP A OD1 1 
ATOM   1150 O OD2 . ASP A 1 169 ? 8.547   9.664   13.604  1.00 31.57 ? 143 ASP A OD2 1 
ATOM   1151 N N   . THR A 1 170 ? 8.779   12.456  8.897   1.00 11.64 ? 144 THR A N   1 
ATOM   1152 C CA  . THR A 1 170 ? 8.851   13.817  8.380   1.00 10.52 ? 144 THR A CA  1 
ATOM   1153 C C   . THR A 1 170 ? 8.907   13.794  6.859   1.00 11.91 ? 144 THR A C   1 
ATOM   1154 O O   . THR A 1 170 ? 9.848   13.245  6.278   1.00 12.51 ? 144 THR A O   1 
ATOM   1155 C CB  . THR A 1 170 ? 10.071  14.543  8.948   1.00 14.36 ? 144 THR A CB  1 
ATOM   1156 O OG1 . THR A 1 170 ? 10.003  14.537  10.380  1.00 19.14 ? 144 THR A OG1 1 
ATOM   1157 C CG2 . THR A 1 170 ? 10.129  15.990  8.442   1.00 13.66 ? 144 THR A CG2 1 
ATOM   1158 N N   . ILE A 1 171 ? 7.909   14.396  6.220   1.00 7.42  ? 145 ILE A N   1 
ATOM   1159 C CA  . ILE A 1 171 ? 7.918   14.595  4.773   1.00 7.29  ? 145 ILE A CA  1 
ATOM   1160 C C   . ILE A 1 171 ? 8.629   15.916  4.484   1.00 9.85  ? 145 ILE A C   1 
ATOM   1161 O O   . ILE A 1 171 ? 8.113   16.992  4.799   1.00 14.83 ? 145 ILE A O   1 
ATOM   1162 C CB  . ILE A 1 171 ? 6.501   14.590  4.193   1.00 11.05 ? 145 ILE A CB  1 
ATOM   1163 C CG1 . ILE A 1 171 ? 5.840   13.224  4.405   1.00 11.65 ? 145 ILE A CG1 1 
ATOM   1164 C CG2 . ILE A 1 171 ? 6.536   14.927  2.710   1.00 11.63 ? 145 ILE A CG2 1 
ATOM   1165 C CD1 . ILE A 1 171 ? 4.368   13.201  4.021   1.00 10.78 ? 145 ILE A CD1 1 
ATOM   1166 N N   . LEU A 1 172 ? 9.815   15.834  3.879   1.00 9.82  ? 146 LEU A N   1 
ATOM   1167 C CA  . LEU A 1 172 ? 10.583  17.036  3.565   1.00 10.06 ? 146 LEU A CA  1 
ATOM   1168 C C   . LEU A 1 172 ? 10.014  17.760  2.348   1.00 14.13 ? 146 LEU A C   1 
ATOM   1169 O O   . LEU A 1 172 ? 9.874   18.991  2.356   1.00 16.51 ? 146 LEU A O   1 
ATOM   1170 C CB  . LEU A 1 172 ? 12.051  16.670  3.325   1.00 14.24 ? 146 LEU A CB  1 
ATOM   1171 C CG  . LEU A 1 172 ? 12.796  16.061  4.513   1.00 13.65 ? 146 LEU A CG  1 
ATOM   1172 C CD1 . LEU A 1 172 ? 14.239  15.744  4.154   1.00 22.64 ? 146 LEU A CD1 1 
ATOM   1173 C CD2 . LEU A 1 172 ? 12.742  17.019  5.677   1.00 12.89 ? 146 LEU A CD2 1 
ATOM   1174 N N   . ASP A 1 173 ? 9.705   17.010  1.292   1.00 12.50 ? 147 ASP A N   1 
ATOM   1175 C CA  . ASP A 1 173 ? 9.158   17.537  0.050   1.00 15.02 ? 147 ASP A CA  1 
ATOM   1176 C C   . ASP A 1 173 ? 8.351   16.430  -0.608  1.00 9.82  ? 147 ASP A C   1 
ATOM   1177 O O   . ASP A 1 173 ? 8.550   15.247  -0.325  1.00 10.22 ? 147 ASP A O   1 
ATOM   1178 C CB  . ASP A 1 173 ? 10.243  18.013  -0.930  1.00 20.52 ? 147 ASP A CB  1 
ATOM   1179 C CG  . ASP A 1 173 ? 11.216  18.988  -0.309  1.00 39.51 ? 147 ASP A CG  1 
ATOM   1180 O OD1 . ASP A 1 173 ? 12.302  18.549  0.123   1.00 32.03 ? 147 ASP A OD1 1 
ATOM   1181 O OD2 . ASP A 1 173 ? 10.900  20.198  -0.257  1.00 44.17 ? 147 ASP A OD2 1 
ATOM   1182 N N   . TYR A 1 174 ? 7.451   16.817  -1.504  1.00 13.52 ? 148 TYR A N   1 
ATOM   1183 C CA  . TYR A 1 174 ? 6.682   15.813  -2.222  1.00 12.79 ? 148 TYR A CA  1 
ATOM   1184 C C   . TYR A 1 174 ? 6.127   16.404  -3.507  1.00 14.95 ? 148 TYR A C   1 
ATOM   1185 O O   . TYR A 1 174 ? 6.075   17.625  -3.687  1.00 15.70 ? 148 TYR A O   1 
ATOM   1186 C CB  . TYR A 1 174 ? 5.544   15.262  -1.356  1.00 11.11 ? 148 TYR A CB  1 
ATOM   1187 C CG  . TYR A 1 174 ? 4.324   16.152  -1.355  1.00 9.40  ? 148 TYR A CG  1 
ATOM   1188 C CD1 . TYR A 1 174 ? 4.266   17.274  -0.540  1.00 14.11 ? 148 TYR A CD1 1 
ATOM   1189 C CD2 . TYR A 1 174 ? 3.238   15.871  -2.167  1.00 10.45 ? 148 TYR A CD2 1 
ATOM   1190 C CE1 . TYR A 1 174 ? 3.160   18.099  -0.542  1.00 17.44 ? 148 TYR A CE1 1 
ATOM   1191 C CE2 . TYR A 1 174 ? 2.127   16.690  -2.174  1.00 17.99 ? 148 TYR A CE2 1 
ATOM   1192 C CZ  . TYR A 1 174 ? 2.094   17.797  -1.356  1.00 21.82 ? 148 TYR A CZ  1 
ATOM   1193 O OH  . TYR A 1 174 ? 0.985   18.611  -1.357  1.00 20.67 ? 148 TYR A OH  1 
ATOM   1194 N N   . THR A 1 175 ? 5.731   15.506  -4.406  1.00 12.19 ? 149 THR A N   1 
ATOM   1195 C CA  . THR A 1 175 ? 4.898   15.835  -5.552  1.00 11.48 ? 149 THR A CA  1 
ATOM   1196 C C   . THR A 1 175 ? 3.820   14.771  -5.669  1.00 14.95 ? 149 THR A C   1 
ATOM   1197 O O   . THR A 1 175 ? 4.051   13.602  -5.346  1.00 13.49 ? 149 THR A O   1 
ATOM   1198 C CB  . THR A 1 175 ? 5.688   15.902  -6.871  1.00 16.65 ? 149 THR A CB  1 
ATOM   1199 O OG1 . THR A 1 175 ? 6.284   14.627  -7.139  1.00 20.85 ? 149 THR A OG1 1 
ATOM   1200 C CG2 . THR A 1 175 ? 6.771   16.977  -6.813  1.00 19.54 ? 149 THR A CG2 1 
ATOM   1201 N N   . LEU A 1 176 ? 2.641   15.177  -6.130  1.00 9.86  ? 150 LEU A N   1 
ATOM   1202 C CA  . LEU A 1 176 ? 1.540   14.236  -6.316  1.00 9.31  ? 150 LEU A CA  1 
ATOM   1203 C C   . LEU A 1 176 ? 0.629   14.789  -7.395  1.00 11.85 ? 150 LEU A C   1 
ATOM   1204 O O   . LEU A 1 176 ? 0.126   15.908  -7.263  1.00 13.45 ? 150 LEU A O   1 
ATOM   1205 C CB  . LEU A 1 176 ? 0.771   14.021  -5.011  1.00 11.70 ? 150 LEU A CB  1 
ATOM   1206 C CG  . LEU A 1 176 ? -0.394  13.025  -5.005  1.00 12.50 ? 150 LEU A CG  1 
ATOM   1207 C CD1 . LEU A 1 176 ? 0.068   11.632  -5.407  1.00 14.29 ? 150 LEU A CD1 1 
ATOM   1208 C CD2 . LEU A 1 176 ? -1.043  12.999  -3.630  1.00 14.08 ? 150 LEU A CD2 1 
ATOM   1209 N N   . ARG A 1 177 ? 0.429   14.025  -8.463  1.00 7.95  ? 151 ARG A N   1 
ATOM   1210 C CA  . ARG A 1 177 ? -0.416  14.491  -9.553  1.00 12.99 ? 151 ARG A CA  1 
ATOM   1211 C C   . ARG A 1 177 ? -1.320  13.361  -10.015 1.00 17.61 ? 151 ARG A C   1 
ATOM   1212 O O   . ARG A 1 177 ? -0.918  12.192  -10.038 1.00 12.80 ? 151 ARG A O   1 
ATOM   1213 C CB  . ARG A 1 177 ? 0.419   15.033  -10.729 1.00 18.66 ? 151 ARG A CB  1 
ATOM   1214 C CG  . ARG A 1 177 ? 0.982   13.980  -11.670 1.00 21.74 ? 151 ARG A CG  1 
ATOM   1215 C CD  . ARG A 1 177 ? 1.733   14.610  -12.845 1.00 30.47 ? 151 ARG A CD  1 
ATOM   1216 N NE  . ARG A 1 177 ? 2.045   13.626  -13.883 1.00 30.48 ? 151 ARG A NE  1 
ATOM   1217 C CZ  . ARG A 1 177 ? 3.128   12.851  -13.880 1.00 44.39 ? 151 ARG A CZ  1 
ATOM   1218 N NH1 . ARG A 1 177 ? 3.328   11.978  -14.859 1.00 24.81 ? 151 ARG A NH1 1 
ATOM   1219 N NH2 . ARG A 1 177 ? 4.014   12.950  -12.896 1.00 40.19 ? 151 ARG A NH2 1 
ATOM   1220 N N   . GLU A 1 178 ? -2.551  13.715  -10.361 1.00 10.94 ? 152 GLU A N   1 
ATOM   1221 C CA  . GLU A 1 178 ? -3.458  12.731  -10.922 1.00 10.22 ? 152 GLU A CA  1 
ATOM   1222 C C   . GLU A 1 178 ? -3.068  12.442  -12.365 1.00 14.74 ? 152 GLU A C   1 
ATOM   1223 O O   . GLU A 1 178 ? -2.511  13.293  -13.064 1.00 11.15 ? 152 GLU A O   1 
ATOM   1224 C CB  . GLU A 1 178 ? -4.905  13.221  -10.836 1.00 15.02 ? 152 GLU A CB  1 
ATOM   1225 C CG  . GLU A 1 178 ? -5.426  13.256  -9.416  1.00 15.83 ? 152 GLU A CG  1 
ATOM   1226 C CD  . GLU A 1 178 ? -6.860  13.745  -9.315  1.00 15.72 ? 152 GLU A CD  1 
ATOM   1227 O OE1 . GLU A 1 178 ? -7.590  13.705  -10.328 1.00 17.35 ? 152 GLU A OE1 1 
ATOM   1228 O OE2 . GLU A 1 178 ? -7.251  14.174  -8.212  1.00 22.27 ? 152 GLU A OE2 1 
ATOM   1229 N N   . VAL A 1 179 ? -3.331  11.209  -12.796 1.00 12.77 ? 153 VAL A N   1 
ATOM   1230 C CA  . VAL A 1 179 ? -2.982  10.752  -14.133 1.00 14.74 ? 153 VAL A CA  1 
ATOM   1231 C C   . VAL A 1 179 ? -4.132  9.913   -14.666 1.00 14.23 ? 153 VAL A C   1 
ATOM   1232 O O   . VAL A 1 179 ? -4.951  9.389   -13.910 1.00 16.39 ? 153 VAL A O   1 
ATOM   1233 C CB  . VAL A 1 179 ? -1.680  9.917   -14.162 1.00 11.64 ? 153 VAL A CB  1 
ATOM   1234 C CG1 . VAL A 1 179 ? -0.496  10.739  -13.677 1.00 17.39 ? 153 VAL A CG1 1 
ATOM   1235 C CG2 . VAL A 1 179 ? -1.852  8.625   -13.339 1.00 14.28 ? 153 VAL A CG2 1 
ATOM   1236 N N   . ASP A 1 180 ? -4.170  9.773   -15.988 1.00 16.58 ? 154 ASP A N   1 
ATOM   1237 C CA  . ASP A 1 180 ? -5.126  8.875   -16.618 1.00 21.79 ? 154 ASP A CA  1 
ATOM   1238 C C   . ASP A 1 180 ? -4.561  7.479   -16.834 1.00 17.74 ? 154 ASP A C   1 
ATOM   1239 O O   . ASP A 1 180 ? -5.327  6.508   -16.857 1.00 23.17 ? 154 ASP A O   1 
ATOM   1240 C CB  . ASP A 1 180 ? -5.593  9.463   -17.952 1.00 25.93 ? 154 ASP A CB  1 
ATOM   1241 C CG  . ASP A 1 180 ? -6.355  10.762  -17.773 1.00 28.00 ? 154 ASP A CG  1 
ATOM   1242 O OD1 . ASP A 1 180 ? -7.193  10.829  -16.850 1.00 28.12 ? 154 ASP A OD1 1 
ATOM   1243 O OD2 . ASP A 1 180 ? -6.111  11.714  -18.543 1.00 27.33 ? 154 ASP A OD2 1 
ATOM   1244 N N   . THR A 1 181 ? -3.243  7.351   -16.983 1.00 14.93 ? 155 THR A N   1 
ATOM   1245 C CA  . THR A 1 181 ? -2.590  6.060   -17.165 1.00 16.63 ? 155 THR A CA  1 
ATOM   1246 C C   . THR A 1 181 ? -1.501  5.918   -16.115 1.00 15.37 ? 155 THR A C   1 
ATOM   1247 O O   . THR A 1 181 ? -0.581  6.742   -16.060 1.00 16.18 ? 155 THR A O   1 
ATOM   1248 C CB  . THR A 1 181 ? -2.000  5.927   -18.573 1.00 16.90 ? 155 THR A CB  1 
ATOM   1249 O OG1 . THR A 1 181 ? -2.966  6.363   -19.538 1.00 22.17 ? 155 THR A OG1 1 
ATOM   1250 C CG2 . THR A 1 181 ? -1.626  4.479   -18.861 1.00 26.53 ? 155 THR A CG2 1 
ATOM   1251 N N   . VAL A 1 182 ? -1.605  4.890   -15.279 1.00 13.92 ? 156 VAL A N   1 
ATOM   1252 C CA  . VAL A 1 182 ? -0.614  4.681   -14.228 1.00 11.89 ? 156 VAL A CA  1 
ATOM   1253 C C   . VAL A 1 182 ? 0.705   4.250   -14.844 1.00 28.63 ? 156 VAL A C   1 
ATOM   1254 O O   . VAL A 1 182 ? 0.715   3.385   -15.723 1.00 18.82 ? 156 VAL A O   1 
ATOM   1255 C CB  . VAL A 1 182 ? -1.090  3.643   -13.197 1.00 17.92 ? 156 VAL A CB  1 
ATOM   1256 C CG1 . VAL A 1 182 ? -0.012  3.410   -12.153 1.00 15.62 ? 156 VAL A CG1 1 
ATOM   1257 C CG2 . VAL A 1 182 ? -2.372  4.115   -12.537 1.00 14.86 ? 156 VAL A CG2 1 
ATOM   1258 O OXT . VAL A 1 182 ? 1.775   4.746   -14.474 1.00 23.21 ? 156 VAL A OXT 1 
HETATM 1259 C C10 . BU5 B 2 .   ? 6.086   1.679   1.406   1.00 16.30 ? 201 BU5 A C10 1 
HETATM 1260 C C13 . BU5 B 2 .   ? 7.324   -0.166  0.456   1.00 18.08 ? 201 BU5 A C13 1 
HETATM 1261 C C15 . BU5 B 2 .   ? 5.274   -1.715  0.420   1.00 23.43 ? 201 BU5 A C15 1 
HETATM 1262 C C01 . BU5 B 2 .   ? 3.087   2.531   1.787   1.00 13.60 ? 201 BU5 A C01 1 
HETATM 1263 C C02 . BU5 B 2 .   ? 2.039   3.363   2.135   1.00 12.00 ? 201 BU5 A C02 1 
HETATM 1264 C C04 . BU5 B 2 .   ? 3.946   4.507   2.587   1.00 6.49  ? 201 BU5 A C04 1 
HETATM 1265 C C05 . BU5 B 2 .   ? 4.304   3.229   2.067   1.00 12.85 ? 201 BU5 A C05 1 
HETATM 1266 C C06 . BU5 B 2 .   ? 5.664   2.953   1.942   1.00 10.65 ? 201 BU5 A C06 1 
HETATM 1267 C C07 . BU5 B 2 .   ? 6.572   3.919   2.328   1.00 11.44 ? 201 BU5 A C07 1 
HETATM 1268 C C08 . BU5 B 2 .   ? 6.095   5.158   2.843   1.00 9.45  ? 201 BU5 A C08 1 
HETATM 1269 C C12 . BU5 B 2 .   ? 6.000   -0.428  0.688   1.00 21.80 ? 201 BU5 A C12 1 
HETATM 1270 N N03 . BU5 B 2 .   ? 2.534   4.578   2.626   1.00 9.52  ? 201 BU5 A N03 1 
HETATM 1271 N N09 . BU5 B 2 .   ? 4.805   5.480   2.984   1.00 11.10 ? 201 BU5 A N09 1 
HETATM 1272 N N11 . BU5 B 2 .   ? 5.288   0.644   1.239   1.00 22.05 ? 201 BU5 A N11 1 
HETATM 1273 O O16 . BU5 B 2 .   ? 6.241   -2.659  0.047   1.00 26.98 ? 201 BU5 A O16 1 
HETATM 1274 S S14 . BU5 B 2 .   ? 7.724   1.431   0.905   1.00 22.39 ? 201 BU5 A S14 1 
HETATM 1275 S S   . SO4 C 3 .   ? -6.117  -1.748  -14.949 1.00 48.55 ? 202 SO4 A S   1 
HETATM 1276 O O1  . SO4 C 3 .   ? -5.877  -0.570  -15.781 1.00 48.16 ? 202 SO4 A O1  1 
HETATM 1277 O O2  . SO4 C 3 .   ? -6.387  -2.910  -15.793 1.00 56.33 ? 202 SO4 A O2  1 
HETATM 1278 O O3  . SO4 C 3 .   ? -4.930  -2.014  -14.140 1.00 24.22 ? 202 SO4 A O3  1 
HETATM 1279 O O4  . SO4 C 3 .   ? -7.271  -1.501  -14.089 1.00 40.63 ? 202 SO4 A O4  1 
HETATM 1280 O O   . HOH D 4 .   ? 2.256   11.139  -16.578 1.00 31.82 ? 301 HOH A O   1 
HETATM 1281 O O   . HOH D 4 .   ? 1.634   -14.277 -14.554 1.00 50.15 ? 302 HOH A O   1 
HETATM 1282 O O   . HOH D 4 .   ? -10.168 -8.099  -8.491  1.00 35.09 ? 303 HOH A O   1 
HETATM 1283 O O   . HOH D 4 .   ? 5.004   -13.293 -13.075 1.00 27.92 ? 304 HOH A O   1 
HETATM 1284 O O   . HOH D 4 .   ? 8.267   -15.296 -7.059  1.00 30.63 ? 305 HOH A O   1 
HETATM 1285 O O   . HOH D 4 .   ? 8.570   0.885   -12.003 1.00 33.95 ? 306 HOH A O   1 
HETATM 1286 O O   . HOH D 4 .   ? -12.187 -5.556  -8.567  1.00 31.80 ? 307 HOH A O   1 
HETATM 1287 O O   . HOH D 4 .   ? 16.107  15.551  11.803  1.00 36.71 ? 308 HOH A O   1 
HETATM 1288 O O   . HOH D 4 .   ? 19.058  -0.024  -8.096  1.00 28.71 ? 309 HOH A O   1 
HETATM 1289 O O   . HOH D 4 .   ? -1.298  11.955  8.218   1.00 38.05 ? 310 HOH A O   1 
HETATM 1290 O O   . HOH D 4 .   ? -9.605  14.546  -7.807  1.00 16.17 ? 311 HOH A O   1 
HETATM 1291 O O   . HOH D 4 .   ? 17.671  6.240   -8.991  1.00 37.93 ? 312 HOH A O   1 
HETATM 1292 O O   . HOH D 4 .   ? -7.691  13.578  -19.048 1.00 34.37 ? 313 HOH A O   1 
HETATM 1293 O O   . HOH D 4 .   ? -11.695 8.906   6.009   1.00 30.28 ? 314 HOH A O   1 
HETATM 1294 O O   . HOH D 4 .   ? -5.778  -15.228 -8.204  1.00 23.54 ? 315 HOH A O   1 
HETATM 1295 O O   . HOH D 4 .   ? 7.505   -3.446  2.060   1.00 32.89 ? 316 HOH A O   1 
HETATM 1296 O O   . HOH D 4 .   ? -7.235  -10.281 14.278  1.00 29.03 ? 317 HOH A O   1 
HETATM 1297 O O   . HOH D 4 .   ? -18.308 4.323   -1.979  1.00 34.31 ? 318 HOH A O   1 
HETATM 1298 O O   . HOH D 4 .   ? -14.355 5.112   -1.879  1.00 28.52 ? 319 HOH A O   1 
HETATM 1299 O O   . HOH D 4 .   ? 18.448  -9.918  -7.039  1.00 41.32 ? 320 HOH A O   1 
HETATM 1300 O O   . HOH D 4 .   ? -18.291 3.566   4.906   1.00 32.14 ? 321 HOH A O   1 
HETATM 1301 O O   . HOH D 4 .   ? -8.885  1.540   -14.780 1.00 44.90 ? 322 HOH A O   1 
HETATM 1302 O O   . HOH D 4 .   ? 14.292  2.781   5.054   1.00 41.27 ? 323 HOH A O   1 
HETATM 1303 O O   . HOH D 4 .   ? 0.415   3.481   5.917   1.00 11.63 ? 324 HOH A O   1 
HETATM 1304 O O   . HOH D 4 .   ? 10.984  11.690  10.919  1.00 21.97 ? 325 HOH A O   1 
HETATM 1305 O O   . HOH D 4 .   ? -5.392  1.551   -14.330 1.00 23.69 ? 326 HOH A O   1 
HETATM 1306 O O   . HOH D 4 .   ? -15.434 -13.315 -0.951  1.00 34.30 ? 327 HOH A O   1 
HETATM 1307 O O   . HOH D 4 .   ? -5.883  -3.936  1.587   1.00 9.41  ? 328 HOH A O   1 
HETATM 1308 O O   . HOH D 4 .   ? 1.858   -16.115 5.256   1.00 25.38 ? 329 HOH A O   1 
HETATM 1309 O O   . HOH D 4 .   ? 1.178   -10.332 -14.665 1.00 23.61 ? 330 HOH A O   1 
HETATM 1310 O O   . HOH D 4 .   ? 4.767   -14.996 -8.556  1.00 29.41 ? 331 HOH A O   1 
HETATM 1311 O O   . HOH D 4 .   ? 4.168   -16.973 -1.830  1.00 27.18 ? 332 HOH A O   1 
HETATM 1312 O O   . HOH D 4 .   ? -4.036  -4.493  -14.037 1.00 34.01 ? 333 HOH A O   1 
HETATM 1313 O O   . HOH D 4 .   ? 18.736  9.112   -1.024  1.00 23.06 ? 334 HOH A O   1 
HETATM 1314 O O   . HOH D 4 .   ? -1.864  -12.638 7.816   1.00 28.14 ? 335 HOH A O   1 
HETATM 1315 O O   . HOH D 4 .   ? -10.278 9.210   9.002   1.00 21.41 ? 336 HOH A O   1 
HETATM 1316 O O   . HOH D 4 .   ? -5.624  2.977   14.830  1.00 23.53 ? 337 HOH A O   1 
HETATM 1317 O O   . HOH D 4 .   ? 0.301   13.682  6.627   1.00 17.57 ? 338 HOH A O   1 
HETATM 1318 O O   . HOH D 4 .   ? 0.260   -10.508 18.028  1.00 42.65 ? 339 HOH A O   1 
HETATM 1319 O O   . HOH D 4 .   ? -18.299 -4.503  1.203   1.00 34.85 ? 340 HOH A O   1 
HETATM 1320 O O   . HOH D 4 .   ? -2.204  8.046   -21.464 1.00 18.91 ? 341 HOH A O   1 
HETATM 1321 O O   . HOH D 4 .   ? 15.581  -16.332 -9.302  1.00 14.56 ? 342 HOH A O   1 
HETATM 1322 O O   . HOH D 4 .   ? 11.998  -5.810  -5.447  1.00 17.26 ? 343 HOH A O   1 
HETATM 1323 O O   . HOH D 4 .   ? -3.760  -13.029 -3.617  1.00 12.40 ? 344 HOH A O   1 
HETATM 1324 O O   . HOH D 4 .   ? 0.615   10.432  13.517  1.00 35.25 ? 345 HOH A O   1 
HETATM 1325 O O   . HOH D 4 .   ? -14.401 1.590   11.139  1.00 21.23 ? 346 HOH A O   1 
HETATM 1326 O O   . HOH D 4 .   ? -9.429  3.406   -6.110  1.00 20.95 ? 347 HOH A O   1 
HETATM 1327 O O   . HOH D 4 .   ? -10.438 3.917   13.008  1.00 24.27 ? 348 HOH A O   1 
HETATM 1328 O O   . HOH D 4 .   ? -12.170 -16.476 -8.241  1.00 33.56 ? 349 HOH A O   1 
HETATM 1329 O O   . HOH D 4 .   ? -1.620  9.349   7.133   1.00 11.39 ? 350 HOH A O   1 
HETATM 1330 O O   . HOH D 4 .   ? 14.838  -0.657  -1.226  1.00 26.51 ? 351 HOH A O   1 
HETATM 1331 O O   . HOH D 4 .   ? 16.039  9.131   6.435   1.00 20.54 ? 352 HOH A O   1 
HETATM 1332 O O   . HOH D 4 .   ? -4.092  -15.989 14.349  1.00 24.71 ? 353 HOH A O   1 
HETATM 1333 O O   . HOH D 4 .   ? -15.814 -1.906  8.732   1.00 26.55 ? 354 HOH A O   1 
HETATM 1334 O O   . HOH D 4 .   ? -7.258  9.730   -12.492 1.00 14.42 ? 355 HOH A O   1 
HETATM 1335 O O   . HOH D 4 .   ? -16.572 -4.613  7.796   1.00 24.69 ? 356 HOH A O   1 
HETATM 1336 O O   . HOH D 4 .   ? 11.871  0.421   -10.028 1.00 29.11 ? 357 HOH A O   1 
HETATM 1337 O O   . HOH D 4 .   ? 3.935   -5.333  4.340   1.00 36.89 ? 358 HOH A O   1 
HETATM 1338 O O   . HOH D 4 .   ? -13.263 -1.081  12.252  1.00 27.42 ? 359 HOH A O   1 
HETATM 1339 O O   . HOH D 4 .   ? 0.243   9.205   -16.961 1.00 29.24 ? 360 HOH A O   1 
HETATM 1340 O O   . HOH D 4 .   ? 7.883   6.439   13.607  1.00 45.41 ? 361 HOH A O   1 
HETATM 1341 O O   . HOH D 4 .   ? -1.064  1.783   -17.076 1.00 32.69 ? 362 HOH A O   1 
HETATM 1342 O O   . HOH D 4 .   ? 6.259   -6.474  -14.249 1.00 30.68 ? 363 HOH A O   1 
HETATM 1343 O O   . HOH D 4 .   ? 6.446   -7.361  2.909   1.00 35.01 ? 364 HOH A O   1 
HETATM 1344 O O   . HOH D 4 .   ? -10.502 -14.037 -6.049  1.00 19.95 ? 365 HOH A O   1 
HETATM 1345 O O   . HOH D 4 .   ? -7.850  12.459  -12.782 1.00 24.28 ? 366 HOH A O   1 
HETATM 1346 O O   . HOH D 4 .   ? 10.133  -8.449  15.951  1.00 33.98 ? 367 HOH A O   1 
HETATM 1347 O O   . HOH D 4 .   ? -15.885 -9.152  0.739   1.00 27.21 ? 368 HOH A O   1 
HETATM 1348 O O   . HOH D 4 .   ? 1.904   -0.454  -11.989 1.00 22.13 ? 369 HOH A O   1 
HETATM 1349 O O   . HOH D 4 .   ? 0.114   -4.042  6.098   1.00 27.94 ? 370 HOH A O   1 
HETATM 1350 O O   . HOH D 4 .   ? 6.241   9.105   -9.243  1.00 29.83 ? 371 HOH A O   1 
HETATM 1351 O O   . HOH D 4 .   ? -18.720 -1.973  1.576   1.00 30.04 ? 372 HOH A O   1 
HETATM 1352 O O   . HOH D 4 .   ? 5.412   -7.785  -4.602  1.00 22.04 ? 373 HOH A O   1 
HETATM 1353 O O   . HOH D 4 .   ? -11.639 9.891   -12.789 1.00 29.59 ? 374 HOH A O   1 
HETATM 1354 O O   . HOH D 4 .   ? 2.806   -0.642  7.839   1.00 18.36 ? 375 HOH A O   1 
HETATM 1355 O O   . HOH D 4 .   ? 1.036   -6.484  -2.924  1.00 22.96 ? 376 HOH A O   1 
HETATM 1356 O O   . HOH D 4 .   ? 3.532   -15.831 8.980   1.00 26.40 ? 377 HOH A O   1 
HETATM 1357 O O   . HOH D 4 .   ? 1.079   -14.365 -8.009  1.00 19.28 ? 378 HOH A O   1 
HETATM 1358 O O   . HOH D 4 .   ? 5.636   -7.965  10.320  1.00 23.09 ? 379 HOH A O   1 
HETATM 1359 O O   . HOH D 4 .   ? 0.765   9.839   10.158  1.00 29.93 ? 380 HOH A O   1 
HETATM 1360 O O   . HOH D 4 .   ? -2.059  2.583   2.887   1.00 17.56 ? 381 HOH A O   1 
HETATM 1361 O O   . HOH D 4 .   ? 12.881  -9.364  -4.319  1.00 31.52 ? 382 HOH A O   1 
HETATM 1362 O O   . HOH D 4 .   ? 15.957  6.440   -0.564  1.00 13.89 ? 383 HOH A O   1 
HETATM 1363 O O   . HOH D 4 .   ? 1.201   -2.706  7.562   1.00 23.99 ? 384 HOH A O   1 
HETATM 1364 O O   . HOH D 4 .   ? -0.781  -5.852  16.255  1.00 21.37 ? 385 HOH A O   1 
HETATM 1365 O O   . HOH D 4 .   ? -12.772 -18.258 4.551   1.00 32.22 ? 386 HOH A O   1 
HETATM 1366 O O   . HOH D 4 .   ? 16.673  -2.688  -7.916  1.00 24.23 ? 387 HOH A O   1 
HETATM 1367 O O   . HOH D 4 .   ? -7.575  -16.848 4.374   1.00 32.44 ? 388 HOH A O   1 
HETATM 1368 O O   . HOH D 4 .   ? 15.579  1.830   0.275   1.00 25.89 ? 389 HOH A O   1 
HETATM 1369 O O   . HOH D 4 .   ? -3.662  3.006   -15.933 1.00 24.15 ? 390 HOH A O   1 
HETATM 1370 O O   . HOH D 4 .   ? 8.878   -7.857  0.844   1.00 24.42 ? 391 HOH A O   1 
HETATM 1371 O O   . HOH D 4 .   ? 4.499   14.293  8.638   1.00 33.66 ? 392 HOH A O   1 
HETATM 1372 O O   . HOH D 4 .   ? -11.700 11.301  -0.826  1.00 18.05 ? 393 HOH A O   1 
HETATM 1373 O O   . HOH D 4 .   ? -6.522  9.036   12.484  1.00 28.70 ? 394 HOH A O   1 
HETATM 1374 O O   . HOH D 4 .   ? 18.528  5.137   -12.176 1.00 31.57 ? 395 HOH A O   1 
HETATM 1375 O O   . HOH D 4 .   ? 12.267  15.917  11.494  1.00 38.01 ? 396 HOH A O   1 
HETATM 1376 O O   . HOH D 4 .   ? 0.095   0.308   -10.150 1.00 16.61 ? 397 HOH A O   1 
HETATM 1377 O O   . HOH D 4 .   ? 8.477   14.354  -8.992  1.00 33.25 ? 398 HOH A O   1 
HETATM 1378 O O   . HOH D 4 .   ? 4.484   13.186  -8.904  1.00 26.52 ? 399 HOH A O   1 
HETATM 1379 O O   . HOH D 4 .   ? 22.658  4.100   3.876   1.00 24.63 ? 400 HOH A O   1 
HETATM 1380 O O   . HOH D 4 .   ? -8.338  4.621   -8.212  1.00 17.97 ? 401 HOH A O   1 
HETATM 1381 O O   . HOH D 4 .   ? 6.351   20.497  -3.398  1.00 36.51 ? 402 HOH A O   1 
HETATM 1382 O O   . HOH D 4 .   ? 9.035   -7.487  7.307   1.00 28.63 ? 403 HOH A O   1 
HETATM 1383 O O   . HOH D 4 .   ? -15.870 -13.733 -3.095  1.00 30.62 ? 404 HOH A O   1 
HETATM 1384 O O   . HOH D 4 .   ? -3.362  16.490  -10.081 1.00 19.98 ? 405 HOH A O   1 
HETATM 1385 O O   . HOH D 4 .   ? -7.080  -15.152 11.762  1.00 28.63 ? 406 HOH A O   1 
HETATM 1386 O O   . HOH D 4 .   ? -11.435 -1.032  -5.428  1.00 19.53 ? 407 HOH A O   1 
HETATM 1387 O O   . HOH D 4 .   ? 7.820   3.156   -13.746 1.00 37.31 ? 408 HOH A O   1 
HETATM 1388 O O   . HOH D 4 .   ? -15.076 -9.834  -2.272  1.00 29.25 ? 409 HOH A O   1 
HETATM 1389 O O   . HOH D 4 .   ? -1.043  -4.551  -14.257 1.00 31.68 ? 410 HOH A O   1 
HETATM 1390 O O   . HOH D 4 .   ? -16.082 7.633   -4.516  1.00 38.02 ? 411 HOH A O   1 
HETATM 1391 O O   . HOH D 4 .   ? -2.022  9.724   -18.253 1.00 24.19 ? 412 HOH A O   1 
HETATM 1392 O O   . HOH D 4 .   ? 2.816   -6.241  -13.931 1.00 17.57 ? 413 HOH A O   1 
HETATM 1393 O O   . HOH D 4 .   ? 5.636   5.988   -14.743 1.00 41.86 ? 414 HOH A O   1 
HETATM 1394 O O   . HOH D 4 .   ? 13.884  -12.997 -6.224  1.00 21.42 ? 415 HOH A O   1 
HETATM 1395 O O   . HOH D 4 .   ? 8.260   21.396  1.703   1.00 34.47 ? 416 HOH A O   1 
HETATM 1396 O O   . HOH D 4 .   ? -7.602  4.891   -17.882 1.00 34.11 ? 417 HOH A O   1 
HETATM 1397 O O   . HOH D 4 .   ? -4.700  15.027  -14.129 1.00 36.21 ? 418 HOH A O   1 
HETATM 1398 O O   . HOH D 4 .   ? 11.980  8.011   12.266  1.00 21.42 ? 419 HOH A O   1 
HETATM 1399 O O   . HOH D 4 .   ? -14.470 -16.478 -0.051  1.00 28.80 ? 420 HOH A O   1 
HETATM 1400 O O   . HOH D 4 .   ? -15.031 -0.333  -4.545  1.00 38.64 ? 421 HOH A O   1 
HETATM 1401 O O   . HOH D 4 .   ? -15.050 2.521   -2.469  1.00 29.03 ? 422 HOH A O   1 
HETATM 1402 O O   . HOH D 4 .   ? -16.168 11.627  -1.744  1.00 17.92 ? 423 HOH A O   1 
HETATM 1403 O O   . HOH D 4 .   ? 20.194  11.202  0.524   1.00 23.37 ? 424 HOH A O   1 
HETATM 1404 O O   . HOH D 4 .   ? 18.740  1.940   0.373   1.00 17.10 ? 425 HOH A O   1 
HETATM 1405 O O   . HOH D 4 .   ? -10.312 -8.371  11.822  1.00 28.74 ? 426 HOH A O   1 
HETATM 1406 O O   . HOH D 4 .   ? 2.447   -3.649  4.852   1.00 31.73 ? 427 HOH A O   1 
HETATM 1407 O O   . HOH D 4 .   ? 7.944   -16.014 -1.767  1.00 35.56 ? 428 HOH A O   1 
HETATM 1408 O O   . HOH D 4 .   ? 9.610   -10.836 -2.057  1.00 23.95 ? 429 HOH A O   1 
HETATM 1409 O O   . HOH D 4 .   ? 7.317   19.868  -1.390  1.00 28.90 ? 430 HOH A O   1 
HETATM 1410 O O   . HOH D 4 .   ? -10.412 -18.230 4.593   1.00 33.68 ? 431 HOH A O   1 
HETATM 1411 O O   . HOH D 4 .   ? 13.063  -16.237 -8.615  1.00 33.08 ? 432 HOH A O   1 
HETATM 1412 O O   . HOH D 4 .   ? -8.813  8.315   -16.134 1.00 28.61 ? 433 HOH A O   1 
HETATM 1413 O O   . HOH D 4 .   ? -6.335  13.027  -14.857 1.00 39.72 ? 434 HOH A O   1 
HETATM 1414 O O   . HOH D 4 .   ? -3.579  12.784  9.203   1.00 27.14 ? 435 HOH A O   1 
HETATM 1415 O O   . HOH D 4 .   ? -14.820 -17.844 -2.325  1.00 36.14 ? 436 HOH A O   1 
HETATM 1416 O O   . HOH D 4 .   ? -6.594  13.136  4.589   1.00 31.37 ? 437 HOH A O   1 
HETATM 1417 O O   . HOH D 4 .   ? -18.006 5.602   5.973   1.00 27.08 ? 438 HOH A O   1 
HETATM 1418 O O   . HOH D 4 .   ? 16.800  -2.467  -1.553  1.00 32.87 ? 439 HOH A O   1 
HETATM 1419 O O   . HOH D 4 .   ? 13.016  3.735   6.729   1.00 35.00 ? 440 HOH A O   1 
HETATM 1420 O O   . HOH D 4 .   ? 15.673  6.636   7.274   1.00 31.79 ? 441 HOH A O   1 
HETATM 1421 O O   . HOH D 4 .   ? 2.202   -14.181 7.438   1.00 29.07 ? 442 HOH A O   1 
HETATM 1422 O O   . HOH D 4 .   ? -2.490  12.054  -17.348 1.00 32.77 ? 443 HOH A O   1 
HETATM 1423 O O   . HOH D 4 .   ? 12.296  -2.524  2.613   1.00 28.49 ? 444 HOH A O   1 
HETATM 1424 O O   . HOH D 4 .   ? 18.674  -13.672 -5.428  1.00 29.96 ? 445 HOH A O   1 
HETATM 1425 O O   . HOH D 4 .   ? 6.995   -15.705 9.707   1.00 33.38 ? 446 HOH A O   1 
HETATM 1426 O O   . HOH D 4 .   ? -5.607  3.432   -17.802 1.00 33.67 ? 447 HOH A O   1 
HETATM 1427 O O   . HOH D 4 .   ? -4.573  11.467  -21.388 1.00 38.86 ? 448 HOH A O   1 
HETATM 1428 O O   . HOH D 4 .   ? 2.292   0.839   -14.400 1.00 32.72 ? 449 HOH A O   1 
HETATM 1429 O O   . HOH D 4 .   ? 17.992  -9.045  -9.095  1.00 41.58 ? 450 HOH A O   1 
HETATM 1430 O O   . HOH D 4 .   ? -14.345 -10.647 6.034   1.00 23.60 ? 451 HOH A O   1 
HETATM 1431 O O   . HOH D 4 .   ? -15.926 8.682   -6.990  1.00 34.18 ? 452 HOH A O   1 
HETATM 1432 O O   . HOH D 4 .   ? -8.723  -15.260 -8.743  1.00 26.27 ? 453 HOH A O   1 
HETATM 1433 O O   . HOH D 4 .   ? 3.688   -12.576 16.673  1.00 35.00 ? 454 HOH A O   1 
HETATM 1434 O O   . HOH D 4 .   ? -6.168  -13.509 -12.061 1.00 35.53 ? 455 HOH A O   1 
HETATM 1435 O O   . HOH D 4 .   ? 18.248  -3.242  -6.440  1.00 33.88 ? 456 HOH A O   1 
HETATM 1436 O O   . HOH D 4 .   ? -11.423 -2.335  -7.761  1.00 29.39 ? 457 HOH A O   1 
HETATM 1437 O O   . HOH D 4 .   ? 6.111   11.663  -10.451 1.00 33.68 ? 458 HOH A O   1 
HETATM 1438 O O   . HOH D 4 .   ? -16.300 9.388   5.111   1.00 29.65 ? 459 HOH A O   1 
HETATM 1439 O O   . HOH D 4 .   ? -4.323  -15.186 -10.992 1.00 37.57 ? 460 HOH A O   1 
HETATM 1440 O O   . HOH D 4 .   ? 4.979   13.308  -17.706 1.00 37.88 ? 461 HOH A O   1 
HETATM 1441 O O   . HOH D 4 .   ? 6.754   -5.194  3.618   1.00 37.32 ? 462 HOH A O   1 
HETATM 1442 O O   . HOH D 4 .   ? 18.828  15.755  1.200   1.00 33.98 ? 463 HOH A O   1 
HETATM 1443 O O   . HOH D 4 .   ? 6.086   14.049  12.804  1.00 35.40 ? 464 HOH A O   1 
HETATM 1444 O O   . HOH D 4 .   ? 7.066   -10.482 10.045  1.00 36.95 ? 465 HOH A O   1 
HETATM 1445 O O   . HOH D 4 .   ? -7.379  13.950  -21.229 1.00 38.52 ? 466 HOH A O   1 
HETATM 1446 O O   . HOH D 4 .   ? -16.136 -0.918  10.927  1.00 33.29 ? 467 HOH A O   1 
HETATM 1447 O O   . HOH D 4 .   ? 22.798  0.909   -3.499  1.00 28.75 ? 468 HOH A O   1 
HETATM 1448 O O   . HOH D 4 .   ? 4.163   2.703   16.584  1.00 32.44 ? 469 HOH A O   1 
HETATM 1449 O O   . HOH D 4 .   ? -4.184  14.248  -16.386 1.00 41.38 ? 470 HOH A O   1 
HETATM 1450 O O   . HOH D 4 .   ? -9.072  3.699   -10.735 1.00 32.15 ? 471 HOH A O   1 
HETATM 1451 O O   . HOH D 4 .   ? -6.437  15.983  1.894   1.00 46.51 ? 472 HOH A O   1 
HETATM 1452 O O   . HOH D 4 .   ? 5.120   3.852   14.590  1.00 35.84 ? 473 HOH A O   1 
HETATM 1453 O O   . HOH D 4 .   ? -9.644  8.735   -13.637 1.00 23.53 ? 474 HOH A O   1 
HETATM 1454 O O   . HOH D 4 .   ? 5.316   -17.536 2.118   1.00 40.81 ? 475 HOH A O   1 
HETATM 1455 O O   . HOH D 4 .   ? -13.785 1.672   15.354  1.00 27.19 ? 476 HOH A O   1 
HETATM 1456 O O   . HOH D 4 .   ? -14.289 10.227  -0.307  1.00 20.69 ? 477 HOH A O   1 
HETATM 1457 O O   . HOH D 4 .   ? 6.288   20.196  0.667   1.00 29.06 ? 478 HOH A O   1 
HETATM 1458 O O   . HOH D 4 .   ? -0.758  -7.623  18.401  1.00 21.99 ? 479 HOH A O   1 
HETATM 1459 O O   . HOH D 4 .   ? 12.383  -10.690 -2.259  1.00 31.92 ? 480 HOH A O   1 
HETATM 1460 O O   . HOH D 4 .   ? 1.334   -3.804  -13.389 1.00 21.23 ? 481 HOH A O   1 
HETATM 1461 O O   . HOH D 4 .   ? -12.633 1.830   12.928  1.00 27.74 ? 482 HOH A O   1 
HETATM 1462 O O   . HOH D 4 .   ? -11.678 -9.948  9.557   1.00 33.23 ? 483 HOH A O   1 
HETATM 1463 O O   . HOH D 4 .   ? -17.156 10.156  -3.377  1.00 37.17 ? 484 HOH A O   1 
HETATM 1464 O O   . HOH D 4 .   ? -11.393 1.555   -6.272  1.00 28.29 ? 485 HOH A O   1 
HETATM 1465 O O   . HOH D 4 .   ? -14.953 7.969   0.472   1.00 29.41 ? 486 HOH A O   1 
HETATM 1466 O O   . HOH D 4 .   ? 1.118   -4.083  16.684  1.00 34.19 ? 487 HOH A O   1 
HETATM 1467 O O   . HOH D 4 .   ? 20.824  2.321   3.484   1.00 36.58 ? 488 HOH A O   1 
HETATM 1468 O O   . HOH D 4 .   ? 5.062   -18.150 -3.835  1.00 41.11 ? 489 HOH A O   1 
HETATM 1469 O O   . HOH D 4 .   ? 20.167  -0.154  0.032   1.00 33.10 ? 490 HOH A O   1 
HETATM 1470 O O   . HOH D 4 .   ? 3.973   -17.540 -6.032  1.00 36.10 ? 491 HOH A O   1 
# 
